data_3PE4
#
_entry.id   3PE4
#
_cell.length_a   98.6
_cell.length_b   136.7
_cell.length_c   153.5
_cell.angle_alpha   90.0
_cell.angle_beta   102.9
_cell.angle_gamma   90.0
#
_symmetry.space_group_name_H-M   'I 1 2 1'
#
loop_
_entity.id
_entity.type
_entity.pdbx_description
1 polymer 'UDP-N-acetylglucosamine--peptide N-acetylglucosaminyltransferase 110 kDa subunit'
2 polymer 'Casein kinase II subunit alpha'
3 non-polymer "URIDINE-5'-DIPHOSPHATE"
4 non-polymer 'SULFATE ION'
5 water water
#
loop_
_entity_poly.entity_id
_entity_poly.type
_entity_poly.pdbx_seq_one_letter_code
_entity_poly.pdbx_strand_id
1 'polypeptide(L)'
;GPGSCPTHADSLNNLANIKREQGNIEEAVRLYRKALEVFPEFAAAHSNLASVLQQQGKLQEALMHYKEAIRISPTFADAY
SNMGNTLKEMQDVQGALQCYTRAIQINPAFADAHSNLASIHKDSGNIPEAIASYRTALKLKPDFPDAYCNLAHCLQIVCD
WTDYDERMKKLVSIVADQLEKNRLPSVHPHHSMLYPLSHGFRKAIAERHGNLCLDKINVLHKPPYEHPKDLKLSDGRLRV
GYVSSDFGNHPTSHLMQSIPGMHNPDKFEVFCYALSPDDGTNFRVKVMAEANHFIDLSQIPCNGKAADRIHQDGIHILVN
MNGYTKGARNELFALRPAPIQAMWLGYPGTSGALFMDYIITDQETSPAEVAEQYSEKLAYMPHTFFIGDHANMFPHLKKK
AVIDFKSNGHIYDNRIVLNGIDLKAFLDSLPDVKIVKMKCPDGGDNADSSNTALNMPVIPMNTIAEAVIEMINRGQIQIT
INGFSISNGLATTQINNKAATGEEVPRTIIVTTRSQYGLPEDAIVYCNFNQLYKIDPSTLQMWANILKRVPNSVLWLLRF
PAVGEPNIQQYAQNMGLPQNRIIFSPVAPKEEHVRRGQLADVCLDTPLCNGHTTGMDVLWAGTPMVTMPGETLASRVAAS
QLTCLGCLELIAKNRQEYEDIAVKLGTDLEYLKKVRGKVWKQRISSPLFNTKQYTMELERLYLQMWEHYAAGNKPDHMIK
PVE
;
A,C
2 'polypeptide(L)' YPGGSTPVSSANMM B,D
#
# COMPACT_ATOMS: atom_id res chain seq x y z
N THR A 7 48.04 -1.60 -47.35
CA THR A 7 48.68 -2.91 -47.34
C THR A 7 49.25 -3.24 -45.97
N HIS A 8 49.90 -2.27 -45.34
CA HIS A 8 50.32 -2.41 -43.95
C HIS A 8 49.09 -2.33 -43.06
N ALA A 9 48.21 -1.40 -43.39
CA ALA A 9 46.92 -1.34 -42.70
C ALA A 9 46.18 -2.65 -42.87
N ASP A 10 46.34 -3.27 -44.04
CA ASP A 10 45.74 -4.57 -44.33
C ASP A 10 46.26 -5.66 -43.40
N SER A 11 47.58 -5.71 -43.25
N SER A 11 47.58 -5.71 -43.25
CA SER A 11 48.20 -6.73 -42.40
CA SER A 11 48.21 -6.72 -42.40
C SER A 11 47.85 -6.50 -40.92
C SER A 11 47.85 -6.49 -40.94
N LEU A 12 47.72 -5.23 -40.55
CA LEU A 12 47.33 -4.90 -39.19
C LEU A 12 45.92 -5.40 -38.91
N ASN A 13 45.00 -5.18 -39.85
CA ASN A 13 43.62 -5.65 -39.71
C ASN A 13 43.60 -7.18 -39.63
N ASN A 14 44.44 -7.82 -40.44
CA ASN A 14 44.58 -9.27 -40.38
C ASN A 14 45.02 -9.76 -39.00
N LEU A 15 46.05 -9.11 -38.45
CA LEU A 15 46.56 -9.47 -37.13
C LEU A 15 45.49 -9.30 -36.06
N ALA A 16 44.78 -8.18 -36.12
CA ALA A 16 43.65 -7.93 -35.23
C ALA A 16 42.66 -9.10 -35.25
N ASN A 17 42.23 -9.48 -36.45
CA ASN A 17 41.32 -10.61 -36.63
C ASN A 17 41.84 -11.87 -35.94
N ILE A 18 43.12 -12.16 -36.11
CA ILE A 18 43.75 -13.32 -35.49
C ILE A 18 43.65 -13.28 -33.96
N LYS A 19 44.16 -12.21 -33.37
CA LYS A 19 44.10 -12.03 -31.92
C LYS A 19 42.65 -12.07 -31.43
N ARG A 20 41.73 -11.60 -32.26
CA ARG A 20 40.32 -11.66 -31.94
C ARG A 20 39.85 -13.11 -31.83
N GLU A 21 40.14 -13.90 -32.86
CA GLU A 21 39.76 -15.30 -32.87
C GLU A 21 40.38 -16.05 -31.70
N GLN A 22 41.60 -15.68 -31.33
CA GLN A 22 42.28 -16.25 -30.18
C GLN A 22 41.48 -16.00 -28.90
N GLY A 23 40.67 -14.94 -28.92
CA GLY A 23 39.87 -14.57 -27.76
C GLY A 23 40.43 -13.35 -27.07
N ASN A 24 41.61 -12.92 -27.50
CA ASN A 24 42.25 -11.73 -26.95
C ASN A 24 41.66 -10.46 -27.57
N ILE A 25 40.59 -9.96 -26.97
CA ILE A 25 39.84 -8.86 -27.56
C ILE A 25 40.55 -7.51 -27.40
N GLU A 26 41.25 -7.32 -26.28
CA GLU A 26 41.97 -6.08 -26.06
C GLU A 26 43.10 -5.85 -27.07
N GLU A 27 43.88 -6.90 -27.33
CA GLU A 27 44.92 -6.82 -28.36
C GLU A 27 44.34 -6.59 -29.75
N ALA A 28 43.25 -7.29 -30.05
CA ALA A 28 42.53 -7.09 -31.31
C ALA A 28 42.15 -5.63 -31.50
N VAL A 29 41.56 -5.03 -30.47
CA VAL A 29 41.18 -3.62 -30.51
C VAL A 29 42.40 -2.73 -30.74
N ARG A 30 43.47 -3.00 -29.99
CA ARG A 30 44.69 -2.24 -30.15
C ARG A 30 45.17 -2.31 -31.59
N LEU A 31 45.01 -3.48 -32.21
CA LEU A 31 45.52 -3.69 -33.57
C LEU A 31 44.64 -3.06 -34.65
N TYR A 32 43.32 -3.14 -34.45
CA TYR A 32 42.41 -2.45 -35.36
C TYR A 32 42.69 -0.96 -35.34
N ARG A 33 42.90 -0.42 -34.14
CA ARG A 33 43.18 1.01 -34.00
C ARG A 33 44.48 1.39 -34.70
N LYS A 34 45.49 0.53 -34.59
CA LYS A 34 46.75 0.74 -35.30
C LYS A 34 46.52 0.78 -36.82
N ALA A 35 45.63 -0.08 -37.30
CA ALA A 35 45.27 -0.11 -38.72
C ALA A 35 44.66 1.22 -39.15
N LEU A 36 43.78 1.74 -38.29
CA LEU A 36 43.13 3.03 -38.57
C LEU A 36 44.15 4.16 -38.52
N GLU A 37 45.07 4.07 -37.58
CA GLU A 37 46.12 5.07 -37.44
C GLU A 37 46.95 5.16 -38.73
N VAL A 38 47.25 4.00 -39.30
CA VAL A 38 48.02 3.91 -40.55
C VAL A 38 47.20 4.34 -41.76
N PHE A 39 45.94 3.94 -41.80
CA PHE A 39 45.07 4.19 -42.93
C PHE A 39 43.64 4.45 -42.45
N PRO A 40 43.33 5.73 -42.15
CA PRO A 40 42.08 6.16 -41.50
C PRO A 40 40.78 5.83 -42.25
N GLU A 41 40.82 5.76 -43.58
CA GLU A 41 39.63 5.48 -44.37
C GLU A 41 39.50 3.99 -44.72
N PHE A 42 39.64 3.13 -43.71
CA PHE A 42 39.63 1.68 -43.92
C PHE A 42 38.28 1.12 -43.47
N ALA A 43 37.34 1.00 -44.41
CA ALA A 43 35.98 0.57 -44.10
C ALA A 43 35.91 -0.75 -43.33
N ALA A 44 36.73 -1.71 -43.72
CA ALA A 44 36.69 -3.04 -43.08
C ALA A 44 37.22 -3.01 -41.65
N ALA A 45 38.24 -2.21 -41.41
CA ALA A 45 38.80 -2.11 -40.06
C ALA A 45 37.75 -1.49 -39.14
N HIS A 46 37.06 -0.48 -39.64
CA HIS A 46 36.01 0.16 -38.86
C HIS A 46 34.88 -0.80 -38.58
N SER A 47 34.43 -1.51 -39.61
CA SER A 47 33.32 -2.45 -39.44
C SER A 47 33.70 -3.59 -38.50
N ASN A 48 34.96 -4.02 -38.53
CA ASN A 48 35.45 -5.06 -37.63
C ASN A 48 35.55 -4.59 -36.19
N LEU A 49 36.15 -3.42 -35.99
CA LEU A 49 36.26 -2.85 -34.66
C LEU A 49 34.88 -2.61 -34.08
N ALA A 50 33.94 -2.18 -34.92
CA ALA A 50 32.56 -1.94 -34.47
C ALA A 50 31.91 -3.21 -33.94
N SER A 51 32.04 -4.29 -34.71
CA SER A 51 31.48 -5.58 -34.32
C SER A 51 32.05 -6.02 -32.96
N VAL A 52 33.37 -5.88 -32.81
CA VAL A 52 34.06 -6.27 -31.59
C VAL A 52 33.58 -5.46 -30.39
N LEU A 53 33.52 -4.15 -30.57
CA LEU A 53 33.02 -3.27 -29.51
C LEU A 53 31.59 -3.65 -29.16
N GLN A 54 30.78 -3.92 -30.19
CA GLN A 54 29.39 -4.31 -29.97
C GLN A 54 29.29 -5.57 -29.12
N GLN A 55 30.19 -6.52 -29.36
CA GLN A 55 30.18 -7.77 -28.59
C GLN A 55 30.65 -7.55 -27.16
N GLN A 56 31.47 -6.52 -26.96
CA GLN A 56 31.95 -6.19 -25.63
C GLN A 56 30.90 -5.40 -24.85
N GLY A 57 29.80 -5.05 -25.54
CA GLY A 57 28.75 -4.27 -24.92
C GLY A 57 29.05 -2.77 -24.95
N LYS A 58 30.04 -2.39 -25.74
CA LYS A 58 30.41 -0.99 -25.90
C LYS A 58 29.69 -0.42 -27.12
N LEU A 59 28.39 -0.20 -26.96
CA LEU A 59 27.51 0.12 -28.08
C LEU A 59 27.71 1.51 -28.65
N GLN A 60 27.80 2.52 -27.77
CA GLN A 60 28.05 3.88 -28.24
C GLN A 60 29.35 3.97 -29.03
N GLU A 61 30.36 3.26 -28.57
CA GLU A 61 31.65 3.27 -29.25
C GLU A 61 31.57 2.55 -30.59
N ALA A 62 30.88 1.42 -30.61
CA ALA A 62 30.67 0.66 -31.85
C ALA A 62 29.97 1.53 -32.91
N LEU A 63 28.99 2.30 -32.47
CA LEU A 63 28.26 3.21 -33.35
C LEU A 63 29.15 4.19 -34.12
N MET A 64 30.16 4.75 -33.43
CA MET A 64 31.12 5.65 -34.08
C MET A 64 31.73 5.01 -35.31
N HIS A 65 32.11 3.74 -35.17
CA HIS A 65 32.81 3.03 -36.24
C HIS A 65 31.85 2.56 -37.32
N TYR A 66 30.64 2.18 -36.94
CA TYR A 66 29.65 1.86 -37.96
C TYR A 66 29.40 3.10 -38.81
N LYS A 67 29.36 4.26 -38.17
CA LYS A 67 29.14 5.50 -38.92
C LYS A 67 30.27 5.79 -39.93
N GLU A 68 31.51 5.51 -39.55
CA GLU A 68 32.63 5.63 -40.47
C GLU A 68 32.48 4.71 -41.67
N ALA A 69 32.20 3.43 -41.40
CA ALA A 69 32.12 2.45 -42.46
C ALA A 69 31.11 2.84 -43.52
N ILE A 70 29.91 3.20 -43.08
CA ILE A 70 28.86 3.54 -44.03
C ILE A 70 29.17 4.80 -44.85
N ARG A 71 29.90 5.75 -44.27
CA ARG A 71 30.32 6.90 -45.05
C ARG A 71 31.24 6.45 -46.17
N ILE A 72 32.34 5.81 -45.78
CA ILE A 72 33.39 5.39 -46.70
C ILE A 72 32.83 4.52 -47.83
N SER A 73 32.08 3.48 -47.47
CA SER A 73 31.50 2.58 -48.46
CA SER A 73 31.50 2.57 -48.45
C SER A 73 29.97 2.69 -48.46
N PRO A 74 29.44 3.58 -49.30
CA PRO A 74 27.99 3.84 -49.33
C PRO A 74 27.15 2.68 -49.87
N THR A 75 27.79 1.66 -50.43
CA THR A 75 27.08 0.49 -50.90
C THR A 75 27.26 -0.67 -49.92
N PHE A 76 27.79 -0.34 -48.74
CA PHE A 76 28.07 -1.30 -47.68
C PHE A 76 26.80 -1.65 -46.92
N ALA A 77 25.93 -2.47 -47.51
CA ALA A 77 24.67 -2.82 -46.86
C ALA A 77 24.91 -3.52 -45.52
N ASP A 78 25.96 -4.33 -45.46
CA ASP A 78 26.26 -5.12 -44.28
C ASP A 78 26.47 -4.22 -43.08
N ALA A 79 27.08 -3.07 -43.32
CA ALA A 79 27.37 -2.15 -42.21
C ALA A 79 26.10 -1.50 -41.71
N TYR A 80 25.21 -1.12 -42.64
CA TYR A 80 23.91 -0.59 -42.24
C TYR A 80 23.14 -1.59 -41.37
N SER A 81 23.11 -2.84 -41.83
CA SER A 81 22.40 -3.92 -41.14
C SER A 81 22.99 -4.14 -39.75
N ASN A 82 24.31 -4.28 -39.70
CA ASN A 82 24.99 -4.45 -38.43
C ASN A 82 24.81 -3.23 -37.52
N MET A 83 24.88 -2.03 -38.08
CA MET A 83 24.63 -0.85 -37.25
C MET A 83 23.20 -0.91 -36.73
N GLY A 84 22.28 -1.38 -37.56
CA GLY A 84 20.91 -1.56 -37.11
C GLY A 84 20.81 -2.45 -35.88
N ASN A 85 21.51 -3.59 -35.89
CA ASN A 85 21.55 -4.48 -34.72
C ASN A 85 22.02 -3.76 -33.46
N THR A 86 23.00 -2.89 -33.61
CA THR A 86 23.51 -2.15 -32.46
C THR A 86 22.47 -1.15 -31.92
N LEU A 87 21.82 -0.42 -32.81
CA LEU A 87 20.76 0.50 -32.37
C LEU A 87 19.62 -0.25 -31.70
N LYS A 88 19.28 -1.42 -32.23
CA LYS A 88 18.24 -2.24 -31.61
C LYS A 88 18.62 -2.55 -30.17
N GLU A 89 19.90 -2.88 -29.96
CA GLU A 89 20.36 -3.24 -28.61
C GLU A 89 20.36 -2.01 -27.71
N MET A 90 20.54 -0.83 -28.31
CA MET A 90 20.51 0.42 -27.56
C MET A 90 19.09 0.90 -27.32
N GLN A 91 18.11 0.12 -27.79
CA GLN A 91 16.70 0.44 -27.64
C GLN A 91 16.28 1.63 -28.50
N ASP A 92 17.06 1.90 -29.55
CA ASP A 92 16.66 2.89 -30.55
C ASP A 92 15.93 2.14 -31.67
N VAL A 93 14.62 1.95 -31.50
CA VAL A 93 13.83 1.12 -32.42
C VAL A 93 13.63 1.74 -33.81
N GLN A 94 13.36 3.03 -33.85
CA GLN A 94 13.22 3.75 -35.11
C GLN A 94 14.53 3.81 -35.86
N GLY A 95 15.60 4.10 -35.13
CA GLY A 95 16.90 4.16 -35.74
C GLY A 95 17.25 2.85 -36.42
N ALA A 96 17.00 1.74 -35.73
CA ALA A 96 17.39 0.42 -36.24
C ALA A 96 16.61 0.15 -37.49
N LEU A 97 15.32 0.46 -37.45
CA LEU A 97 14.49 0.23 -38.61
C LEU A 97 14.97 1.05 -39.80
N GLN A 98 15.34 2.30 -39.53
CA GLN A 98 15.89 3.14 -40.58
C GLN A 98 17.10 2.44 -41.21
N CYS A 99 17.94 1.85 -40.38
CA CYS A 99 19.17 1.21 -40.89
C CYS A 99 18.87 -0.03 -41.72
N TYR A 100 17.92 -0.86 -41.26
CA TYR A 100 17.58 -2.07 -42.00
C TYR A 100 16.94 -1.67 -43.32
N THR A 101 16.15 -0.61 -43.29
CA THR A 101 15.47 -0.13 -44.48
C THR A 101 16.49 0.33 -45.51
N ARG A 102 17.51 1.04 -45.06
CA ARG A 102 18.56 1.48 -45.97
C ARG A 102 19.30 0.27 -46.54
N ALA A 103 19.60 -0.71 -45.69
CA ALA A 103 20.31 -1.92 -46.12
C ALA A 103 19.59 -2.65 -47.25
N ILE A 104 18.27 -2.75 -47.15
CA ILE A 104 17.47 -3.44 -48.15
C ILE A 104 17.36 -2.61 -49.43
N GLN A 105 17.39 -1.29 -49.28
CA GLN A 105 17.35 -0.38 -50.43
C GLN A 105 18.66 -0.48 -51.22
N ILE A 106 19.76 -0.58 -50.50
CA ILE A 106 21.08 -0.69 -51.11
C ILE A 106 21.25 -2.06 -51.77
N ASN A 107 20.78 -3.11 -51.11
CA ASN A 107 20.85 -4.46 -51.65
C ASN A 107 19.56 -5.23 -51.36
N PRO A 108 18.63 -5.24 -52.33
CA PRO A 108 17.29 -5.86 -52.17
C PRO A 108 17.39 -7.37 -52.01
N ALA A 109 18.56 -7.92 -52.28
CA ALA A 109 18.81 -9.37 -52.22
C ALA A 109 19.41 -9.76 -50.88
N PHE A 110 19.40 -8.83 -49.94
CA PHE A 110 20.14 -9.01 -48.69
C PHE A 110 19.22 -9.68 -47.68
N ALA A 111 19.32 -11.02 -47.61
CA ALA A 111 18.43 -11.87 -46.82
C ALA A 111 18.44 -11.49 -45.33
N ASP A 112 19.63 -11.33 -44.77
CA ASP A 112 19.77 -10.95 -43.36
C ASP A 112 19.01 -9.67 -42.98
N ALA A 113 19.07 -8.65 -43.82
CA ALA A 113 18.45 -7.38 -43.49
C ALA A 113 16.94 -7.49 -43.42
N HIS A 114 16.37 -8.33 -44.28
CA HIS A 114 14.92 -8.56 -44.26
C HIS A 114 14.51 -9.25 -42.97
N SER A 115 15.32 -10.19 -42.55
CA SER A 115 15.10 -10.96 -41.33
C SER A 115 15.20 -10.04 -40.10
N ASN A 116 16.20 -9.16 -40.10
CA ASN A 116 16.34 -8.18 -39.03
C ASN A 116 15.17 -7.22 -39.02
N LEU A 117 14.72 -6.80 -40.20
CA LEU A 117 13.54 -5.92 -40.27
C LEU A 117 12.32 -6.66 -39.78
N ALA A 118 12.19 -7.92 -40.17
CA ALA A 118 11.10 -8.77 -39.68
C ALA A 118 11.12 -8.81 -38.17
N SER A 119 12.31 -8.96 -37.59
CA SER A 119 12.42 -8.98 -36.13
C SER A 119 11.90 -7.70 -35.42
N ILE A 120 12.09 -6.54 -36.06
CA ILE A 120 11.56 -5.28 -35.53
C ILE A 120 10.05 -5.29 -35.57
N HIS A 121 9.50 -5.79 -36.67
CA HIS A 121 8.05 -5.88 -36.78
C HIS A 121 7.53 -6.83 -35.70
N LYS A 122 8.18 -7.99 -35.59
CA LYS A 122 7.81 -8.98 -34.57
C LYS A 122 7.82 -8.36 -33.18
N ASP A 123 8.94 -7.77 -32.82
CA ASP A 123 9.13 -7.27 -31.46
C ASP A 123 8.19 -6.12 -31.18
N SER A 124 7.69 -5.50 -32.24
CA SER A 124 6.73 -4.43 -32.12
C SER A 124 5.29 -4.95 -32.15
N GLY A 125 5.13 -6.27 -32.22
CA GLY A 125 3.81 -6.88 -32.20
C GLY A 125 3.12 -7.02 -33.56
N ASN A 126 3.71 -6.43 -34.60
CA ASN A 126 3.13 -6.46 -35.95
C ASN A 126 3.48 -7.75 -36.68
N ILE A 127 2.82 -8.83 -36.29
CA ILE A 127 3.22 -10.16 -36.74
C ILE A 127 3.09 -10.42 -38.24
N PRO A 128 1.99 -9.97 -38.87
CA PRO A 128 1.84 -10.19 -40.32
C PRO A 128 2.93 -9.53 -41.16
N GLU A 129 3.38 -8.34 -40.81
CA GLU A 129 4.50 -7.73 -41.53
C GLU A 129 5.78 -8.48 -41.18
N ALA A 130 5.87 -8.96 -39.94
CA ALA A 130 7.00 -9.81 -39.54
C ALA A 130 7.03 -11.08 -40.37
N ILE A 131 5.88 -11.74 -40.46
CA ILE A 131 5.76 -12.91 -41.31
C ILE A 131 6.13 -12.60 -42.78
N ALA A 132 5.75 -11.43 -43.28
CA ALA A 132 6.04 -11.09 -44.67
C ALA A 132 7.53 -10.95 -44.96
N SER A 133 8.22 -10.23 -44.09
CA SER A 133 9.65 -10.01 -44.21
C SER A 133 10.49 -11.29 -44.03
N TYR A 134 10.12 -12.16 -43.08
CA TYR A 134 10.82 -13.46 -42.95
C TYR A 134 10.69 -14.33 -44.18
N ARG A 135 9.49 -14.37 -44.76
CA ARG A 135 9.28 -15.14 -46.00
C ARG A 135 10.14 -14.59 -47.12
N THR A 136 10.23 -13.26 -47.21
CA THR A 136 11.12 -12.66 -48.21
C THR A 136 12.57 -13.12 -47.95
N ALA A 137 13.00 -13.06 -46.69
CA ALA A 137 14.36 -13.53 -46.34
C ALA A 137 14.60 -14.94 -46.83
N LEU A 138 13.63 -15.80 -46.56
CA LEU A 138 13.70 -17.21 -46.89
C LEU A 138 13.54 -17.44 -48.41
N LYS A 139 12.90 -16.51 -49.09
CA LYS A 139 12.83 -16.53 -50.56
C LYS A 139 14.26 -16.34 -51.08
N LEU A 140 14.92 -15.29 -50.58
CA LEU A 140 16.31 -14.97 -50.90
C LEU A 140 17.33 -16.02 -50.47
N LYS A 141 17.13 -16.58 -49.29
CA LYS A 141 18.09 -17.54 -48.73
C LYS A 141 17.34 -18.69 -48.05
N PRO A 142 17.00 -19.74 -48.82
CA PRO A 142 16.21 -20.89 -48.39
C PRO A 142 16.77 -21.54 -47.13
N ASP A 143 18.09 -21.61 -47.02
CA ASP A 143 18.77 -22.16 -45.86
C ASP A 143 19.14 -21.03 -44.89
N PHE A 144 18.24 -20.76 -43.95
CA PHE A 144 18.39 -19.61 -43.06
C PHE A 144 17.73 -19.90 -41.72
N PRO A 145 18.44 -20.62 -40.84
CA PRO A 145 17.86 -21.08 -39.58
C PRO A 145 17.22 -19.97 -38.75
N ASP A 146 17.89 -18.83 -38.57
CA ASP A 146 17.30 -17.78 -37.74
C ASP A 146 15.94 -17.37 -38.24
N ALA A 147 15.85 -17.12 -39.54
CA ALA A 147 14.62 -16.65 -40.13
C ALA A 147 13.54 -17.75 -40.08
N TYR A 148 13.92 -18.98 -40.41
CA TYR A 148 12.92 -20.05 -40.40
C TYR A 148 12.31 -20.21 -39.01
N CYS A 149 13.17 -20.26 -38.00
CA CYS A 149 12.71 -20.48 -36.62
C CYS A 149 11.94 -19.28 -36.06
N ASN A 150 12.38 -18.08 -36.41
CA ASN A 150 11.64 -16.89 -35.98
C ASN A 150 10.30 -16.81 -36.66
N LEU A 151 10.27 -17.19 -37.93
CA LEU A 151 9.00 -17.28 -38.65
C LEU A 151 8.09 -18.34 -38.01
N ALA A 152 8.66 -19.49 -37.66
CA ALA A 152 7.89 -20.53 -37.00
C ALA A 152 7.22 -19.99 -35.72
N HIS A 153 7.97 -19.21 -34.95
CA HIS A 153 7.39 -18.65 -33.73
C HIS A 153 6.25 -17.66 -34.05
N CYS A 154 6.43 -16.83 -35.07
CA CYS A 154 5.32 -15.95 -35.49
C CYS A 154 4.08 -16.74 -35.88
N LEU A 155 4.27 -17.83 -36.60
CA LEU A 155 3.14 -18.65 -37.01
C LEU A 155 2.48 -19.25 -35.78
N GLN A 156 3.28 -19.59 -34.78
CA GLN A 156 2.74 -20.12 -33.52
C GLN A 156 1.87 -19.09 -32.81
N ILE A 157 2.36 -17.86 -32.74
CA ILE A 157 1.67 -16.76 -32.05
C ILE A 157 0.27 -16.52 -32.62
N VAL A 158 0.12 -16.68 -33.93
CA VAL A 158 -1.18 -16.39 -34.54
C VAL A 158 -1.99 -17.64 -34.90
N CYS A 159 -1.50 -18.79 -34.45
CA CYS A 159 -2.17 -20.06 -34.71
C CYS A 159 -2.34 -20.33 -36.20
N ASP A 160 -1.30 -20.05 -36.97
CA ASP A 160 -1.24 -20.45 -38.37
C ASP A 160 -0.58 -21.81 -38.38
N TRP A 161 -1.35 -22.85 -38.70
CA TRP A 161 -0.83 -24.21 -38.66
C TRP A 161 -0.69 -24.83 -40.06
N THR A 162 -0.46 -23.99 -41.07
CA THR A 162 -0.18 -24.51 -42.42
C THR A 162 1.06 -25.41 -42.40
N ASP A 163 0.91 -26.64 -42.91
CA ASP A 163 2.03 -27.58 -43.03
C ASP A 163 2.75 -27.75 -41.69
N TYR A 164 1.96 -27.88 -40.63
CA TYR A 164 2.47 -27.88 -39.23
C TYR A 164 3.45 -29.02 -38.92
N ASP A 165 3.07 -30.24 -39.27
CA ASP A 165 3.90 -31.42 -39.03
C ASP A 165 5.28 -31.33 -39.67
N GLU A 166 5.33 -30.91 -40.93
CA GLU A 166 6.60 -30.74 -41.63
C GLU A 166 7.37 -29.57 -41.03
N ARG A 167 6.64 -28.54 -40.60
CA ARG A 167 7.28 -27.40 -39.93
C ARG A 167 7.98 -27.91 -38.68
N MET A 168 7.28 -28.72 -37.90
CA MET A 168 7.82 -29.22 -36.64
C MET A 168 9.01 -30.12 -36.92
N LYS A 169 8.93 -30.92 -37.98
CA LYS A 169 10.06 -31.80 -38.34
C LYS A 169 11.30 -30.99 -38.75
N LYS A 170 11.08 -29.95 -39.55
CA LYS A 170 12.19 -29.09 -39.96
C LYS A 170 12.84 -28.36 -38.79
N LEU A 171 12.04 -27.91 -37.81
CA LEU A 171 12.56 -27.24 -36.63
C LEU A 171 13.52 -28.14 -35.87
N VAL A 172 13.08 -29.38 -35.68
CA VAL A 172 13.87 -30.40 -35.01
C VAL A 172 15.16 -30.66 -35.76
N SER A 173 15.06 -30.74 -37.08
CA SER A 173 16.22 -31.02 -37.92
CA SER A 173 16.22 -31.02 -37.92
C SER A 173 17.23 -29.88 -37.86
N ILE A 174 16.71 -28.65 -37.87
CA ILE A 174 17.55 -27.47 -37.78
C ILE A 174 18.32 -27.44 -36.45
N VAL A 175 17.62 -27.69 -35.34
CA VAL A 175 18.28 -27.75 -34.02
C VAL A 175 19.31 -28.90 -33.93
N ALA A 176 18.96 -30.06 -34.44
CA ALA A 176 19.91 -31.18 -34.47
C ALA A 176 21.23 -30.81 -35.16
N ASP A 177 21.12 -30.13 -36.31
CA ASP A 177 22.27 -29.72 -37.12
C ASP A 177 23.08 -28.63 -36.42
N GLN A 178 22.39 -27.70 -35.77
CA GLN A 178 23.10 -26.62 -35.09
C GLN A 178 23.85 -27.12 -33.85
N LEU A 179 23.21 -27.98 -33.07
CA LEU A 179 23.87 -28.56 -31.91
C LEU A 179 25.11 -29.36 -32.33
N GLU A 180 24.95 -30.13 -33.40
CA GLU A 180 26.04 -30.93 -33.94
C GLU A 180 27.20 -30.08 -34.45
N LYS A 181 26.88 -28.97 -35.11
CA LYS A 181 27.90 -28.10 -35.68
C LYS A 181 28.31 -26.99 -34.70
N ASN A 182 27.86 -27.12 -33.45
CA ASN A 182 28.25 -26.21 -32.38
C ASN A 182 27.99 -24.74 -32.67
N ARG A 183 26.81 -24.45 -33.23
CA ARG A 183 26.38 -23.08 -33.41
C ARG A 183 25.15 -22.81 -32.54
N LEU A 184 24.98 -21.59 -32.08
CA LEU A 184 23.86 -21.28 -31.19
C LEU A 184 22.53 -21.62 -31.87
N PRO A 185 21.74 -22.51 -31.25
CA PRO A 185 20.48 -22.90 -31.88
C PRO A 185 19.57 -21.71 -32.16
N SER A 186 18.82 -21.76 -33.26
CA SER A 186 17.92 -20.68 -33.65
C SER A 186 16.56 -20.74 -32.92
N VAL A 187 16.30 -21.83 -32.20
CA VAL A 187 15.09 -21.93 -31.37
C VAL A 187 15.45 -21.44 -29.99
N HIS A 188 14.73 -20.44 -29.50
CA HIS A 188 15.04 -19.86 -28.20
C HIS A 188 14.63 -20.84 -27.09
N PRO A 189 15.46 -20.97 -26.04
CA PRO A 189 15.15 -21.94 -24.98
C PRO A 189 13.78 -21.71 -24.36
N HIS A 190 13.34 -20.46 -24.28
CA HIS A 190 12.03 -20.19 -23.70
C HIS A 190 10.89 -20.69 -24.59
N HIS A 191 11.19 -20.98 -25.84
CA HIS A 191 10.18 -21.45 -26.78
C HIS A 191 10.26 -22.97 -27.02
N SER A 192 11.30 -23.61 -26.48
CA SER A 192 11.61 -24.99 -26.88
C SER A 192 10.54 -26.00 -26.44
N MET A 193 9.76 -25.64 -25.42
CA MET A 193 8.68 -26.51 -24.97
C MET A 193 7.55 -26.58 -26.00
N LEU A 194 7.54 -25.65 -26.96
CA LEU A 194 6.44 -25.60 -27.92
C LEU A 194 6.56 -26.61 -29.09
N TYR A 195 7.74 -27.17 -29.26
CA TYR A 195 8.05 -27.98 -30.44
C TYR A 195 8.51 -29.35 -29.95
N PRO A 196 8.33 -30.40 -30.77
CA PRO A 196 8.58 -31.77 -30.28
C PRO A 196 10.07 -32.12 -30.28
N LEU A 197 10.87 -31.30 -29.62
CA LEU A 197 12.29 -31.56 -29.43
C LEU A 197 12.43 -32.55 -28.27
N SER A 198 13.50 -33.35 -28.30
CA SER A 198 13.77 -34.23 -27.17
C SER A 198 14.11 -33.39 -25.94
N HIS A 199 13.97 -33.96 -24.75
CA HIS A 199 14.38 -33.28 -23.53
C HIS A 199 15.86 -32.99 -23.57
N GLY A 200 16.62 -33.90 -24.21
CA GLY A 200 18.04 -33.72 -24.38
C GLY A 200 18.35 -32.49 -25.19
N PHE A 201 17.63 -32.31 -26.30
CA PHE A 201 17.82 -31.12 -27.15
C PHE A 201 17.42 -29.85 -26.41
N ARG A 202 16.32 -29.92 -25.67
CA ARG A 202 15.83 -28.75 -24.95
C ARG A 202 16.84 -28.32 -23.89
N LYS A 203 17.40 -29.28 -23.17
CA LYS A 203 18.43 -28.97 -22.19
C LYS A 203 19.68 -28.40 -22.87
N ALA A 204 20.05 -28.98 -24.01
CA ALA A 204 21.24 -28.55 -24.74
C ALA A 204 21.12 -27.13 -25.29
N ILE A 205 19.94 -26.78 -25.79
CA ILE A 205 19.70 -25.38 -26.19
C ILE A 205 19.93 -24.45 -25.00
N ALA A 206 19.34 -24.79 -23.86
CA ALA A 206 19.48 -23.97 -22.67
C ALA A 206 20.95 -23.81 -22.30
N GLU A 207 21.69 -24.93 -22.33
CA GLU A 207 23.11 -24.91 -21.99
CA GLU A 207 23.11 -24.90 -21.99
C GLU A 207 23.91 -23.99 -22.90
N ARG A 208 23.51 -23.92 -24.18
CA ARG A 208 24.22 -23.06 -25.12
C ARG A 208 24.03 -21.60 -24.72
N HIS A 209 22.86 -21.28 -24.20
CA HIS A 209 22.60 -19.92 -23.74
C HIS A 209 23.35 -19.62 -22.45
N GLY A 210 23.42 -20.61 -21.56
CA GLY A 210 24.22 -20.49 -20.36
C GLY A 210 25.65 -20.17 -20.73
N ASN A 211 26.18 -20.89 -21.72
CA ASN A 211 27.55 -20.67 -22.18
C ASN A 211 27.82 -19.28 -22.74
N LEU A 212 26.81 -18.69 -23.37
CA LEU A 212 26.92 -17.31 -23.83
C LEU A 212 27.24 -16.38 -22.66
N CYS A 213 26.56 -16.59 -21.54
CA CYS A 213 26.77 -15.77 -20.35
C CYS A 213 28.19 -15.97 -19.80
N LEU A 214 28.64 -17.22 -19.76
CA LEU A 214 29.99 -17.52 -19.28
C LEU A 214 31.05 -16.85 -20.15
N ASP A 215 30.87 -16.93 -21.46
CA ASP A 215 31.79 -16.30 -22.39
C ASP A 215 31.88 -14.80 -22.12
N LYS A 216 30.73 -14.17 -21.93
CA LYS A 216 30.67 -12.74 -21.67
C LYS A 216 31.44 -12.35 -20.41
N ILE A 217 31.30 -13.13 -19.35
CA ILE A 217 31.95 -12.77 -18.08
C ILE A 217 33.42 -13.20 -17.99
N ASN A 218 33.82 -14.14 -18.82
CA ASN A 218 35.20 -14.61 -18.82
C ASN A 218 36.19 -13.51 -19.20
N VAL A 219 35.74 -12.56 -20.02
CA VAL A 219 36.58 -11.46 -20.47
C VAL A 219 36.78 -10.39 -19.38
N LEU A 220 36.03 -10.52 -18.29
CA LEU A 220 36.25 -9.66 -17.12
C LEU A 220 37.45 -10.17 -16.32
N HIS A 221 37.85 -11.40 -16.60
CA HIS A 221 38.97 -12.02 -15.90
C HIS A 221 38.89 -11.86 -14.39
N LYS A 222 37.67 -11.96 -13.85
CA LYS A 222 37.47 -11.91 -12.42
C LYS A 222 37.79 -13.25 -11.78
N PRO A 223 38.48 -13.22 -10.64
CA PRO A 223 38.72 -14.42 -9.85
C PRO A 223 37.39 -14.92 -9.25
N PRO A 224 37.34 -16.20 -8.86
CA PRO A 224 36.17 -16.71 -8.15
C PRO A 224 36.01 -15.99 -6.82
N TYR A 225 34.77 -15.84 -6.38
CA TYR A 225 34.50 -15.16 -5.12
C TYR A 225 34.67 -16.07 -3.92
N GLU A 226 35.18 -15.51 -2.82
CA GLU A 226 35.18 -16.21 -1.54
C GLU A 226 33.77 -16.14 -0.94
N HIS A 227 33.19 -17.29 -0.65
CA HIS A 227 31.81 -17.35 -0.17
C HIS A 227 31.79 -17.55 1.34
N PRO A 228 30.77 -16.99 2.01
CA PRO A 228 30.63 -17.22 3.45
C PRO A 228 30.49 -18.71 3.73
N LYS A 229 31.00 -19.17 4.88
CA LYS A 229 30.96 -20.59 5.21
C LYS A 229 30.04 -20.87 6.39
N ASP A 230 29.47 -19.82 6.95
CA ASP A 230 28.56 -19.94 8.08
C ASP A 230 27.68 -18.70 8.14
N LEU A 231 26.91 -18.56 9.21
CA LEU A 231 25.97 -17.45 9.33
C LEU A 231 26.36 -16.46 10.43
N LYS A 232 27.62 -16.50 10.87
CA LYS A 232 28.07 -15.67 11.99
C LYS A 232 28.09 -14.18 11.69
N LEU A 233 28.59 -13.80 10.52
CA LEU A 233 28.65 -12.40 10.13
C LEU A 233 27.27 -11.82 9.83
N SER A 234 26.27 -12.69 9.68
CA SER A 234 24.90 -12.23 9.45
C SER A 234 24.03 -12.47 10.67
N ASP A 235 24.66 -12.65 11.83
CA ASP A 235 23.92 -12.79 13.08
C ASP A 235 22.96 -13.98 13.05
N GLY A 236 23.40 -15.07 12.42
CA GLY A 236 22.62 -16.29 12.39
C GLY A 236 21.54 -16.30 11.32
N ARG A 237 21.47 -15.24 10.51
CA ARG A 237 20.43 -15.13 9.48
C ARG A 237 20.97 -15.60 8.14
N LEU A 238 20.13 -16.28 7.36
CA LEU A 238 20.48 -16.65 6.00
C LEU A 238 20.14 -15.48 5.06
N ARG A 239 21.15 -15.02 4.33
CA ARG A 239 20.96 -13.91 3.41
C ARG A 239 20.49 -14.44 2.06
N VAL A 240 19.26 -14.10 1.69
CA VAL A 240 18.69 -14.56 0.42
C VAL A 240 18.52 -13.38 -0.52
N GLY A 241 19.07 -13.49 -1.74
CA GLY A 241 18.94 -12.45 -2.73
C GLY A 241 18.01 -12.87 -3.86
N TYR A 242 16.92 -12.13 -4.04
CA TYR A 242 16.01 -12.34 -5.16
C TYR A 242 16.35 -11.40 -6.31
N VAL A 243 16.74 -11.96 -7.45
CA VAL A 243 17.16 -11.17 -8.60
C VAL A 243 16.10 -11.26 -9.69
N SER A 244 15.54 -10.11 -10.07
CA SER A 244 14.46 -10.11 -11.04
C SER A 244 14.35 -8.80 -11.82
N SER A 245 14.03 -8.90 -13.10
CA SER A 245 13.74 -7.71 -13.91
C SER A 245 12.26 -7.36 -13.78
N ASP A 246 11.53 -8.12 -12.98
CA ASP A 246 10.06 -8.02 -12.98
C ASP A 246 9.45 -7.57 -11.65
N PHE A 247 10.20 -6.80 -10.86
CA PHE A 247 9.63 -6.15 -9.69
C PHE A 247 8.90 -4.89 -10.15
N GLY A 248 7.61 -5.05 -10.42
CA GLY A 248 6.82 -4.00 -11.02
C GLY A 248 5.58 -4.65 -11.61
N ASN A 249 4.92 -3.98 -12.56
CA ASN A 249 3.71 -4.54 -13.15
C ASN A 249 4.06 -5.63 -14.16
N HIS A 250 4.09 -6.87 -13.67
CA HIS A 250 4.45 -8.02 -14.48
C HIS A 250 3.95 -9.27 -13.75
N PRO A 251 3.59 -10.32 -14.50
CA PRO A 251 3.09 -11.54 -13.86
C PRO A 251 3.94 -12.00 -12.66
N THR A 252 5.26 -11.87 -12.75
CA THR A 252 6.11 -12.35 -11.65
C THR A 252 5.74 -11.70 -10.31
N SER A 253 5.58 -10.38 -10.30
CA SER A 253 5.17 -9.69 -9.07
C SER A 253 3.73 -10.03 -8.70
N HIS A 254 2.86 -10.27 -9.68
CA HIS A 254 1.48 -10.64 -9.38
C HIS A 254 1.45 -11.99 -8.66
N LEU A 255 2.54 -12.76 -8.78
CA LEU A 255 2.61 -14.04 -8.10
C LEU A 255 3.25 -13.94 -6.71
N MET A 256 4.38 -13.23 -6.62
CA MET A 256 5.22 -13.33 -5.43
C MET A 256 5.45 -12.03 -4.65
N GLN A 257 4.71 -10.97 -4.94
CA GLN A 257 5.03 -9.69 -4.29
C GLN A 257 4.92 -9.74 -2.75
N SER A 258 4.12 -10.66 -2.20
CA SER A 258 3.96 -10.70 -0.75
C SER A 258 5.08 -11.47 -0.05
N ILE A 259 5.82 -12.26 -0.83
CA ILE A 259 6.79 -13.19 -0.22
C ILE A 259 7.95 -12.54 0.54
N PRO A 260 8.57 -11.51 -0.05
CA PRO A 260 9.68 -10.90 0.69
C PRO A 260 9.29 -10.40 2.08
N GLY A 261 8.11 -9.81 2.23
CA GLY A 261 7.71 -9.27 3.52
C GLY A 261 7.20 -10.33 4.48
N MET A 262 6.99 -11.54 3.98
CA MET A 262 6.58 -12.66 4.84
C MET A 262 7.74 -13.48 5.35
N HIS A 263 8.95 -13.18 4.89
CA HIS A 263 10.11 -13.89 5.41
C HIS A 263 10.30 -13.61 6.91
N ASN A 264 10.71 -14.63 7.65
CA ASN A 264 10.96 -14.49 9.08
C ASN A 264 12.30 -13.79 9.34
N PRO A 265 12.25 -12.55 9.84
CA PRO A 265 13.45 -11.73 10.01
C PRO A 265 14.44 -12.26 11.05
N ASP A 266 13.99 -13.12 11.95
CA ASP A 266 14.90 -13.73 12.93
C ASP A 266 15.88 -14.71 12.28
N LYS A 267 15.52 -15.25 11.13
CA LYS A 267 16.32 -16.30 10.50
C LYS A 267 16.73 -15.99 9.06
N PHE A 268 16.15 -14.95 8.48
CA PHE A 268 16.42 -14.60 7.08
C PHE A 268 16.60 -13.11 6.93
N GLU A 269 17.49 -12.72 6.03
CA GLU A 269 17.68 -11.33 5.67
C GLU A 269 17.50 -11.27 4.17
N VAL A 270 16.49 -10.53 3.73
CA VAL A 270 16.06 -10.57 2.33
C VAL A 270 16.58 -9.37 1.54
N PHE A 271 17.28 -9.66 0.44
CA PHE A 271 17.77 -8.65 -0.47
C PHE A 271 17.06 -8.82 -1.81
N CYS A 272 16.44 -7.77 -2.31
CA CYS A 272 15.84 -7.82 -3.64
C CYS A 272 16.70 -6.99 -4.59
N TYR A 273 17.20 -7.66 -5.64
CA TYR A 273 18.01 -7.01 -6.66
C TYR A 273 17.20 -6.79 -7.92
N ALA A 274 16.78 -5.54 -8.13
CA ALA A 274 15.96 -5.21 -9.29
C ALA A 274 16.83 -5.00 -10.53
N LEU A 275 16.45 -5.65 -11.64
CA LEU A 275 17.15 -5.48 -12.90
C LEU A 275 16.46 -4.44 -13.78
N SER A 276 15.33 -3.92 -13.31
CA SER A 276 14.57 -2.93 -14.06
C SER A 276 14.46 -1.67 -13.23
N PRO A 277 14.33 -0.51 -13.91
CA PRO A 277 14.02 0.75 -13.24
C PRO A 277 12.62 0.70 -12.63
N ASP A 278 12.38 1.58 -11.66
CA ASP A 278 11.10 1.66 -10.96
C ASP A 278 10.03 2.13 -11.93
N ASP A 279 8.97 1.33 -12.12
CA ASP A 279 7.92 1.69 -13.08
C ASP A 279 6.77 2.50 -12.49
N GLY A 280 6.93 2.91 -11.23
CA GLY A 280 5.93 3.72 -10.56
C GLY A 280 4.71 2.99 -10.02
N THR A 281 4.66 1.66 -10.15
CA THR A 281 3.46 0.91 -9.74
C THR A 281 3.53 0.46 -8.29
N ASN A 282 2.39 0.13 -7.71
CA ASN A 282 2.34 -0.34 -6.33
C ASN A 282 3.08 -1.66 -6.13
N PHE A 283 3.24 -2.44 -7.20
CA PHE A 283 3.96 -3.71 -7.08
C PHE A 283 5.41 -3.43 -6.70
N ARG A 284 5.98 -2.42 -7.33
CA ARG A 284 7.36 -2.06 -7.05
C ARG A 284 7.45 -1.41 -5.66
N VAL A 285 6.49 -0.54 -5.34
CA VAL A 285 6.43 0.09 -4.01
C VAL A 285 6.44 -0.99 -2.92
N LYS A 286 5.62 -2.01 -3.10
CA LYS A 286 5.45 -3.03 -2.07
C LYS A 286 6.75 -3.77 -1.79
N VAL A 287 7.38 -4.26 -2.84
CA VAL A 287 8.63 -5.01 -2.68
C VAL A 287 9.75 -4.12 -2.13
N MET A 288 9.81 -2.87 -2.57
CA MET A 288 10.79 -1.93 -2.00
C MET A 288 10.54 -1.65 -0.51
N ALA A 289 9.27 -1.63 -0.11
CA ALA A 289 8.93 -1.33 1.28
C ALA A 289 9.14 -2.51 2.23
N GLU A 290 8.98 -3.73 1.71
CA GLU A 290 8.95 -4.92 2.57
C GLU A 290 10.21 -5.78 2.57
N ALA A 291 11.05 -5.66 1.54
CA ALA A 291 12.33 -6.39 1.59
C ALA A 291 13.20 -5.72 2.66
N ASN A 292 14.09 -6.49 3.27
CA ASN A 292 15.02 -5.88 4.22
C ASN A 292 15.95 -4.89 3.50
N HIS A 293 16.29 -5.22 2.26
CA HIS A 293 17.16 -4.39 1.44
C HIS A 293 16.68 -4.47 0.00
N PHE A 294 16.65 -3.33 -0.68
CA PHE A 294 16.29 -3.30 -2.10
C PHE A 294 17.38 -2.56 -2.85
N ILE A 295 17.93 -3.22 -3.88
CA ILE A 295 19.08 -2.70 -4.63
C ILE A 295 18.72 -2.59 -6.10
N ASP A 296 18.81 -1.37 -6.64
CA ASP A 296 18.44 -1.13 -8.03
C ASP A 296 19.63 -1.38 -8.95
N LEU A 297 19.76 -2.60 -9.45
CA LEU A 297 20.89 -2.92 -10.32
C LEU A 297 20.70 -2.37 -11.74
N SER A 298 19.53 -1.83 -12.04
CA SER A 298 19.33 -1.22 -13.35
C SER A 298 20.28 -0.03 -13.48
N GLN A 299 20.71 0.51 -12.34
CA GLN A 299 21.63 1.65 -12.30
C GLN A 299 23.10 1.24 -12.38
N ILE A 300 23.34 -0.07 -12.41
CA ILE A 300 24.69 -0.62 -12.44
C ILE A 300 24.81 -1.58 -13.63
N PRO A 301 25.04 -1.03 -14.83
CA PRO A 301 25.05 -1.83 -16.06
C PRO A 301 26.17 -2.87 -16.12
N CYS A 302 27.31 -2.57 -15.53
CA CYS A 302 28.42 -3.52 -15.55
C CYS A 302 28.11 -4.77 -14.71
N ASN A 303 28.09 -5.93 -15.34
CA ASN A 303 27.82 -7.16 -14.62
C ASN A 303 28.89 -7.50 -13.57
N GLY A 304 30.11 -7.04 -13.80
CA GLY A 304 31.19 -7.21 -12.84
C GLY A 304 30.95 -6.40 -11.58
N LYS A 305 30.65 -5.12 -11.76
CA LYS A 305 30.36 -4.25 -10.61
C LYS A 305 29.09 -4.69 -9.90
N ALA A 306 28.08 -5.12 -10.66
CA ALA A 306 26.84 -5.58 -10.05
C ALA A 306 27.04 -6.87 -9.25
N ALA A 307 27.80 -7.82 -9.79
CA ALA A 307 28.12 -9.04 -9.06
C ALA A 307 28.95 -8.74 -7.81
N ASP A 308 29.86 -7.78 -7.91
CA ASP A 308 30.64 -7.36 -6.75
C ASP A 308 29.71 -6.89 -5.66
N ARG A 309 28.68 -6.16 -6.05
CA ARG A 309 27.70 -5.63 -5.11
C ARG A 309 26.95 -6.74 -4.38
N ILE A 310 26.52 -7.74 -5.15
CA ILE A 310 25.83 -8.89 -4.57
C ILE A 310 26.73 -9.64 -3.58
N HIS A 311 27.98 -9.85 -3.96
CA HIS A 311 28.92 -10.56 -3.10
C HIS A 311 29.24 -9.76 -1.84
N GLN A 312 29.34 -8.45 -1.99
CA GLN A 312 29.62 -7.60 -0.84
C GLN A 312 28.47 -7.66 0.17
N ASP A 313 27.25 -7.84 -0.32
CA ASP A 313 26.10 -7.96 0.58
C ASP A 313 26.11 -9.28 1.37
N GLY A 314 26.95 -10.22 0.96
CA GLY A 314 27.12 -11.46 1.71
C GLY A 314 26.07 -12.52 1.44
N ILE A 315 25.42 -12.44 0.28
CA ILE A 315 24.36 -13.38 -0.08
C ILE A 315 24.77 -14.85 0.04
N HIS A 316 23.94 -15.64 0.72
CA HIS A 316 24.14 -17.10 0.82
C HIS A 316 23.44 -17.83 -0.33
N ILE A 317 22.18 -17.50 -0.57
CA ILE A 317 21.43 -18.11 -1.67
C ILE A 317 20.92 -17.03 -2.61
N LEU A 318 21.36 -17.08 -3.86
CA LEU A 318 20.95 -16.09 -4.86
C LEU A 318 19.93 -16.75 -5.76
N VAL A 319 18.80 -16.08 -5.98
CA VAL A 319 17.66 -16.69 -6.64
C VAL A 319 17.39 -16.06 -8.00
N ASN A 320 17.48 -16.89 -9.04
CA ASN A 320 17.29 -16.43 -10.41
C ASN A 320 15.81 -16.50 -10.79
N MET A 321 15.16 -15.35 -10.90
CA MET A 321 13.74 -15.32 -11.21
C MET A 321 13.45 -15.07 -12.71
N ASN A 322 14.49 -14.92 -13.51
CA ASN A 322 14.32 -14.65 -14.95
C ASN A 322 14.57 -15.83 -15.88
N GLY A 323 15.64 -16.58 -15.62
CA GLY A 323 16.11 -17.51 -16.64
C GLY A 323 16.26 -16.77 -17.97
N TYR A 324 15.87 -17.42 -19.06
CA TYR A 324 15.99 -16.79 -20.37
C TYR A 324 14.74 -16.01 -20.77
N THR A 325 14.41 -14.98 -19.97
CA THR A 325 13.31 -14.07 -20.24
C THR A 325 13.76 -12.62 -20.29
N LYS A 326 12.92 -11.77 -20.87
CA LYS A 326 13.28 -10.38 -21.11
C LYS A 326 13.81 -9.70 -19.85
N GLY A 327 14.94 -9.01 -19.98
CA GLY A 327 15.48 -8.25 -18.87
C GLY A 327 16.49 -9.02 -18.04
N ALA A 328 16.67 -10.30 -18.36
CA ALA A 328 17.61 -11.14 -17.62
C ALA A 328 19.04 -10.62 -17.67
N ARG A 329 19.77 -10.89 -16.61
CA ARG A 329 21.22 -10.67 -16.58
C ARG A 329 21.87 -11.88 -15.93
N ASN A 330 21.80 -13.00 -16.64
CA ASN A 330 22.30 -14.25 -16.12
C ASN A 330 23.82 -14.27 -15.99
N GLU A 331 24.47 -13.29 -16.61
CA GLU A 331 25.89 -13.06 -16.39
C GLU A 331 26.19 -12.92 -14.90
N LEU A 332 25.26 -12.31 -14.16
CA LEU A 332 25.41 -12.13 -12.72
C LEU A 332 25.58 -13.46 -12.03
N PHE A 333 24.79 -14.44 -12.44
CA PHE A 333 24.90 -15.78 -11.89
C PHE A 333 26.10 -16.56 -12.44
N ALA A 334 26.47 -16.30 -13.69
CA ALA A 334 27.68 -16.92 -14.25
C ALA A 334 28.93 -16.52 -13.48
N LEU A 335 28.90 -15.34 -12.87
CA LEU A 335 30.02 -14.88 -12.03
C LEU A 335 30.04 -15.56 -10.67
N ARG A 336 28.96 -16.26 -10.32
CA ARG A 336 28.86 -16.99 -9.05
C ARG A 336 29.23 -16.19 -7.79
N PRO A 337 28.55 -15.07 -7.55
CA PRO A 337 28.80 -14.26 -6.34
C PRO A 337 28.30 -14.92 -5.06
N ALA A 338 27.53 -15.99 -5.18
CA ALA A 338 26.96 -16.67 -4.02
C ALA A 338 27.22 -18.17 -4.09
N PRO A 339 27.34 -18.82 -2.92
CA PRO A 339 27.70 -20.25 -2.89
C PRO A 339 26.56 -21.17 -3.33
N ILE A 340 25.31 -20.68 -3.27
CA ILE A 340 24.18 -21.47 -3.73
C ILE A 340 23.29 -20.60 -4.62
N GLN A 341 23.02 -21.07 -5.82
CA GLN A 341 22.19 -20.31 -6.74
C GLN A 341 21.05 -21.20 -7.27
N ALA A 342 19.83 -20.70 -7.18
CA ALA A 342 18.65 -21.50 -7.48
C ALA A 342 17.73 -20.80 -8.47
N MET A 343 17.18 -21.57 -9.41
CA MET A 343 16.14 -21.08 -10.30
C MET A 343 14.79 -21.13 -9.58
N TRP A 344 14.01 -20.06 -9.69
CA TRP A 344 12.71 -20.05 -9.01
C TRP A 344 11.64 -19.23 -9.74
N LEU A 345 10.57 -19.94 -10.13
CA LEU A 345 9.27 -19.35 -10.41
C LEU A 345 9.12 -18.63 -11.75
N GLY A 346 10.07 -17.79 -12.12
CA GLY A 346 9.91 -16.98 -13.32
C GLY A 346 10.11 -17.74 -14.62
N TYR A 347 10.92 -18.78 -14.60
CA TYR A 347 11.34 -19.45 -15.84
C TYR A 347 10.93 -20.92 -15.79
N PRO A 348 10.04 -21.34 -16.70
CA PRO A 348 9.47 -22.70 -16.66
C PRO A 348 10.28 -23.69 -17.49
N GLY A 349 11.55 -23.85 -17.17
CA GLY A 349 12.39 -24.86 -17.80
C GLY A 349 13.76 -24.85 -17.16
N THR A 350 14.66 -25.71 -17.65
CA THR A 350 16.01 -25.74 -17.12
C THR A 350 16.85 -24.60 -17.68
N SER A 351 17.76 -24.09 -16.87
CA SER A 351 18.72 -23.11 -17.35
C SER A 351 19.80 -23.83 -18.16
N GLY A 352 19.92 -25.13 -17.97
CA GLY A 352 20.93 -25.91 -18.65
C GLY A 352 22.34 -25.51 -18.24
N ALA A 353 22.44 -24.63 -17.25
CA ALA A 353 23.70 -23.95 -16.95
C ALA A 353 24.41 -24.47 -15.70
N LEU A 354 25.73 -24.64 -15.81
CA LEU A 354 26.53 -25.14 -14.69
C LEU A 354 26.50 -24.21 -13.47
N PHE A 355 26.34 -22.91 -13.70
CA PHE A 355 26.35 -21.96 -12.58
C PHE A 355 25.06 -21.94 -11.75
N MET A 356 24.02 -22.62 -12.24
CA MET A 356 22.82 -22.77 -11.42
C MET A 356 22.82 -24.11 -10.69
N ASP A 357 22.63 -24.08 -9.37
CA ASP A 357 22.74 -25.29 -8.56
C ASP A 357 21.44 -26.06 -8.48
N TYR A 358 20.34 -25.32 -8.29
CA TYR A 358 19.04 -25.92 -8.01
C TYR A 358 17.94 -25.32 -8.86
N ILE A 359 16.89 -26.10 -9.10
CA ILE A 359 15.63 -25.55 -9.59
C ILE A 359 14.56 -25.85 -8.54
N ILE A 360 13.83 -24.82 -8.14
CA ILE A 360 12.81 -24.96 -7.14
C ILE A 360 11.53 -25.41 -7.84
N THR A 361 11.08 -26.60 -7.50
CA THR A 361 9.98 -27.21 -8.23
C THR A 361 9.23 -28.09 -7.26
N ASP A 362 8.57 -29.13 -7.74
CA ASP A 362 7.91 -30.07 -6.84
C ASP A 362 7.75 -31.41 -7.55
N GLN A 363 7.30 -32.42 -6.79
CA GLN A 363 7.26 -33.79 -7.29
C GLN A 363 6.24 -33.98 -8.41
N GLU A 364 5.17 -33.18 -8.40
CA GLU A 364 4.18 -33.25 -9.50
C GLU A 364 4.69 -32.60 -10.79
N THR A 365 5.34 -31.44 -10.64
CA THR A 365 5.87 -30.72 -11.80
C THR A 365 7.05 -31.47 -12.38
N SER A 366 7.91 -31.96 -11.50
CA SER A 366 9.19 -32.49 -11.94
C SER A 366 9.52 -33.79 -11.21
N PRO A 367 8.80 -34.87 -11.56
CA PRO A 367 9.05 -36.17 -10.90
C PRO A 367 10.52 -36.58 -11.01
N ALA A 368 11.00 -37.27 -10.00
CA ALA A 368 12.42 -37.63 -9.94
C ALA A 368 12.85 -38.42 -11.15
N GLU A 369 11.89 -39.11 -11.77
CA GLU A 369 12.15 -39.90 -12.97
C GLU A 369 12.72 -39.04 -14.10
N VAL A 370 12.29 -37.78 -14.15
CA VAL A 370 12.71 -36.90 -15.24
C VAL A 370 13.79 -35.92 -14.85
N ALA A 371 14.51 -36.20 -13.77
CA ALA A 371 15.62 -35.33 -13.37
C ALA A 371 16.57 -35.04 -14.54
N GLU A 372 16.62 -35.96 -15.50
CA GLU A 372 17.49 -35.85 -16.67
C GLU A 372 17.17 -34.65 -17.58
N GLN A 373 15.96 -34.13 -17.48
CA GLN A 373 15.55 -32.99 -18.29
C GLN A 373 16.21 -31.70 -17.82
N TYR A 374 16.75 -31.71 -16.61
CA TYR A 374 17.29 -30.51 -15.95
C TYR A 374 18.78 -30.64 -15.71
N SER A 375 19.50 -29.53 -15.81
CA SER A 375 20.90 -29.52 -15.44
C SER A 375 21.02 -29.33 -13.93
N GLU A 376 20.05 -28.62 -13.35
CA GLU A 376 20.03 -28.36 -11.91
C GLU A 376 19.60 -29.59 -11.11
N LYS A 377 20.00 -29.62 -9.85
CA LYS A 377 19.43 -30.58 -8.92
C LYS A 377 18.02 -30.12 -8.60
N LEU A 378 17.12 -31.07 -8.39
CA LEU A 378 15.74 -30.73 -8.05
C LEU A 378 15.64 -30.37 -6.58
N ALA A 379 14.91 -29.30 -6.30
CA ALA A 379 14.64 -28.93 -4.90
C ALA A 379 13.15 -28.78 -4.74
N TYR A 380 12.53 -29.72 -4.02
CA TYR A 380 11.08 -29.81 -3.96
C TYR A 380 10.44 -28.96 -2.88
N MET A 381 9.47 -28.14 -3.28
CA MET A 381 8.49 -27.61 -2.35
C MET A 381 7.50 -28.74 -2.10
N PRO A 382 6.85 -28.74 -0.92
CA PRO A 382 6.07 -29.92 -0.52
C PRO A 382 4.74 -30.08 -1.25
N HIS A 383 4.19 -28.99 -1.78
CA HIS A 383 2.93 -29.09 -2.54
C HIS A 383 3.15 -28.68 -3.99
N THR A 384 2.98 -27.41 -4.31
CA THR A 384 3.44 -26.95 -5.63
C THR A 384 4.48 -25.86 -5.46
N PHE A 385 5.36 -25.67 -6.46
CA PHE A 385 6.28 -24.54 -6.41
C PHE A 385 5.56 -23.29 -6.87
N PHE A 386 4.40 -23.49 -7.50
CA PHE A 386 3.65 -22.32 -7.95
C PHE A 386 2.99 -21.58 -6.79
N ILE A 387 2.87 -20.26 -6.92
CA ILE A 387 2.20 -19.44 -5.93
C ILE A 387 1.57 -18.25 -6.67
N GLY A 388 0.63 -17.57 -6.05
CA GLY A 388 0.03 -16.39 -6.64
C GLY A 388 -0.43 -15.45 -5.55
N ASP A 389 -0.53 -14.16 -5.85
CA ASP A 389 -0.88 -13.20 -4.82
C ASP A 389 -2.36 -12.88 -4.79
N HIS A 390 -3.19 -13.78 -5.32
CA HIS A 390 -4.61 -13.50 -5.47
C HIS A 390 -5.36 -13.15 -4.19
N ALA A 391 -5.03 -13.78 -3.08
CA ALA A 391 -5.74 -13.52 -1.82
C ALA A 391 -5.51 -12.08 -1.36
N ASN A 392 -4.34 -11.54 -1.66
CA ASN A 392 -4.02 -10.15 -1.34
C ASN A 392 -4.50 -9.15 -2.39
N MET A 393 -4.34 -9.48 -3.67
CA MET A 393 -4.73 -8.56 -4.74
C MET A 393 -6.22 -8.55 -5.00
N PHE A 394 -6.87 -9.71 -4.88
CA PHE A 394 -8.28 -9.82 -5.25
C PHE A 394 -9.18 -10.39 -4.15
N PRO A 395 -9.14 -9.79 -2.96
CA PRO A 395 -9.95 -10.31 -1.84
C PRO A 395 -11.45 -10.10 -2.05
N HIS A 396 -11.82 -9.19 -2.94
CA HIS A 396 -13.24 -8.98 -3.25
C HIS A 396 -13.84 -10.19 -3.96
N LEU A 397 -13.00 -11.10 -4.45
CA LEU A 397 -13.47 -12.30 -5.14
C LEU A 397 -13.51 -13.54 -4.24
N LYS A 398 -13.26 -13.34 -2.95
CA LYS A 398 -13.38 -14.43 -1.99
C LYS A 398 -14.82 -14.85 -1.82
N LYS A 399 -15.74 -13.90 -1.97
CA LYS A 399 -17.14 -14.22 -1.85
C LYS A 399 -17.85 -13.67 -3.06
N LYS A 400 -19.04 -14.16 -3.32
CA LYS A 400 -19.84 -13.65 -4.43
C LYS A 400 -21.31 -13.77 -4.11
N ALA A 401 -22.13 -12.97 -4.78
CA ALA A 401 -23.58 -13.15 -4.76
C ALA A 401 -24.02 -13.20 -6.21
N VAL A 402 -25.23 -13.69 -6.46
CA VAL A 402 -25.72 -13.74 -7.83
C VAL A 402 -27.13 -13.16 -7.83
N ILE A 403 -27.60 -12.76 -9.00
CA ILE A 403 -28.96 -12.26 -9.15
C ILE A 403 -29.70 -13.29 -9.97
N ASP A 404 -30.78 -13.85 -9.41
CA ASP A 404 -31.58 -14.84 -10.13
C ASP A 404 -32.53 -14.14 -11.09
N PHE A 405 -32.23 -14.21 -12.39
CA PHE A 405 -32.98 -13.44 -13.37
C PHE A 405 -33.94 -14.28 -14.22
N LYS A 406 -34.64 -15.20 -13.57
CA LYS A 406 -35.64 -16.02 -14.25
C LYS A 406 -36.83 -16.28 -13.32
N ILE A 411 -31.30 -21.97 -10.29
CA ILE A 411 -30.38 -20.98 -9.78
C ILE A 411 -28.98 -21.18 -10.36
N TYR A 412 -28.50 -20.16 -11.07
CA TYR A 412 -27.19 -20.22 -11.71
C TYR A 412 -26.19 -19.41 -10.88
N ASP A 413 -24.96 -19.92 -10.78
CA ASP A 413 -23.93 -19.20 -10.03
C ASP A 413 -22.99 -18.37 -10.90
N ASN A 414 -23.25 -18.30 -12.19
CA ASN A 414 -22.26 -17.70 -13.08
C ASN A 414 -22.86 -16.95 -14.28
N ARG A 415 -24.08 -16.48 -14.10
CA ARG A 415 -24.78 -15.70 -15.12
C ARG A 415 -24.70 -14.21 -14.81
N ILE A 416 -25.11 -13.84 -13.60
N ILE A 416 -25.14 -13.85 -13.61
CA ILE A 416 -25.02 -12.46 -13.13
CA ILE A 416 -25.01 -12.48 -13.12
C ILE A 416 -24.45 -12.47 -11.72
C ILE A 416 -24.40 -12.54 -11.73
N VAL A 417 -23.24 -11.93 -11.57
CA VAL A 417 -22.46 -12.09 -10.36
C VAL A 417 -22.11 -10.76 -9.73
N LEU A 418 -22.16 -10.69 -8.41
CA LEU A 418 -21.70 -9.50 -7.69
C LEU A 418 -20.51 -9.88 -6.79
N ASN A 419 -19.54 -8.99 -6.68
CA ASN A 419 -18.43 -9.12 -5.74
C ASN A 419 -18.13 -7.73 -5.14
N GLY A 420 -17.80 -7.70 -3.87
CA GLY A 420 -17.28 -6.47 -3.29
C GLY A 420 -16.94 -6.62 -1.84
N ILE A 421 -15.95 -5.83 -1.41
CA ILE A 421 -15.61 -5.72 0.00
C ILE A 421 -16.86 -5.47 0.85
N ASP A 422 -17.75 -4.61 0.38
CA ASP A 422 -18.97 -4.30 1.15
C ASP A 422 -20.25 -5.01 0.67
N LEU A 423 -20.09 -6.13 -0.01
CA LEU A 423 -21.26 -6.85 -0.55
C LEU A 423 -22.24 -7.32 0.53
N LYS A 424 -21.73 -7.76 1.67
CA LYS A 424 -22.62 -8.23 2.73
C LYS A 424 -23.56 -7.14 3.19
N ALA A 425 -23.01 -5.96 3.44
CA ALA A 425 -23.76 -4.78 3.86
C ALA A 425 -24.83 -4.40 2.84
N PHE A 426 -24.49 -4.48 1.55
CA PHE A 426 -25.44 -4.23 0.49
C PHE A 426 -26.61 -5.23 0.54
N LEU A 427 -26.27 -6.52 0.52
CA LEU A 427 -27.29 -7.56 0.63
C LEU A 427 -28.16 -7.34 1.86
N ASP A 428 -27.56 -6.92 2.97
CA ASP A 428 -28.33 -6.69 4.19
C ASP A 428 -29.35 -5.56 4.06
N SER A 429 -29.14 -4.66 3.12
CA SER A 429 -30.07 -3.56 2.93
C SER A 429 -31.21 -4.02 2.03
N LEU A 430 -31.12 -5.26 1.55
CA LEU A 430 -32.10 -5.82 0.64
C LEU A 430 -33.09 -6.74 1.35
N PRO A 431 -34.38 -6.58 1.05
CA PRO A 431 -35.47 -7.33 1.68
C PRO A 431 -35.53 -8.83 1.40
N ASP A 432 -35.47 -9.26 0.13
CA ASP A 432 -35.84 -10.64 -0.20
C ASP A 432 -34.69 -11.56 -0.63
N VAL A 433 -33.53 -11.39 -0.02
CA VAL A 433 -32.34 -12.19 -0.33
C VAL A 433 -32.44 -13.62 0.18
N LYS A 434 -32.21 -14.59 -0.71
CA LYS A 434 -32.17 -16.00 -0.33
C LYS A 434 -30.74 -16.54 -0.29
N ILE A 435 -30.47 -17.37 0.71
CA ILE A 435 -29.12 -17.91 0.89
C ILE A 435 -29.05 -19.39 0.50
N VAL A 436 -28.43 -19.68 -0.64
CA VAL A 436 -28.26 -21.06 -1.06
C VAL A 436 -27.02 -21.66 -0.41
N LYS A 437 -27.18 -22.81 0.25
CA LYS A 437 -26.06 -23.47 0.93
C LYS A 437 -25.15 -24.18 -0.06
N MET A 438 -23.84 -24.06 0.16
CA MET A 438 -22.84 -24.68 -0.71
C MET A 438 -22.31 -25.97 -0.10
N LEU A 454 -18.50 -21.50 1.80
CA LEU A 454 -19.45 -20.71 2.58
C LEU A 454 -20.87 -20.83 2.03
N ASN A 455 -21.48 -19.69 1.71
CA ASN A 455 -22.81 -19.67 1.12
C ASN A 455 -22.93 -18.68 -0.03
N MET A 456 -23.89 -18.92 -0.91
CA MET A 456 -24.12 -18.01 -2.04
C MET A 456 -25.47 -17.31 -1.90
N PRO A 457 -25.43 -16.03 -1.56
CA PRO A 457 -26.67 -15.24 -1.51
C PRO A 457 -27.21 -15.00 -2.91
N VAL A 458 -28.53 -15.03 -3.03
CA VAL A 458 -29.20 -14.86 -4.32
C VAL A 458 -30.19 -13.71 -4.22
N ILE A 459 -30.08 -12.73 -5.12
CA ILE A 459 -31.02 -11.61 -5.15
C ILE A 459 -32.10 -11.87 -6.19
N PRO A 460 -33.38 -11.74 -5.80
CA PRO A 460 -34.51 -12.04 -6.69
C PRO A 460 -34.65 -11.05 -7.85
N MET A 461 -35.24 -11.51 -8.95
CA MET A 461 -35.40 -10.69 -10.16
C MET A 461 -36.46 -9.59 -9.99
N ASN A 462 -36.24 -8.72 -9.02
CA ASN A 462 -37.16 -7.62 -8.80
C ASN A 462 -36.57 -6.27 -9.23
N THR A 463 -37.07 -5.20 -8.62
CA THR A 463 -36.73 -3.83 -8.99
C THR A 463 -35.22 -3.57 -8.98
N ILE A 464 -34.58 -3.88 -7.86
CA ILE A 464 -33.13 -3.73 -7.76
C ILE A 464 -32.41 -4.50 -8.88
N ALA A 465 -32.89 -5.70 -9.22
CA ALA A 465 -32.25 -6.52 -10.25
C ALA A 465 -32.48 -5.98 -11.65
N GLU A 466 -33.57 -5.26 -11.86
CA GLU A 466 -33.82 -4.69 -13.17
C GLU A 466 -32.89 -3.53 -13.42
N ALA A 467 -32.71 -2.72 -12.38
CA ALA A 467 -31.85 -1.54 -12.45
C ALA A 467 -30.42 -1.95 -12.78
N VAL A 468 -30.01 -3.09 -12.23
CA VAL A 468 -28.68 -3.60 -12.53
C VAL A 468 -28.52 -4.02 -14.00
N ILE A 469 -29.48 -4.75 -14.55
CA ILE A 469 -29.35 -5.18 -15.93
C ILE A 469 -29.53 -4.03 -16.90
N GLU A 470 -30.27 -3.02 -16.48
CA GLU A 470 -30.45 -1.83 -17.31
C GLU A 470 -29.12 -1.10 -17.45
N MET A 471 -28.40 -0.96 -16.35
CA MET A 471 -27.06 -0.39 -16.37
C MET A 471 -26.20 -1.10 -17.42
N ILE A 472 -26.12 -2.41 -17.31
CA ILE A 472 -25.35 -3.23 -18.23
C ILE A 472 -25.79 -3.00 -19.69
N ASN A 473 -27.07 -3.15 -19.96
CA ASN A 473 -27.59 -2.98 -21.32
C ASN A 473 -27.29 -1.60 -21.93
N ARG A 474 -27.37 -0.56 -21.11
CA ARG A 474 -27.17 0.81 -21.58
C ARG A 474 -25.70 1.21 -21.62
N GLY A 475 -24.81 0.32 -21.18
CA GLY A 475 -23.40 0.64 -21.13
C GLY A 475 -23.05 1.69 -20.07
N GLN A 476 -23.97 1.92 -19.14
CA GLN A 476 -23.72 2.84 -18.03
C GLN A 476 -22.56 2.37 -17.15
N ILE A 477 -21.82 3.34 -16.60
CA ILE A 477 -20.60 3.05 -15.85
C ILE A 477 -20.85 2.55 -14.43
N GLN A 478 -21.85 3.13 -13.78
CA GLN A 478 -22.15 2.78 -12.39
C GLN A 478 -23.53 3.30 -12.02
N ILE A 479 -24.10 2.75 -10.97
CA ILE A 479 -25.34 3.27 -10.41
C ILE A 479 -25.21 3.26 -8.90
N THR A 480 -26.26 3.70 -8.21
CA THR A 480 -26.28 3.73 -6.77
C THR A 480 -27.53 3.03 -6.32
N ILE A 481 -27.41 2.08 -5.39
CA ILE A 481 -28.58 1.43 -4.82
C ILE A 481 -28.48 1.40 -3.30
N ASN A 482 -29.45 2.02 -2.63
CA ASN A 482 -29.44 2.11 -1.18
C ASN A 482 -28.13 2.68 -0.67
N GLY A 483 -27.58 3.63 -1.43
CA GLY A 483 -26.38 4.32 -1.00
C GLY A 483 -25.09 3.60 -1.37
N PHE A 484 -25.23 2.38 -1.88
CA PHE A 484 -24.06 1.59 -2.29
C PHE A 484 -23.69 1.85 -3.74
N SER A 485 -22.38 1.91 -4.01
CA SER A 485 -21.87 2.07 -5.37
C SER A 485 -21.87 0.73 -6.10
N ILE A 486 -22.65 0.64 -7.17
CA ILE A 486 -22.68 -0.57 -8.01
C ILE A 486 -22.02 -0.27 -9.35
N SER A 487 -20.90 -0.93 -9.64
CA SER A 487 -20.10 -0.59 -10.82
C SER A 487 -20.29 -1.60 -11.95
N ASN A 488 -20.34 -1.10 -13.19
CA ASN A 488 -20.29 -1.96 -14.37
C ASN A 488 -18.89 -2.55 -14.49
N GLY A 489 -18.79 -3.88 -14.48
CA GLY A 489 -17.49 -4.54 -14.50
C GLY A 489 -16.68 -4.30 -15.76
N LEU A 490 -17.32 -3.81 -16.82
CA LEU A 490 -16.61 -3.49 -18.06
C LEU A 490 -15.96 -2.11 -18.00
N ALA A 491 -16.24 -1.37 -16.93
CA ALA A 491 -15.83 0.04 -16.88
C ALA A 491 -14.81 0.38 -15.78
N THR A 492 -14.12 -0.62 -15.28
CA THR A 492 -13.26 -0.40 -14.12
C THR A 492 -12.17 0.65 -14.37
N THR A 493 -11.67 0.73 -15.60
CA THR A 493 -10.59 1.71 -15.83
C THR A 493 -11.09 3.15 -15.70
N GLN A 494 -12.39 3.34 -15.90
CA GLN A 494 -13.00 4.66 -15.79
C GLN A 494 -13.35 5.02 -14.34
N ILE A 495 -13.41 4.01 -13.48
CA ILE A 495 -13.79 4.20 -12.08
C ILE A 495 -12.56 4.30 -11.19
N ASN A 496 -11.64 3.36 -11.35
CA ASN A 496 -10.40 3.39 -10.59
C ASN A 496 -9.34 2.57 -11.32
N ASN A 497 -8.46 3.26 -12.05
CA ASN A 497 -7.51 2.55 -12.90
C ASN A 497 -6.55 1.64 -12.12
N LYS A 498 -6.20 2.05 -10.90
CA LYS A 498 -5.34 1.21 -10.05
C LYS A 498 -6.05 -0.07 -9.60
N ALA A 499 -7.36 0.00 -9.38
CA ALA A 499 -8.14 -1.21 -9.11
C ALA A 499 -8.18 -2.13 -10.33
N ALA A 500 -8.32 -1.53 -11.51
CA ALA A 500 -8.34 -2.31 -12.75
C ALA A 500 -7.05 -3.12 -12.97
N THR A 501 -5.89 -2.55 -12.64
CA THR A 501 -4.63 -3.24 -12.89
C THR A 501 -4.20 -4.13 -11.74
N GLY A 502 -4.98 -4.13 -10.66
CA GLY A 502 -4.66 -4.95 -9.50
C GLY A 502 -3.72 -4.28 -8.50
N GLU A 503 -3.39 -3.01 -8.72
CA GLU A 503 -2.55 -2.25 -7.79
C GLU A 503 -3.28 -1.84 -6.49
N GLU A 504 -4.61 -1.76 -6.56
CA GLU A 504 -5.45 -1.44 -5.41
C GLU A 504 -6.66 -2.38 -5.41
N VAL A 505 -7.22 -2.66 -4.24
CA VAL A 505 -8.44 -3.45 -4.15
C VAL A 505 -9.63 -2.53 -4.48
N PRO A 506 -10.53 -2.98 -5.38
CA PRO A 506 -11.69 -2.14 -5.69
C PRO A 506 -12.45 -1.77 -4.42
N ARG A 507 -13.00 -0.56 -4.39
CA ARG A 507 -13.73 -0.09 -3.22
C ARG A 507 -15.24 0.02 -3.49
N THR A 508 -15.66 -0.39 -4.69
CA THR A 508 -17.09 -0.47 -5.01
C THR A 508 -17.52 -1.92 -5.21
N ILE A 509 -18.83 -2.13 -5.32
CA ILE A 509 -19.38 -3.45 -5.63
C ILE A 509 -19.47 -3.55 -7.15
N ILE A 510 -19.00 -4.68 -7.69
CA ILE A 510 -18.86 -4.81 -9.12
C ILE A 510 -19.77 -5.90 -9.67
N VAL A 511 -20.37 -5.64 -10.82
N VAL A 511 -20.34 -5.65 -10.84
CA VAL A 511 -21.31 -6.58 -11.44
CA VAL A 511 -21.28 -6.59 -11.42
C VAL A 511 -20.65 -7.18 -12.66
C VAL A 511 -20.65 -7.18 -12.66
N THR A 512 -20.70 -8.50 -12.77
CA THR A 512 -20.12 -9.22 -13.90
C THR A 512 -21.18 -10.14 -14.46
N THR A 513 -21.35 -10.16 -15.79
CA THR A 513 -22.46 -10.90 -16.37
C THR A 513 -22.11 -11.51 -17.71
N ARG A 514 -22.77 -12.61 -18.05
CA ARG A 514 -22.54 -13.23 -19.34
C ARG A 514 -22.86 -12.26 -20.49
N SER A 515 -23.92 -11.47 -20.34
CA SER A 515 -24.29 -10.53 -21.40
C SER A 515 -23.18 -9.50 -21.72
N GLN A 516 -22.33 -9.16 -20.74
CA GLN A 516 -21.21 -8.23 -20.96
C GLN A 516 -20.26 -8.79 -21.99
N TYR A 517 -20.27 -10.11 -22.14
CA TYR A 517 -19.30 -10.71 -23.05
C TYR A 517 -19.91 -11.46 -24.22
N GLY A 518 -21.24 -11.42 -24.33
CA GLY A 518 -21.96 -12.12 -25.38
C GLY A 518 -22.00 -13.63 -25.18
N LEU A 519 -21.87 -14.07 -23.93
N LEU A 519 -21.86 -14.04 -23.93
CA LEU A 519 -21.88 -15.49 -23.61
CA LEU A 519 -21.93 -15.46 -23.60
C LEU A 519 -23.32 -16.00 -23.39
C LEU A 519 -23.40 -15.91 -23.66
N PRO A 520 -23.64 -17.20 -23.92
CA PRO A 520 -25.03 -17.68 -23.85
C PRO A 520 -25.51 -17.88 -22.42
N GLU A 521 -26.68 -17.35 -22.09
CA GLU A 521 -27.31 -17.56 -20.78
C GLU A 521 -27.69 -19.00 -20.45
N ASP A 522 -27.83 -19.85 -21.46
CA ASP A 522 -28.33 -21.21 -21.21
C ASP A 522 -27.40 -22.33 -21.68
N ALA A 523 -26.10 -22.07 -21.70
CA ALA A 523 -25.17 -23.08 -22.19
C ALA A 523 -23.97 -23.21 -21.29
N ILE A 524 -23.22 -24.28 -21.50
CA ILE A 524 -22.01 -24.52 -20.72
C ILE A 524 -20.91 -23.69 -21.38
N VAL A 525 -20.10 -22.99 -20.57
CA VAL A 525 -19.00 -22.18 -21.08
C VAL A 525 -17.67 -22.81 -20.68
N TYR A 526 -16.93 -23.29 -21.67
CA TYR A 526 -15.57 -23.74 -21.46
C TYR A 526 -14.66 -22.58 -21.82
N CYS A 527 -13.72 -22.21 -20.93
CA CYS A 527 -12.86 -21.05 -21.22
C CYS A 527 -11.39 -21.48 -21.40
N ASN A 528 -10.61 -20.60 -22.02
CA ASN A 528 -9.16 -20.68 -21.90
C ASN A 528 -8.62 -19.28 -22.17
N PHE A 529 -7.99 -18.66 -21.17
CA PHE A 529 -7.62 -17.24 -21.27
C PHE A 529 -6.13 -17.04 -21.50
N ASN A 530 -5.46 -18.08 -21.99
CA ASN A 530 -4.04 -17.95 -22.31
C ASN A 530 -3.79 -17.20 -23.62
N GLN A 531 -2.56 -16.74 -23.82
CA GLN A 531 -2.14 -16.30 -25.14
C GLN A 531 -2.33 -17.47 -26.11
N LEU A 532 -2.77 -17.16 -27.32
CA LEU A 532 -3.13 -18.21 -28.28
C LEU A 532 -1.96 -19.12 -28.71
N TYR A 533 -0.72 -18.68 -28.51
CA TYR A 533 0.42 -19.47 -28.98
C TYR A 533 0.51 -20.85 -28.27
N LYS A 534 -0.17 -20.97 -27.14
CA LYS A 534 -0.17 -22.21 -26.37
C LYS A 534 -1.05 -23.31 -26.97
N ILE A 535 -1.92 -22.93 -27.90
CA ILE A 535 -2.80 -23.88 -28.60
CA ILE A 535 -2.75 -23.95 -28.53
C ILE A 535 -2.10 -24.50 -29.80
N ASP A 536 -2.34 -25.77 -30.06
CA ASP A 536 -1.83 -26.41 -31.28
C ASP A 536 -2.96 -27.21 -31.93
N PRO A 537 -2.71 -27.81 -33.12
CA PRO A 537 -3.81 -28.50 -33.80
C PRO A 537 -4.48 -29.60 -32.99
N SER A 538 -3.68 -30.43 -32.30
CA SER A 538 -4.22 -31.50 -31.48
C SER A 538 -5.12 -30.97 -30.39
N THR A 539 -4.71 -29.86 -29.78
CA THR A 539 -5.48 -29.27 -28.69
C THR A 539 -6.83 -28.77 -29.22
N LEU A 540 -6.83 -28.05 -30.33
CA LEU A 540 -8.09 -27.52 -30.83
C LEU A 540 -9.02 -28.68 -31.25
N GLN A 541 -8.45 -29.75 -31.79
CA GLN A 541 -9.24 -30.94 -32.13
C GLN A 541 -9.89 -31.54 -30.90
N MET A 542 -9.12 -31.65 -29.81
CA MET A 542 -9.66 -32.12 -28.54
C MET A 542 -10.86 -31.28 -28.10
N TRP A 543 -10.69 -29.96 -28.19
CA TRP A 543 -11.73 -29.02 -27.82
C TRP A 543 -12.94 -29.16 -28.72
N ALA A 544 -12.69 -29.31 -30.03
CA ALA A 544 -13.79 -29.48 -30.97
C ALA A 544 -14.59 -30.73 -30.63
N ASN A 545 -13.89 -31.79 -30.22
CA ASN A 545 -14.56 -33.05 -29.90
C ASN A 545 -15.47 -32.88 -28.69
N ILE A 546 -15.02 -32.07 -27.73
N ILE A 546 -15.02 -32.08 -27.74
CA ILE A 546 -15.78 -31.80 -26.52
CA ILE A 546 -15.78 -31.77 -26.54
C ILE A 546 -17.04 -31.00 -26.83
C ILE A 546 -17.06 -31.03 -26.88
N LEU A 547 -16.90 -29.92 -27.60
CA LEU A 547 -18.02 -29.10 -28.01
C LEU A 547 -19.07 -29.90 -28.79
N LYS A 548 -18.63 -30.77 -29.71
CA LYS A 548 -19.53 -31.67 -30.43
C LYS A 548 -20.33 -32.62 -29.52
N ARG A 549 -19.74 -32.98 -28.38
CA ARG A 549 -20.40 -33.88 -27.44
C ARG A 549 -21.34 -33.20 -26.46
N VAL A 550 -21.26 -31.86 -26.37
CA VAL A 550 -22.02 -31.10 -25.38
C VAL A 550 -22.80 -30.01 -26.10
N PRO A 551 -23.99 -30.37 -26.59
CA PRO A 551 -24.85 -29.52 -27.45
C PRO A 551 -24.93 -28.07 -26.99
N ASN A 552 -25.23 -27.85 -25.72
CA ASN A 552 -25.39 -26.49 -25.27
C ASN A 552 -24.07 -26.02 -24.69
N SER A 553 -23.10 -25.73 -25.57
CA SER A 553 -21.78 -25.29 -25.10
C SER A 553 -21.00 -24.37 -26.07
N VAL A 554 -20.20 -23.50 -25.47
CA VAL A 554 -19.36 -22.59 -26.22
C VAL A 554 -17.94 -22.65 -25.66
N LEU A 555 -16.96 -22.31 -26.50
CA LEU A 555 -15.57 -22.19 -26.05
C LEU A 555 -15.29 -20.70 -26.01
N TRP A 556 -14.71 -20.23 -24.91
CA TRP A 556 -14.48 -18.81 -24.69
C TRP A 556 -12.97 -18.55 -24.73
N LEU A 557 -12.50 -17.83 -25.75
CA LEU A 557 -11.05 -17.53 -25.90
C LEU A 557 -10.82 -16.04 -26.02
N LEU A 558 -9.54 -15.63 -26.05
CA LEU A 558 -9.18 -14.22 -26.07
C LEU A 558 -8.46 -13.84 -27.35
N ARG A 559 -8.62 -12.59 -27.76
CA ARG A 559 -7.92 -12.05 -28.90
C ARG A 559 -6.51 -11.71 -28.40
N PHE A 560 -5.65 -12.74 -28.42
CA PHE A 560 -4.38 -12.67 -27.68
C PHE A 560 -3.31 -13.35 -28.53
N PRO A 561 -3.03 -12.80 -29.73
CA PRO A 561 -3.59 -11.54 -30.24
C PRO A 561 -4.79 -11.72 -31.17
N ALA A 562 -5.53 -10.63 -31.35
CA ALA A 562 -6.65 -10.56 -32.29
C ALA A 562 -6.37 -11.23 -33.65
N VAL A 563 -5.16 -11.10 -34.19
CA VAL A 563 -4.90 -11.66 -35.51
C VAL A 563 -4.84 -13.20 -35.49
N GLY A 564 -4.88 -13.80 -34.31
CA GLY A 564 -5.06 -15.24 -34.18
C GLY A 564 -6.50 -15.69 -34.35
N GLU A 565 -7.46 -14.80 -34.08
CA GLU A 565 -8.89 -15.16 -34.12
C GLU A 565 -9.33 -15.80 -35.43
N PRO A 566 -9.01 -15.17 -36.58
CA PRO A 566 -9.52 -15.75 -37.82
C PRO A 566 -8.86 -17.08 -38.17
N ASN A 567 -7.65 -17.35 -37.66
CA ASN A 567 -7.02 -18.64 -37.90
C ASN A 567 -7.71 -19.75 -37.08
N ILE A 568 -7.94 -19.49 -35.80
CA ILE A 568 -8.67 -20.41 -34.95
C ILE A 568 -10.06 -20.69 -35.52
N GLN A 569 -10.74 -19.65 -35.99
CA GLN A 569 -12.09 -19.83 -36.49
C GLN A 569 -12.12 -20.70 -37.74
N GLN A 570 -11.17 -20.49 -38.65
CA GLN A 570 -11.09 -21.31 -39.86
C GLN A 570 -10.86 -22.79 -39.53
N TYR A 571 -9.94 -23.05 -38.62
CA TYR A 571 -9.64 -24.43 -38.24
C TYR A 571 -10.84 -25.07 -37.53
N ALA A 572 -11.51 -24.29 -36.70
CA ALA A 572 -12.73 -24.75 -36.03
C ALA A 572 -13.82 -25.08 -37.05
N GLN A 573 -14.02 -24.18 -38.02
CA GLN A 573 -15.00 -24.41 -39.07
C GLN A 573 -14.69 -25.67 -39.86
N ASN A 574 -13.40 -25.87 -40.16
CA ASN A 574 -12.97 -27.09 -40.85
C ASN A 574 -13.25 -28.33 -40.03
N MET A 575 -13.29 -28.18 -38.71
CA MET A 575 -13.58 -29.30 -37.81
C MET A 575 -15.08 -29.49 -37.64
N GLY A 576 -15.87 -28.68 -38.33
CA GLY A 576 -17.31 -28.83 -38.30
C GLY A 576 -17.98 -28.06 -37.17
N LEU A 577 -17.27 -27.08 -36.61
CA LEU A 577 -17.86 -26.20 -35.60
C LEU A 577 -18.32 -24.89 -36.23
N PRO A 578 -19.62 -24.58 -36.10
CA PRO A 578 -20.14 -23.29 -36.53
C PRO A 578 -19.52 -22.12 -35.77
N GLN A 579 -19.44 -20.97 -36.44
CA GLN A 579 -18.84 -19.78 -35.87
C GLN A 579 -19.31 -19.50 -34.44
N ASN A 580 -20.57 -19.82 -34.15
CA ASN A 580 -21.15 -19.50 -32.85
C ASN A 580 -20.84 -20.46 -31.72
N ARG A 581 -19.94 -21.41 -31.94
CA ARG A 581 -19.50 -22.30 -30.88
C ARG A 581 -18.31 -21.66 -30.15
N ILE A 582 -17.69 -20.68 -30.78
CA ILE A 582 -16.51 -20.06 -30.18
C ILE A 582 -16.75 -18.56 -29.99
N ILE A 583 -16.56 -18.09 -28.77
CA ILE A 583 -16.74 -16.68 -28.46
C ILE A 583 -15.41 -16.03 -28.07
N PHE A 584 -15.08 -14.93 -28.74
CA PHE A 584 -13.82 -14.23 -28.44
C PHE A 584 -14.08 -12.97 -27.65
N SER A 585 -13.25 -12.72 -26.64
CA SER A 585 -13.26 -11.44 -25.94
C SER A 585 -11.89 -10.76 -26.09
N PRO A 586 -11.87 -9.43 -26.00
CA PRO A 586 -10.62 -8.70 -25.90
C PRO A 586 -9.89 -9.05 -24.61
N VAL A 587 -8.56 -9.01 -24.62
CA VAL A 587 -7.77 -9.07 -23.39
C VAL A 587 -8.23 -7.91 -22.52
N ALA A 588 -8.30 -8.16 -21.21
CA ALA A 588 -8.85 -7.18 -20.29
C ALA A 588 -7.82 -6.77 -19.23
N PRO A 589 -8.05 -5.63 -18.57
CA PRO A 589 -7.22 -5.28 -17.40
C PRO A 589 -7.19 -6.44 -16.41
N LYS A 590 -6.14 -6.48 -15.60
CA LYS A 590 -5.85 -7.63 -14.74
C LYS A 590 -7.04 -8.05 -13.87
N GLU A 591 -7.63 -7.10 -13.16
CA GLU A 591 -8.74 -7.40 -12.24
C GLU A 591 -9.97 -7.97 -12.94
N GLU A 592 -10.34 -7.36 -14.07
CA GLU A 592 -11.48 -7.82 -14.87
C GLU A 592 -11.26 -9.22 -15.43
N HIS A 593 -10.03 -9.48 -15.87
CA HIS A 593 -9.64 -10.80 -16.37
C HIS A 593 -9.87 -11.88 -15.32
N VAL A 594 -9.42 -11.63 -14.10
CA VAL A 594 -9.56 -12.63 -13.04
C VAL A 594 -11.04 -12.74 -12.66
N ARG A 595 -11.71 -11.59 -12.56
CA ARG A 595 -13.11 -11.56 -12.12
C ARG A 595 -14.07 -12.24 -13.10
N ARG A 596 -13.85 -12.05 -14.39
CA ARG A 596 -14.77 -12.64 -15.37
C ARG A 596 -14.60 -14.15 -15.53
N GLY A 597 -13.54 -14.73 -14.99
CA GLY A 597 -13.43 -16.18 -14.91
C GLY A 597 -14.61 -16.81 -14.18
N GLN A 598 -15.19 -16.08 -13.23
CA GLN A 598 -16.42 -16.53 -12.56
C GLN A 598 -17.58 -16.84 -13.52
N LEU A 599 -17.53 -16.32 -14.74
CA LEU A 599 -18.64 -16.53 -15.68
C LEU A 599 -18.59 -17.87 -16.38
N ALA A 600 -17.41 -18.49 -16.36
CA ALA A 600 -17.24 -19.76 -17.06
C ALA A 600 -17.73 -20.91 -16.20
N ASP A 601 -18.02 -22.05 -16.84
CA ASP A 601 -18.34 -23.27 -16.11
C ASP A 601 -17.07 -24.07 -15.81
N VAL A 602 -16.22 -24.17 -16.82
CA VAL A 602 -15.03 -25.04 -16.78
C VAL A 602 -13.93 -24.41 -17.64
N CYS A 603 -12.68 -24.48 -17.18
CA CYS A 603 -11.51 -24.05 -18.00
C CYS A 603 -10.87 -25.26 -18.66
N LEU A 604 -10.66 -25.20 -19.98
CA LEU A 604 -9.95 -26.26 -20.66
C LEU A 604 -8.47 -25.87 -20.85
N ASP A 605 -7.58 -26.45 -20.05
CA ASP A 605 -6.17 -26.05 -20.06
C ASP A 605 -5.47 -26.59 -21.31
N THR A 606 -4.50 -25.80 -21.79
CA THR A 606 -3.69 -26.16 -22.95
C THR A 606 -2.58 -27.15 -22.58
N PRO A 607 -2.58 -28.35 -23.19
CA PRO A 607 -1.58 -29.38 -22.83
C PRO A 607 -0.16 -29.05 -23.29
N LEU A 608 -0.02 -28.35 -24.42
CA LEU A 608 1.30 -28.05 -24.95
C LEU A 608 2.13 -27.23 -23.94
N CYS A 609 1.53 -26.16 -23.46
CA CYS A 609 2.10 -25.31 -22.43
C CYS A 609 0.90 -24.83 -21.62
N ASN A 610 0.85 -25.20 -20.34
CA ASN A 610 -0.31 -24.91 -19.51
C ASN A 610 -0.47 -23.43 -19.23
N GLY A 611 -1.63 -23.06 -18.70
CA GLY A 611 -1.76 -21.81 -17.96
C GLY A 611 -0.89 -21.91 -16.72
N HIS A 612 -0.12 -20.86 -16.41
CA HIS A 612 0.69 -20.89 -15.20
C HIS A 612 0.10 -19.81 -14.31
N THR A 613 0.50 -18.56 -14.52
CA THR A 613 -0.20 -17.44 -13.90
C THR A 613 -1.71 -17.59 -14.20
N THR A 614 -2.00 -17.92 -15.45
CA THR A 614 -3.36 -17.99 -15.98
C THR A 614 -4.20 -19.08 -15.33
N GLY A 615 -3.55 -20.17 -14.99
CA GLY A 615 -4.17 -21.22 -14.20
C GLY A 615 -4.51 -20.75 -12.80
N MET A 616 -3.58 -20.07 -12.14
CA MET A 616 -3.90 -19.50 -10.82
C MET A 616 -5.07 -18.52 -10.94
N ASP A 617 -5.09 -17.73 -12.01
CA ASP A 617 -6.15 -16.74 -12.19
C ASP A 617 -7.52 -17.40 -12.22
N VAL A 618 -7.62 -18.48 -12.99
CA VAL A 618 -8.90 -19.12 -13.25
C VAL A 618 -9.38 -19.85 -12.00
N LEU A 619 -8.45 -20.47 -11.27
CA LEU A 619 -8.80 -21.17 -10.03
C LEU A 619 -9.26 -20.21 -8.93
N TRP A 620 -8.71 -19.01 -8.90
CA TRP A 620 -9.12 -18.04 -7.88
C TRP A 620 -10.59 -17.69 -8.05
N ALA A 621 -11.10 -17.84 -9.29
CA ALA A 621 -12.50 -17.54 -9.60
C ALA A 621 -13.40 -18.71 -9.18
N GLY A 622 -12.77 -19.83 -8.83
CA GLY A 622 -13.51 -21.02 -8.45
C GLY A 622 -13.87 -21.89 -9.64
N THR A 623 -13.14 -21.70 -10.75
CA THR A 623 -13.46 -22.41 -11.99
C THR A 623 -12.57 -23.63 -12.12
N PRO A 624 -13.18 -24.84 -12.14
CA PRO A 624 -12.46 -26.09 -12.40
C PRO A 624 -11.70 -25.98 -13.70
N MET A 625 -10.46 -26.46 -13.68
CA MET A 625 -9.63 -26.49 -14.87
C MET A 625 -9.32 -27.94 -15.19
N VAL A 626 -9.57 -28.36 -16.43
CA VAL A 626 -9.21 -29.71 -16.86
C VAL A 626 -7.82 -29.67 -17.49
N THR A 627 -6.94 -30.59 -17.10
CA THR A 627 -5.59 -30.58 -17.65
C THR A 627 -5.09 -31.98 -18.02
N MET A 628 -4.16 -32.03 -18.96
CA MET A 628 -3.48 -33.26 -19.33
C MET A 628 -1.98 -33.01 -19.24
N PRO A 629 -1.36 -33.36 -18.09
CA PRO A 629 0.07 -33.07 -17.93
C PRO A 629 0.94 -33.83 -18.93
N GLY A 630 1.96 -33.17 -19.44
CA GLY A 630 2.85 -33.79 -20.41
C GLY A 630 4.15 -34.19 -19.74
N GLU A 631 5.26 -34.01 -20.43
CA GLU A 631 6.56 -34.32 -19.84
C GLU A 631 7.41 -33.10 -19.47
N THR A 632 7.29 -32.01 -20.24
CA THR A 632 8.07 -30.81 -19.92
C THR A 632 7.51 -30.13 -18.66
N LEU A 633 8.37 -29.38 -17.98
CA LEU A 633 7.93 -28.58 -16.85
C LEU A 633 6.71 -27.73 -17.21
N ALA A 634 6.75 -27.03 -18.36
CA ALA A 634 5.67 -26.10 -18.71
C ALA A 634 4.32 -26.80 -18.96
N SER A 635 4.37 -28.09 -19.29
CA SER A 635 3.16 -28.85 -19.60
C SER A 635 2.57 -29.54 -18.37
N ARG A 636 3.23 -29.39 -17.22
CA ARG A 636 2.81 -30.10 -16.00
C ARG A 636 2.42 -29.18 -14.84
N VAL A 637 2.54 -27.87 -15.02
CA VAL A 637 2.29 -26.92 -13.95
C VAL A 637 0.83 -26.92 -13.46
N ALA A 638 -0.11 -26.96 -14.40
CA ALA A 638 -1.53 -26.96 -14.04
C ALA A 638 -1.90 -28.20 -13.19
N ALA A 639 -1.43 -29.37 -13.58
CA ALA A 639 -1.69 -30.56 -12.77
C ALA A 639 -1.11 -30.41 -11.35
N SER A 640 0.04 -29.76 -11.23
CA SER A 640 0.65 -29.51 -9.92
C SER A 640 -0.25 -28.59 -9.09
N GLN A 641 -0.80 -27.55 -9.72
CA GLN A 641 -1.70 -26.63 -9.05
C GLN A 641 -2.94 -27.38 -8.58
N LEU A 642 -3.47 -28.24 -9.44
CA LEU A 642 -4.69 -28.99 -9.15
C LEU A 642 -4.48 -29.98 -8.04
N THR A 643 -3.30 -30.57 -8.03
CA THR A 643 -2.94 -31.56 -7.02
C THR A 643 -2.85 -30.89 -5.66
N CYS A 644 -2.24 -29.70 -5.62
CA CYS A 644 -2.16 -28.96 -4.38
C CYS A 644 -3.57 -28.58 -3.94
N LEU A 645 -4.37 -28.19 -4.91
CA LEU A 645 -5.73 -27.75 -4.65
C LEU A 645 -6.52 -28.89 -4.06
N GLY A 646 -6.23 -30.11 -4.51
CA GLY A 646 -6.88 -31.31 -4.04
C GLY A 646 -7.99 -31.74 -4.98
N CYS A 647 -7.76 -31.60 -6.28
CA CYS A 647 -8.72 -31.98 -7.30
C CYS A 647 -8.08 -32.91 -8.31
N LEU A 648 -7.75 -34.13 -7.86
CA LEU A 648 -7.10 -35.12 -8.71
C LEU A 648 -7.98 -35.55 -9.89
N GLU A 649 -9.29 -35.46 -9.72
CA GLU A 649 -10.23 -35.86 -10.77
C GLU A 649 -10.18 -35.00 -12.04
N LEU A 650 -9.46 -33.89 -11.99
CA LEU A 650 -9.43 -32.95 -13.12
C LEU A 650 -8.19 -33.10 -13.96
N ILE A 651 -7.36 -34.06 -13.56
CA ILE A 651 -6.11 -34.36 -14.24
C ILE A 651 -6.25 -35.60 -15.15
N ALA A 652 -6.10 -35.40 -16.46
CA ALA A 652 -6.26 -36.45 -17.45
C ALA A 652 -4.95 -37.13 -17.80
N LYS A 653 -4.98 -38.45 -17.96
CA LYS A 653 -3.81 -39.23 -18.33
C LYS A 653 -3.59 -39.33 -19.83
N ASN A 654 -4.61 -39.01 -20.61
CA ASN A 654 -4.51 -39.05 -22.07
C ASN A 654 -5.68 -38.27 -22.66
N ARG A 655 -5.67 -38.06 -23.98
CA ARG A 655 -6.69 -37.21 -24.63
C ARG A 655 -8.12 -37.68 -24.42
N GLN A 656 -8.35 -38.99 -24.47
CA GLN A 656 -9.69 -39.50 -24.25
C GLN A 656 -10.20 -39.15 -22.86
N GLU A 657 -9.35 -39.27 -21.84
CA GLU A 657 -9.77 -38.94 -20.48
C GLU A 657 -10.00 -37.44 -20.33
N TYR A 658 -9.20 -36.63 -21.03
CA TYR A 658 -9.36 -35.19 -21.01
C TYR A 658 -10.74 -34.85 -21.57
N GLU A 659 -11.05 -35.41 -22.73
CA GLU A 659 -12.38 -35.21 -23.31
C GLU A 659 -13.51 -35.72 -22.39
N ASP A 660 -13.34 -36.91 -21.84
CA ASP A 660 -14.40 -37.50 -21.03
C ASP A 660 -14.64 -36.68 -19.77
N ILE A 661 -13.56 -36.21 -19.16
CA ILE A 661 -13.64 -35.35 -17.99
C ILE A 661 -14.38 -34.07 -18.34
N ALA A 662 -13.93 -33.40 -19.41
CA ALA A 662 -14.56 -32.19 -19.90
C ALA A 662 -16.05 -32.37 -20.19
N VAL A 663 -16.41 -33.48 -20.83
CA VAL A 663 -17.82 -33.72 -21.20
C VAL A 663 -18.68 -34.06 -19.98
N LYS A 664 -18.12 -34.81 -19.04
CA LYS A 664 -18.85 -35.11 -17.81
C LYS A 664 -19.17 -33.83 -17.05
N LEU A 665 -18.19 -32.93 -16.92
CA LEU A 665 -18.43 -31.64 -16.26
C LEU A 665 -19.48 -30.81 -17.00
N GLY A 666 -19.54 -30.94 -18.32
CA GLY A 666 -20.49 -30.16 -19.08
C GLY A 666 -21.89 -30.76 -19.16
N THR A 667 -22.06 -32.00 -18.69
CA THR A 667 -23.34 -32.68 -18.90
C THR A 667 -23.94 -33.25 -17.64
N ASP A 668 -23.09 -33.61 -16.69
CA ASP A 668 -23.61 -34.12 -15.40
C ASP A 668 -23.67 -32.90 -14.49
N LEU A 669 -24.82 -32.21 -14.47
CA LEU A 669 -24.82 -30.88 -13.79
C LEU A 669 -24.61 -30.96 -12.28
N GLU A 670 -24.99 -32.07 -11.67
CA GLU A 670 -24.81 -32.27 -10.24
C GLU A 670 -23.35 -32.50 -9.93
N TYR A 671 -22.66 -33.22 -10.80
CA TYR A 671 -21.22 -33.38 -10.71
C TYR A 671 -20.51 -32.03 -10.90
N LEU A 672 -20.92 -31.28 -11.91
CA LEU A 672 -20.37 -29.93 -12.11
C LEU A 672 -20.48 -29.10 -10.82
N LYS A 673 -21.65 -29.14 -10.20
CA LYS A 673 -21.87 -28.33 -9.00
C LYS A 673 -20.91 -28.73 -7.87
N LYS A 674 -20.72 -30.03 -7.71
CA LYS A 674 -19.85 -30.58 -6.68
C LYS A 674 -18.39 -30.16 -6.93
N VAL A 675 -17.93 -30.30 -8.17
CA VAL A 675 -16.56 -29.93 -8.51
C VAL A 675 -16.33 -28.41 -8.34
N ARG A 676 -17.22 -27.58 -8.87
CA ARG A 676 -17.06 -26.12 -8.69
C ARG A 676 -17.06 -25.73 -7.22
N GLY A 677 -17.90 -26.41 -6.44
CA GLY A 677 -17.94 -26.21 -5.00
C GLY A 677 -16.63 -26.58 -4.32
N LYS A 678 -16.05 -27.72 -4.72
CA LYS A 678 -14.73 -28.10 -4.25
C LYS A 678 -13.64 -27.06 -4.55
N VAL A 679 -13.57 -26.61 -5.81
CA VAL A 679 -12.65 -25.56 -6.23
C VAL A 679 -12.85 -24.31 -5.39
N TRP A 680 -14.11 -23.90 -5.28
CA TRP A 680 -14.47 -22.65 -4.58
C TRP A 680 -13.99 -22.65 -3.13
N LYS A 681 -14.19 -23.77 -2.44
CA LYS A 681 -13.79 -23.91 -1.03
C LYS A 681 -12.28 -24.07 -0.90
N GLN A 682 -11.71 -24.94 -1.72
CA GLN A 682 -10.30 -25.31 -1.59
C GLN A 682 -9.30 -24.26 -2.02
N ARG A 683 -9.72 -23.25 -2.78
CA ARG A 683 -8.76 -22.20 -3.12
C ARG A 683 -8.38 -21.46 -1.84
N ILE A 684 -9.21 -21.58 -0.80
CA ILE A 684 -8.94 -21.00 0.51
C ILE A 684 -8.36 -22.01 1.51
N SER A 685 -8.93 -23.20 1.56
CA SER A 685 -8.55 -24.16 2.58
C SER A 685 -7.32 -24.98 2.22
N SER A 686 -6.97 -25.03 0.94
CA SER A 686 -5.76 -25.75 0.53
C SER A 686 -4.56 -24.80 0.63
N PRO A 687 -3.35 -25.32 0.39
CA PRO A 687 -2.21 -24.38 0.44
C PRO A 687 -2.05 -23.50 -0.80
N LEU A 688 -2.87 -23.69 -1.83
CA LEU A 688 -2.55 -23.13 -3.17
C LEU A 688 -2.28 -21.62 -3.15
N PHE A 689 -3.14 -20.86 -2.48
CA PHE A 689 -2.98 -19.41 -2.48
C PHE A 689 -2.50 -18.87 -1.12
N ASN A 690 -1.97 -19.75 -0.28
CA ASN A 690 -1.54 -19.36 1.07
C ASN A 690 -0.08 -18.92 1.04
N THR A 691 0.13 -17.62 0.88
CA THR A 691 1.48 -17.09 0.69
C THR A 691 2.35 -17.20 1.93
N LYS A 692 1.73 -17.14 3.11
CA LYS A 692 2.49 -17.29 4.35
C LYS A 692 3.03 -18.72 4.46
N GLN A 693 2.15 -19.70 4.26
CA GLN A 693 2.58 -21.09 4.27
C GLN A 693 3.64 -21.36 3.20
N TYR A 694 3.43 -20.82 2.01
CA TYR A 694 4.41 -20.97 0.94
C TYR A 694 5.77 -20.43 1.37
N THR A 695 5.79 -19.20 1.90
CA THR A 695 7.05 -18.60 2.33
C THR A 695 7.75 -19.46 3.39
N MET A 696 6.97 -19.98 4.32
CA MET A 696 7.56 -20.81 5.36
C MET A 696 8.15 -22.12 4.83
N GLU A 697 7.53 -22.67 3.81
CA GLU A 697 8.04 -23.90 3.20
C GLU A 697 9.27 -23.62 2.35
N LEU A 698 9.26 -22.46 1.70
CA LEU A 698 10.43 -21.96 0.97
C LEU A 698 11.61 -21.82 1.96
N GLU A 699 11.34 -21.26 3.12
CA GLU A 699 12.36 -21.07 4.14
C GLU A 699 12.94 -22.42 4.62
N ARG A 700 12.09 -23.41 4.85
CA ARG A 700 12.57 -24.75 5.20
C ARG A 700 13.50 -25.29 4.12
N LEU A 701 13.12 -25.10 2.86
CA LEU A 701 13.94 -25.57 1.75
C LEU A 701 15.29 -24.86 1.68
N TYR A 702 15.28 -23.54 1.85
CA TYR A 702 16.51 -22.75 1.90
C TYR A 702 17.48 -23.27 2.94
N LEU A 703 16.95 -23.58 4.13
CA LEU A 703 17.79 -24.06 5.21
C LEU A 703 18.37 -25.44 4.92
N GLN A 704 17.60 -26.28 4.23
CA GLN A 704 18.10 -27.58 3.78
C GLN A 704 19.30 -27.38 2.84
N MET A 705 19.12 -26.52 1.85
CA MET A 705 20.19 -26.19 0.92
C MET A 705 21.41 -25.72 1.67
N TRP A 706 21.20 -24.80 2.61
CA TRP A 706 22.33 -24.23 3.33
C TRP A 706 23.07 -25.24 4.19
N GLU A 707 22.34 -26.06 4.95
CA GLU A 707 22.98 -27.02 5.85
C GLU A 707 23.77 -28.03 5.03
N HIS A 708 23.24 -28.37 3.86
CA HIS A 708 23.92 -29.29 2.95
C HIS A 708 25.26 -28.71 2.52
N TYR A 709 25.25 -27.46 2.07
CA TYR A 709 26.48 -26.78 1.65
C TYR A 709 27.43 -26.54 2.83
N ALA A 710 26.89 -26.12 3.96
CA ALA A 710 27.69 -25.83 5.14
C ALA A 710 28.47 -27.05 5.61
N ALA A 711 27.90 -28.23 5.42
CA ALA A 711 28.53 -29.48 5.81
C ALA A 711 29.56 -29.91 4.77
N GLY A 712 29.76 -29.08 3.75
CA GLY A 712 30.80 -29.31 2.77
C GLY A 712 30.42 -30.15 1.56
N ASN A 713 29.12 -30.29 1.32
CA ASN A 713 28.63 -31.07 0.18
C ASN A 713 28.30 -30.21 -1.04
N LYS A 714 28.52 -30.78 -2.22
CA LYS A 714 28.04 -30.16 -3.45
C LYS A 714 26.54 -30.40 -3.55
N PRO A 715 25.84 -29.61 -4.37
CA PRO A 715 24.38 -29.76 -4.45
C PRO A 715 23.94 -31.17 -4.82
N ASP A 716 22.88 -31.62 -4.16
CA ASP A 716 22.23 -32.89 -4.49
C ASP A 716 20.73 -32.66 -4.43
N HIS A 717 19.96 -33.57 -5.02
CA HIS A 717 18.49 -33.43 -5.02
C HIS A 717 17.93 -33.31 -3.60
N MET A 718 17.04 -32.35 -3.41
CA MET A 718 16.34 -32.18 -2.15
C MET A 718 14.89 -32.56 -2.37
N ILE A 719 14.61 -33.86 -2.30
CA ILE A 719 13.30 -34.37 -2.68
C ILE A 719 12.57 -34.98 -1.48
N LYS A 720 12.95 -34.53 -0.28
CA LYS A 720 12.44 -35.04 1.00
C LYS A 720 11.78 -36.40 0.88
N TYR B 1 -3.99 -5.01 -22.69
CA TYR B 1 -5.38 -4.83 -23.13
C TYR B 1 -5.49 -3.58 -24.01
N PRO B 2 -6.47 -3.58 -24.91
CA PRO B 2 -6.58 -2.44 -25.82
C PRO B 2 -6.82 -1.14 -25.04
N GLY B 3 -5.96 -0.16 -25.26
CA GLY B 3 -6.03 1.09 -24.53
C GLY B 3 -5.11 1.14 -23.31
N GLY B 4 -4.44 0.02 -23.03
CA GLY B 4 -3.52 -0.05 -21.91
C GLY B 4 -2.43 -1.05 -22.25
N SER B 5 -1.97 -1.78 -21.25
CA SER B 5 -0.96 -2.79 -21.51
C SER B 5 -1.16 -4.01 -20.62
N THR B 6 -0.87 -5.18 -21.15
CA THR B 6 -0.91 -6.42 -20.37
C THR B 6 0.45 -7.06 -20.48
N PRO B 7 1.26 -6.94 -19.42
CA PRO B 7 2.61 -7.53 -19.50
C PRO B 7 2.53 -9.03 -19.43
N VAL B 8 3.44 -9.70 -20.13
CA VAL B 8 3.45 -11.15 -20.14
C VAL B 8 4.88 -11.61 -20.01
N SER B 9 5.06 -12.90 -19.73
CA SER B 9 6.41 -13.48 -19.73
C SER B 9 6.88 -13.56 -21.18
N SER B 10 8.12 -13.20 -21.45
CA SER B 10 8.57 -13.37 -22.82
C SER B 10 10.08 -13.60 -22.90
N ALA B 11 10.53 -14.08 -24.05
CA ALA B 11 11.92 -14.49 -24.22
C ALA B 11 12.84 -13.27 -24.26
N ASN B 12 14.08 -13.41 -23.78
CA ASN B 12 15.06 -12.34 -23.94
C ASN B 12 15.64 -12.37 -25.35
N MET B 13 16.19 -11.24 -25.80
CA MET B 13 16.70 -11.18 -27.17
C MET B 13 17.97 -12.03 -27.29
N MET B 14 18.22 -12.54 -28.49
CA MET B 14 19.43 -13.31 -28.75
C MET B 14 19.91 -13.07 -30.18
N ALA C 28 -1.64 54.08 5.24
CA ALA C 28 -0.72 54.05 6.38
C ALA C 28 0.71 53.73 5.93
N VAL C 29 0.86 52.63 5.19
CA VAL C 29 2.16 52.22 4.67
C VAL C 29 2.77 53.31 3.80
N ARG C 30 1.97 53.86 2.90
CA ARG C 30 2.44 54.94 2.03
C ARG C 30 2.95 56.11 2.85
N LEU C 31 2.29 56.36 3.98
CA LEU C 31 2.64 57.51 4.81
C LEU C 31 3.88 57.26 5.69
N TYR C 32 4.00 56.05 6.21
CA TYR C 32 5.19 55.69 6.95
C TYR C 32 6.40 55.81 6.02
N ARG C 33 6.25 55.35 4.78
CA ARG C 33 7.35 55.39 3.83
C ARG C 33 7.75 56.82 3.51
N LYS C 34 6.75 57.69 3.38
CA LYS C 34 7.01 59.11 3.18
C LYS C 34 7.81 59.69 4.36
N ALA C 35 7.49 59.24 5.57
CA ALA C 35 8.20 59.67 6.77
C ALA C 35 9.67 59.26 6.68
N LEU C 36 9.91 58.03 6.24
CA LEU C 36 11.27 57.53 6.07
C LEU C 36 11.99 58.28 4.96
N GLU C 37 11.27 58.60 3.90
CA GLU C 37 11.85 59.34 2.79
C GLU C 37 12.36 60.70 3.25
N VAL C 38 11.58 61.34 4.13
CA VAL C 38 11.93 62.64 4.69
C VAL C 38 13.06 62.54 5.72
N PHE C 39 12.99 61.51 6.56
CA PHE C 39 13.93 61.33 7.66
C PHE C 39 14.22 59.85 7.85
N PRO C 40 15.23 59.32 7.13
CA PRO C 40 15.55 57.89 7.06
C PRO C 40 15.89 57.19 8.38
N GLU C 41 16.44 57.93 9.35
CA GLU C 41 16.84 57.34 10.62
C GLU C 41 15.77 57.54 11.69
N PHE C 42 14.53 57.19 11.36
CA PHE C 42 13.39 57.39 12.25
C PHE C 42 12.96 56.05 12.88
N ALA C 43 13.48 55.76 14.07
CA ALA C 43 13.27 54.46 14.71
C ALA C 43 11.80 54.09 14.87
N ALA C 44 10.98 55.07 15.25
CA ALA C 44 9.57 54.82 15.49
C ALA C 44 8.79 54.53 14.20
N ALA C 45 9.14 55.23 13.12
CA ALA C 45 8.48 55.00 11.84
C ALA C 45 8.77 53.59 11.37
N HIS C 46 10.02 53.16 11.55
CA HIS C 46 10.44 51.82 11.16
C HIS C 46 9.71 50.78 11.99
N SER C 47 9.69 50.98 13.31
CA SER C 47 9.04 50.02 14.19
C SER C 47 7.54 49.95 13.94
N ASN C 48 6.93 51.08 13.56
CA ASN C 48 5.51 51.11 13.24
C ASN C 48 5.19 50.43 11.92
N LEU C 49 5.97 50.75 10.89
CA LEU C 49 5.81 50.12 9.59
C LEU C 49 6.01 48.61 9.72
N ALA C 50 6.99 48.20 10.54
CA ALA C 50 7.26 46.77 10.74
C ALA C 50 6.06 46.04 11.34
N SER C 51 5.49 46.63 12.39
CA SER C 51 4.32 46.06 13.04
C SER C 51 3.18 45.89 12.04
N VAL C 52 2.95 46.92 11.24
CA VAL C 52 1.89 46.92 10.22
C VAL C 52 2.10 45.82 9.18
N LEU C 53 3.31 45.77 8.64
CA LEU C 53 3.67 44.73 7.68
C LEU C 53 3.46 43.37 8.33
N GLN C 54 3.88 43.23 9.58
CA GLN C 54 3.76 41.96 10.28
C GLN C 54 2.30 41.52 10.36
N GLN C 55 1.42 42.48 10.58
CA GLN C 55 -0.01 42.17 10.68
C GLN C 55 -0.59 41.82 9.32
N GLN C 56 0.02 42.35 8.26
CA GLN C 56 -0.42 42.04 6.90
C GLN C 56 0.10 40.67 6.47
N GLY C 57 0.94 40.06 7.29
CA GLY C 57 1.55 38.78 6.96
C GLY C 57 2.76 38.95 6.07
N LYS C 58 3.25 40.18 5.96
CA LYS C 58 4.45 40.47 5.19
C LYS C 58 5.66 40.44 6.11
N LEU C 59 6.04 39.24 6.52
CA LEU C 59 7.04 39.05 7.56
C LEU C 59 8.46 39.42 7.13
N GLN C 60 8.88 38.98 5.95
CA GLN C 60 10.22 39.29 5.46
C GLN C 60 10.40 40.81 5.38
N GLU C 61 9.36 41.49 4.93
CA GLU C 61 9.42 42.93 4.79
C GLU C 61 9.44 43.62 6.16
N ALA C 62 8.63 43.13 7.08
CA ALA C 62 8.62 43.64 8.46
C ALA C 62 10.02 43.53 9.09
N LEU C 63 10.68 42.40 8.85
CA LEU C 63 12.04 42.15 9.36
C LEU C 63 13.04 43.24 8.98
N MET C 64 12.97 43.70 7.73
CA MET C 64 13.85 44.78 7.26
C MET C 64 13.76 46.00 8.17
N HIS C 65 12.53 46.33 8.56
CA HIS C 65 12.30 47.53 9.34
C HIS C 65 12.61 47.33 10.81
N TYR C 66 12.34 46.14 11.33
CA TYR C 66 12.77 45.84 12.69
C TYR C 66 14.28 45.99 12.77
N LYS C 67 14.99 45.53 11.74
CA LYS C 67 16.46 45.61 11.75
C LYS C 67 16.94 47.07 11.78
N GLU C 68 16.26 47.93 11.04
CA GLU C 68 16.58 49.35 11.09
C GLU C 68 16.39 49.92 12.50
N ALA C 69 15.23 49.65 13.09
CA ALA C 69 14.91 50.20 14.40
C ALA C 69 15.96 49.85 15.45
N ILE C 70 16.32 48.56 15.52
CA ILE C 70 17.29 48.13 16.53
C ILE C 70 18.67 48.72 16.31
N ARG C 71 19.06 48.98 15.06
CA ARG C 71 20.34 49.62 14.82
C ARG C 71 20.30 51.04 15.41
N ILE C 72 19.34 51.82 14.93
CA ILE C 72 19.19 53.21 15.31
C ILE C 72 19.11 53.38 16.84
N SER C 73 18.20 52.64 17.47
CA SER C 73 18.02 52.72 18.91
CA SER C 73 18.01 52.72 18.91
C SER C 73 18.42 51.41 19.58
N PRO C 74 19.70 51.31 19.98
CA PRO C 74 20.25 50.07 20.56
C PRO C 74 19.68 49.72 21.93
N THR C 75 18.94 50.63 22.54
CA THR C 75 18.31 50.36 23.84
C THR C 75 16.82 50.10 23.64
N PHE C 76 16.43 49.91 22.38
CA PHE C 76 15.04 49.70 21.98
C PHE C 76 14.64 48.24 22.22
N ALA C 77 14.40 47.88 23.48
CA ALA C 77 14.06 46.49 23.81
C ALA C 77 12.78 46.06 23.10
N ASP C 78 11.85 47.01 22.98
CA ASP C 78 10.55 46.73 22.39
C ASP C 78 10.68 46.23 20.98
N ALA C 79 11.64 46.78 20.26
CA ALA C 79 11.86 46.38 18.87
C ALA C 79 12.43 44.99 18.78
N TYR C 80 13.38 44.67 19.65
CA TYR C 80 13.92 43.31 19.73
C TYR C 80 12.81 42.29 20.00
N SER C 81 11.98 42.59 21.00
CA SER C 81 10.87 41.72 21.38
C SER C 81 9.89 41.53 20.23
N ASN C 82 9.47 42.64 19.64
CA ASN C 82 8.58 42.58 18.49
C ASN C 82 9.21 41.86 17.31
N MET C 83 10.49 42.10 17.04
CA MET C 83 11.15 41.38 15.97
C MET C 83 11.13 39.89 16.29
N GLY C 84 11.30 39.58 17.57
CA GLY C 84 11.26 38.18 18.00
C GLY C 84 9.94 37.54 17.61
N ASN C 85 8.83 38.21 17.87
CA ASN C 85 7.51 37.71 17.48
C ASN C 85 7.40 37.43 15.99
N THR C 86 8.03 38.28 15.19
CA THR C 86 8.00 38.06 13.74
C THR C 86 8.83 36.82 13.32
N LEU C 87 10.02 36.67 13.89
CA LEU C 87 10.82 35.46 13.64
C LEU C 87 10.08 34.20 14.08
N LYS C 88 9.41 34.27 15.21
CA LYS C 88 8.65 33.12 15.69
C LYS C 88 7.61 32.74 14.64
N GLU C 89 6.95 33.74 14.06
CA GLU C 89 5.93 33.47 13.06
C GLU C 89 6.54 32.91 11.77
N MET C 90 7.79 33.28 11.51
CA MET C 90 8.51 32.76 10.35
C MET C 90 9.11 31.38 10.62
N GLN C 91 8.86 30.85 11.81
CA GLN C 91 9.38 29.53 12.22
C GLN C 91 10.89 29.54 12.42
N ASP C 92 11.45 30.72 12.66
CA ASP C 92 12.85 30.81 13.06
C ASP C 92 12.89 30.84 14.57
N VAL C 93 12.92 29.67 15.18
CA VAL C 93 12.82 29.52 16.64
C VAL C 93 14.04 30.01 17.41
N GLN C 94 15.24 29.69 16.91
CA GLN C 94 16.48 30.17 17.51
C GLN C 94 16.58 31.68 17.39
N GLY C 95 16.25 32.19 16.21
CA GLY C 95 16.33 33.61 15.98
C GLY C 95 15.47 34.37 16.97
N ALA C 96 14.26 33.86 17.18
CA ALA C 96 13.29 34.56 18.03
C ALA C 96 13.79 34.56 19.44
N LEU C 97 14.30 33.42 19.88
CA LEU C 97 14.85 33.32 21.21
C LEU C 97 16.00 34.30 21.38
N GLN C 98 16.87 34.38 20.39
CA GLN C 98 17.98 35.31 20.46
C GLN C 98 17.43 36.73 20.66
N CYS C 99 16.35 37.07 19.97
CA CYS C 99 15.79 38.42 20.09
C CYS C 99 15.20 38.69 21.46
N TYR C 100 14.46 37.72 22.00
CA TYR C 100 13.87 37.90 23.33
C TYR C 100 14.97 38.01 24.37
N THR C 101 16.03 37.24 24.17
CA THR C 101 17.13 37.23 25.10
C THR C 101 17.81 38.59 25.12
N ARG C 102 17.99 39.18 23.96
CA ARG C 102 18.58 40.51 23.87
C ARG C 102 17.67 41.54 24.54
N ALA C 103 16.36 41.41 24.30
CA ALA C 103 15.38 42.32 24.89
C ALA C 103 15.46 42.35 26.42
N ILE C 104 15.60 41.18 27.02
CA ILE C 104 15.65 41.07 28.48
C ILE C 104 17.00 41.55 29.01
N GLN C 105 18.04 41.40 28.21
CA GLN C 105 19.37 41.90 28.59
C GLN C 105 19.39 43.43 28.59
N ILE C 106 18.75 44.00 27.59
CA ILE C 106 18.65 45.46 27.46
C ILE C 106 17.76 46.05 28.56
N ASN C 107 16.66 45.37 28.86
CA ASN C 107 15.73 45.82 29.90
C ASN C 107 15.21 44.63 30.70
N PRO C 108 15.85 44.33 31.84
CA PRO C 108 15.53 43.17 32.67
C PRO C 108 14.14 43.28 33.30
N ALA C 109 13.55 44.47 33.20
CA ALA C 109 12.25 44.76 33.78
C ALA C 109 11.15 44.61 32.74
N PHE C 110 11.48 44.02 31.61
CA PHE C 110 10.59 44.04 30.45
C PHE C 110 9.72 42.79 30.53
N ALA C 111 8.53 42.95 31.10
CA ALA C 111 7.62 41.85 31.39
C ALA C 111 7.23 41.05 30.13
N ASP C 112 6.86 41.78 29.08
CA ASP C 112 6.48 41.14 27.82
C ASP C 112 7.54 40.20 27.25
N ALA C 113 8.80 40.60 27.31
CA ALA C 113 9.85 39.80 26.70
C ALA C 113 10.06 38.50 27.44
N HIS C 114 9.86 38.52 28.75
CA HIS C 114 9.98 37.29 29.55
C HIS C 114 8.85 36.33 29.18
N SER C 115 7.68 36.90 28.97
CA SER C 115 6.47 36.13 28.60
C SER C 115 6.65 35.51 27.21
N ASN C 116 7.21 36.28 26.29
CA ASN C 116 7.50 35.79 24.95
C ASN C 116 8.58 34.69 24.99
N LEU C 117 9.58 34.87 25.84
CA LEU C 117 10.61 33.84 25.99
C LEU C 117 10.00 32.59 26.61
N ALA C 118 9.14 32.79 27.61
CA ALA C 118 8.40 31.66 28.22
C ALA C 118 7.64 30.91 27.15
N SER C 119 7.00 31.64 26.25
CA SER C 119 6.26 30.98 25.17
C SER C 119 7.11 30.09 24.25
N ILE C 120 8.38 30.47 24.01
CA ILE C 120 9.30 29.65 23.23
C ILE C 120 9.61 28.37 23.98
N HIS C 121 9.84 28.51 25.28
CA HIS C 121 10.14 27.33 26.10
C HIS C 121 8.91 26.42 26.07
N LYS C 122 7.73 27.01 26.28
CA LYS C 122 6.48 26.25 26.24
C LYS C 122 6.33 25.50 24.93
N ASP C 123 6.43 26.22 23.83
CA ASP C 123 6.19 25.64 22.51
C ASP C 123 7.23 24.59 22.18
N SER C 124 8.37 24.66 22.84
CA SER C 124 9.43 23.69 22.67
C SER C 124 9.31 22.53 23.66
N GLY C 125 8.23 22.53 24.44
CA GLY C 125 7.99 21.45 25.39
C GLY C 125 8.67 21.57 26.75
N ASN C 126 9.54 22.56 26.92
CA ASN C 126 10.27 22.76 28.17
C ASN C 126 9.44 23.53 29.20
N ILE C 127 8.46 22.85 29.78
CA ILE C 127 7.46 23.53 30.57
C ILE C 127 7.98 24.21 31.84
N PRO C 128 8.90 23.56 32.59
CA PRO C 128 9.43 24.20 33.81
C PRO C 128 10.17 25.51 33.55
N GLU C 129 10.95 25.62 32.48
CA GLU C 129 11.56 26.90 32.15
C GLU C 129 10.49 27.87 31.66
N ALA C 130 9.46 27.34 31.00
CA ALA C 130 8.32 28.17 30.59
C ALA C 130 7.61 28.72 31.81
N ILE C 131 7.33 27.84 32.76
CA ILE C 131 6.77 28.27 34.04
C ILE C 131 7.65 29.30 34.74
N ALA C 132 8.97 29.16 34.68
CA ALA C 132 9.85 30.10 35.37
C ALA C 132 9.80 31.52 34.78
N SER C 133 9.89 31.57 33.46
CA SER C 133 9.81 32.86 32.77
C SER C 133 8.46 33.57 32.91
N TYR C 134 7.33 32.85 32.84
CA TYR C 134 6.02 33.48 33.08
C TYR C 134 5.91 34.08 34.48
N ARG C 135 6.41 33.37 35.48
CA ARG C 135 6.35 33.86 36.86
C ARG C 135 7.18 35.13 36.98
N THR C 136 8.34 35.16 36.32
CA THR C 136 9.14 36.38 36.29
C THR C 136 8.31 37.51 35.65
N ALA C 137 7.67 37.23 34.52
CA ALA C 137 6.83 38.25 33.86
C ALA C 137 5.81 38.81 34.82
N LEU C 138 5.14 37.90 35.53
CA LEU C 138 4.07 38.25 36.45
C LEU C 138 4.62 38.92 37.73
N LYS C 139 5.87 38.63 38.07
CA LYS C 139 6.56 39.36 39.14
C LYS C 139 6.69 40.82 38.73
N LEU C 140 7.21 41.03 37.52
CA LEU C 140 7.35 42.36 36.92
C LEU C 140 6.03 43.09 36.67
N LYS C 141 5.02 42.37 36.21
CA LYS C 141 3.74 42.96 35.85
C LYS C 141 2.60 42.07 36.30
N PRO C 142 2.14 42.26 37.56
CA PRO C 142 1.10 41.46 38.22
C PRO C 142 -0.17 41.35 37.37
N ASP C 143 -0.54 42.42 36.71
CA ASP C 143 -1.70 42.44 35.84
C ASP C 143 -1.28 42.17 34.40
N PHE C 144 -1.31 40.90 34.01
CA PHE C 144 -0.77 40.48 32.72
C PHE C 144 -1.53 39.24 32.23
N PRO C 145 -2.71 39.44 31.62
CA PRO C 145 -3.58 38.34 31.22
C PRO C 145 -2.88 37.27 30.37
N ASP C 146 -2.12 37.66 29.35
CA ASP C 146 -1.49 36.66 28.49
C ASP C 146 -0.61 35.71 29.29
N ALA C 147 0.22 36.29 30.15
CA ALA C 147 1.16 35.50 30.89
C ALA C 147 0.43 34.65 31.94
N TYR C 148 -0.54 35.24 32.63
CA TYR C 148 -1.26 34.46 33.66
C TYR C 148 -1.92 33.25 33.03
N CYS C 149 -2.61 33.46 31.91
CA CYS C 149 -3.37 32.38 31.27
C CYS C 149 -2.46 31.34 30.62
N ASN C 150 -1.34 31.78 30.07
CA ASN C 150 -0.40 30.84 29.48
C ASN C 150 0.28 30.04 30.57
N LEU C 151 0.57 30.71 31.68
CA LEU C 151 1.09 30.02 32.86
C LEU C 151 0.06 28.99 33.37
N ALA C 152 -1.20 29.39 33.42
CA ALA C 152 -2.25 28.46 33.86
C ALA C 152 -2.26 27.19 32.99
N HIS C 153 -2.10 27.35 31.69
CA HIS C 153 -2.07 26.18 30.81
C HIS C 153 -0.85 25.31 31.08
N CYS C 154 0.32 25.92 31.29
CA CYS C 154 1.50 25.13 31.67
C CYS C 154 1.24 24.33 32.95
N LEU C 155 0.60 24.94 33.93
CA LEU C 155 0.34 24.25 35.18
C LEU C 155 -0.60 23.10 34.94
N GLN C 156 -1.54 23.29 34.01
CA GLN C 156 -2.47 22.23 33.63
C GLN C 156 -1.75 21.04 33.01
N ILE C 157 -0.84 21.33 32.10
CA ILE C 157 -0.08 20.30 31.38
C ILE C 157 0.68 19.38 32.33
N VAL C 158 1.22 19.93 33.41
CA VAL C 158 2.02 19.11 34.33
C VAL C 158 1.29 18.71 35.60
N CYS C 159 -0.02 18.98 35.64
CA CYS C 159 -0.84 18.65 36.81
C CYS C 159 -0.32 19.29 38.09
N ASP C 160 0.10 20.55 37.98
CA ASP C 160 0.38 21.38 39.16
C ASP C 160 -0.93 22.04 39.55
N TRP C 161 -1.50 21.63 40.68
CA TRP C 161 -2.79 22.16 41.11
C TRP C 161 -2.67 23.04 42.36
N THR C 162 -1.54 23.70 42.54
CA THR C 162 -1.39 24.67 43.63
C THR C 162 -2.43 25.79 43.49
N ASP C 163 -3.20 26.02 44.55
CA ASP C 163 -4.18 27.11 44.58
C ASP C 163 -5.11 27.04 43.39
N TYR C 164 -5.56 25.83 43.06
CA TYR C 164 -6.33 25.56 41.83
C TYR C 164 -7.65 26.32 41.72
N ASP C 165 -8.45 26.28 42.78
CA ASP C 165 -9.75 26.93 42.80
C ASP C 165 -9.67 28.45 42.57
N GLU C 166 -8.73 29.10 43.23
CA GLU C 166 -8.51 30.54 43.03
C GLU C 166 -7.96 30.80 41.64
N ARG C 167 -7.12 29.87 41.15
CA ARG C 167 -6.60 29.98 39.79
C ARG C 167 -7.77 29.97 38.80
N MET C 168 -8.67 29.01 38.98
CA MET C 168 -9.82 28.89 38.10
C MET C 168 -10.70 30.13 38.19
N LYS C 169 -10.88 30.66 39.39
CA LYS C 169 -11.69 31.89 39.55
C LYS C 169 -11.06 33.08 38.85
N LYS C 170 -9.74 33.21 38.96
CA LYS C 170 -9.05 34.31 38.32
C LYS C 170 -9.11 34.21 36.79
N LEU C 171 -9.03 32.99 36.25
CA LEU C 171 -9.11 32.79 34.80
C LEU C 171 -10.46 33.26 34.28
N VAL C 172 -11.51 32.90 34.99
CA VAL C 172 -12.86 33.29 34.65
C VAL C 172 -12.99 34.81 34.68
N SER C 173 -12.43 35.41 35.72
CA SER C 173 -12.52 36.86 35.92
CA SER C 173 -12.52 36.86 35.92
C SER C 173 -11.76 37.60 34.81
N ILE C 174 -10.61 37.05 34.43
CA ILE C 174 -9.82 37.63 33.36
C ILE C 174 -10.57 37.62 32.02
N VAL C 175 -11.15 36.47 31.68
CA VAL C 175 -11.98 36.35 30.48
C VAL C 175 -13.19 37.30 30.49
N ALA C 176 -13.89 37.36 31.61
CA ALA C 176 -15.04 38.25 31.76
C ALA C 176 -14.66 39.70 31.45
N ASP C 177 -13.52 40.13 31.97
CA ASP C 177 -13.03 41.50 31.77
C ASP C 177 -12.60 41.74 30.33
N GLN C 178 -11.95 40.77 29.73
CA GLN C 178 -11.51 40.94 28.34
C GLN C 178 -12.67 40.97 27.35
N LEU C 179 -13.66 40.10 27.55
CA LEU C 179 -14.84 40.11 26.70
C LEU C 179 -15.57 41.44 26.84
N GLU C 180 -15.69 41.93 28.06
CA GLU C 180 -16.37 43.18 28.35
C GLU C 180 -15.64 44.37 27.72
N LYS C 181 -14.32 44.35 27.78
CA LYS C 181 -13.52 45.44 27.25
C LYS C 181 -13.11 45.19 25.79
N ASN C 182 -13.73 44.18 25.18
CA ASN C 182 -13.55 43.90 23.76
C ASN C 182 -12.10 43.70 23.33
N ARG C 183 -11.34 42.96 24.15
CA ARG C 183 -9.98 42.58 23.79
C ARG C 183 -9.91 41.07 23.62
N LEU C 184 -9.05 40.59 22.74
CA LEU C 184 -8.97 39.15 22.48
C LEU C 184 -8.66 38.38 23.76
N PRO C 185 -9.55 37.44 24.15
CA PRO C 185 -9.31 36.74 25.41
C PRO C 185 -7.98 36.01 25.44
N SER C 186 -7.35 35.95 26.62
CA SER C 186 -6.06 35.29 26.77
C SER C 186 -6.15 33.77 26.91
N VAL C 187 -7.36 33.25 27.10
CA VAL C 187 -7.59 31.81 27.13
C VAL C 187 -7.91 31.37 25.69
N HIS C 188 -7.15 30.42 25.18
CA HIS C 188 -7.33 29.97 23.82
C HIS C 188 -8.61 29.11 23.73
N PRO C 189 -9.38 29.29 22.64
CA PRO C 189 -10.66 28.57 22.54
C PRO C 189 -10.48 27.05 22.63
N HIS C 190 -9.35 26.53 22.17
CA HIS C 190 -9.13 25.09 22.23
C HIS C 190 -8.90 24.62 23.66
N HIS C 191 -8.63 25.56 24.57
CA HIS C 191 -8.37 25.21 25.96
C HIS C 191 -9.56 25.53 26.86
N SER C 192 -10.58 26.19 26.31
CA SER C 192 -11.63 26.77 27.16
C SER C 192 -12.48 25.70 27.86
N MET C 193 -12.49 24.48 27.31
CA MET C 193 -13.23 23.41 27.97
C MET C 193 -12.57 22.97 29.28
N LEU C 194 -11.33 23.39 29.51
CA LEU C 194 -10.59 22.93 30.69
C LEU C 194 -10.89 23.71 31.97
N TYR C 195 -11.55 24.86 31.82
CA TYR C 195 -11.76 25.80 32.93
C TYR C 195 -13.25 26.04 33.06
N PRO C 196 -13.72 26.41 34.27
CA PRO C 196 -15.18 26.48 34.49
C PRO C 196 -15.80 27.77 33.98
N LEU C 197 -15.55 28.05 32.69
CA LEU C 197 -16.18 29.18 32.01
C LEU C 197 -17.60 28.79 31.64
N SER C 198 -18.50 29.77 31.55
CA SER C 198 -19.85 29.47 31.08
C SER C 198 -19.78 29.07 29.61
N HIS C 199 -20.79 28.36 29.13
CA HIS C 199 -20.89 28.04 27.71
C HIS C 199 -20.92 29.31 26.87
N GLY C 200 -21.55 30.35 27.43
CA GLY C 200 -21.63 31.63 26.76
C GLY C 200 -20.25 32.23 26.56
N PHE C 201 -19.43 32.20 27.60
CA PHE C 201 -18.06 32.69 27.52
C PHE C 201 -17.23 31.86 26.54
N ARG C 202 -17.40 30.54 26.59
CA ARG C 202 -16.66 29.66 25.70
C ARG C 202 -16.99 29.97 24.24
N LYS C 203 -18.28 30.13 23.94
CA LYS C 203 -18.68 30.49 22.59
C LYS C 203 -18.12 31.86 22.19
N ALA C 204 -18.16 32.82 23.12
CA ALA C 204 -17.69 34.17 22.85
C ALA C 204 -16.19 34.22 22.57
N ILE C 205 -15.42 33.43 23.29
CA ILE C 205 -13.98 33.34 23.01
C ILE C 205 -13.78 32.85 21.57
N ALA C 206 -14.50 31.79 21.21
CA ALA C 206 -14.40 31.24 19.86
C ALA C 206 -14.75 32.29 18.82
N GLU C 207 -15.85 33.00 19.06
CA GLU C 207 -16.30 34.05 18.13
CA GLU C 207 -16.30 34.04 18.13
C GLU C 207 -15.24 35.12 17.94
N ARG C 208 -14.49 35.44 19.00
CA ARG C 208 -13.44 36.47 18.88
C ARG C 208 -12.35 35.99 17.95
N HIS C 209 -12.06 34.69 17.98
CA HIS C 209 -11.09 34.11 17.07
C HIS C 209 -11.59 34.06 15.64
N GLY C 210 -12.87 33.76 15.48
CA GLY C 210 -13.49 33.81 14.17
C GLY C 210 -13.35 35.21 13.59
N ASN C 211 -13.61 36.22 14.41
CA ASN C 211 -13.51 37.62 13.97
C ASN C 211 -12.11 38.02 13.53
N LEU C 212 -11.08 37.42 14.14
CA LEU C 212 -9.71 37.65 13.72
C LEU C 212 -9.53 37.26 12.26
N CYS C 213 -10.12 36.12 11.90
CA CYS C 213 -10.02 35.63 10.52
C CYS C 213 -10.75 36.56 9.56
N LEU C 214 -11.94 37.02 9.95
CA LEU C 214 -12.71 37.96 9.13
C LEU C 214 -11.94 39.26 8.90
N ASP C 215 -11.36 39.79 9.96
CA ASP C 215 -10.56 41.01 9.86
C ASP C 215 -9.43 40.82 8.85
N LYS C 216 -8.75 39.69 8.94
CA LYS C 216 -7.63 39.41 8.05
C LYS C 216 -8.04 39.37 6.59
N ILE C 217 -9.20 38.77 6.29
CA ILE C 217 -9.63 38.63 4.90
C ILE C 217 -10.33 39.87 4.35
N ASN C 218 -10.84 40.72 5.24
CA ASN C 218 -11.54 41.94 4.82
C ASN C 218 -10.62 42.89 4.05
N VAL C 219 -9.32 42.85 4.36
CA VAL C 219 -8.34 43.72 3.71
C VAL C 219 -8.00 43.25 2.30
N LEU C 220 -8.46 42.06 1.93
CA LEU C 220 -8.32 41.57 0.57
C LEU C 220 -9.37 42.23 -0.32
N HIS C 221 -10.40 42.80 0.32
CA HIS C 221 -11.50 43.44 -0.39
C HIS C 221 -12.05 42.58 -1.51
N LYS C 222 -12.14 41.28 -1.26
CA LYS C 222 -12.73 40.36 -2.22
C LYS C 222 -14.26 40.42 -2.14
N PRO C 223 -14.91 40.40 -3.30
CA PRO C 223 -16.37 40.29 -3.36
C PRO C 223 -16.80 38.90 -2.90
N PRO C 224 -18.07 38.76 -2.49
CA PRO C 224 -18.59 37.42 -2.18
C PRO C 224 -18.58 36.55 -3.42
N TYR C 225 -18.40 35.25 -3.23
CA TYR C 225 -18.35 34.32 -4.35
C TYR C 225 -19.75 33.92 -4.80
N GLU C 226 -19.90 33.74 -6.12
CA GLU C 226 -21.10 33.13 -6.67
C GLU C 226 -21.04 31.64 -6.46
N HIS C 227 -22.04 31.08 -5.80
CA HIS C 227 -22.02 29.66 -5.46
C HIS C 227 -22.90 28.86 -6.43
N PRO C 228 -22.53 27.60 -6.70
CA PRO C 228 -23.38 26.75 -7.54
C PRO C 228 -24.77 26.62 -6.92
N LYS C 229 -25.80 26.48 -7.74
CA LYS C 229 -27.17 26.39 -7.23
C LYS C 229 -27.78 25.02 -7.50
N ASP C 230 -27.02 24.15 -8.14
CA ASP C 230 -27.48 22.81 -8.46
C ASP C 230 -26.26 21.94 -8.72
N LEU C 231 -26.49 20.72 -9.18
CA LEU C 231 -25.40 19.76 -9.39
C LEU C 231 -25.15 19.46 -10.88
N LYS C 232 -25.66 20.30 -11.76
CA LYS C 232 -25.58 20.05 -13.20
C LYS C 232 -24.16 20.10 -13.76
N LEU C 233 -23.39 21.11 -13.34
CA LEU C 233 -22.02 21.25 -13.83
C LEU C 233 -21.10 20.18 -13.27
N SER C 234 -21.55 19.48 -12.23
CA SER C 234 -20.77 18.40 -11.66
C SER C 234 -21.37 17.04 -11.97
N ASP C 235 -22.20 16.98 -13.02
CA ASP C 235 -22.77 15.73 -13.48
C ASP C 235 -23.55 15.02 -12.37
N GLY C 236 -24.29 15.80 -11.60
CA GLY C 236 -25.16 15.25 -10.56
C GLY C 236 -24.42 14.87 -9.28
N ARG C 237 -23.13 15.15 -9.23
CA ARG C 237 -22.33 14.80 -8.05
C ARG C 237 -22.20 15.98 -7.11
N LEU C 238 -22.24 15.72 -5.80
CA LEU C 238 -21.98 16.76 -4.81
C LEU C 238 -20.47 16.84 -4.60
N ARG C 239 -19.92 18.02 -4.81
CA ARG C 239 -18.50 18.26 -4.61
C ARG C 239 -18.20 18.60 -3.15
N VAL C 240 -17.47 17.72 -2.47
CA VAL C 240 -17.16 17.93 -1.06
C VAL C 240 -15.66 18.18 -0.90
N GLY C 241 -15.30 19.26 -0.23
CA GLY C 241 -13.91 19.58 0.00
C GLY C 241 -13.54 19.41 1.47
N TYR C 242 -12.60 18.51 1.75
CA TYR C 242 -12.07 18.32 3.10
C TYR C 242 -10.79 19.14 3.25
N VAL C 243 -10.81 20.10 4.17
CA VAL C 243 -9.67 20.99 4.38
C VAL C 243 -9.00 20.65 5.71
N SER C 244 -7.72 20.28 5.66
CA SER C 244 -7.03 19.87 6.87
C SER C 244 -5.52 20.08 6.80
N SER C 245 -4.92 20.47 7.93
CA SER C 245 -3.47 20.54 8.02
C SER C 245 -2.92 19.20 8.46
N ASP C 246 -3.80 18.21 8.63
CA ASP C 246 -3.42 16.96 9.27
C ASP C 246 -3.53 15.71 8.38
N PHE C 247 -3.39 15.89 7.06
CA PHE C 247 -3.28 14.73 6.16
C PHE C 247 -1.85 14.25 6.20
N GLY C 248 -1.58 13.28 7.07
CA GLY C 248 -0.23 12.87 7.37
C GLY C 248 -0.24 12.15 8.71
N ASN C 249 0.91 12.02 9.36
CA ASN C 249 0.97 11.34 10.64
C ASN C 249 0.45 12.24 11.76
N HIS C 250 -0.85 12.12 12.02
CA HIS C 250 -1.53 12.95 13.03
C HIS C 250 -2.82 12.24 13.39
N PRO C 251 -3.29 12.38 14.64
CA PRO C 251 -4.53 11.73 15.04
C PRO C 251 -5.67 11.86 14.02
N THR C 252 -5.80 13.02 13.37
CA THR C 252 -6.90 13.22 12.44
C THR C 252 -6.91 12.17 11.33
N SER C 253 -5.75 11.92 10.72
CA SER C 253 -5.66 10.89 9.69
C SER C 253 -5.84 9.49 10.27
N HIS C 254 -5.39 9.27 11.51
CA HIS C 254 -5.57 7.98 12.15
C HIS C 254 -7.05 7.70 12.37
N LEU C 255 -7.88 8.74 12.31
CA LEU C 255 -9.32 8.55 12.44
C LEU C 255 -10.03 8.37 11.10
N MET C 256 -9.71 9.23 10.13
CA MET C 256 -10.53 9.33 8.93
C MET C 256 -9.84 9.02 7.60
N GLN C 257 -8.63 8.49 7.61
CA GLN C 257 -7.92 8.32 6.34
C GLN C 257 -8.65 7.41 5.33
N SER C 258 -9.55 6.54 5.79
CA SER C 258 -10.24 5.65 4.85
C SER C 258 -11.46 6.31 4.22
N ILE C 259 -11.93 7.40 4.81
CA ILE C 259 -13.21 7.98 4.39
C ILE C 259 -13.24 8.54 2.95
N PRO C 260 -12.21 9.29 2.56
CA PRO C 260 -12.26 9.80 1.18
C PRO C 260 -12.44 8.71 0.12
N GLY C 261 -11.74 7.60 0.28
CA GLY C 261 -11.83 6.53 -0.70
C GLY C 261 -13.08 5.68 -0.61
N MET C 262 -13.84 5.86 0.46
CA MET C 262 -15.12 5.15 0.62
C MET C 262 -16.32 5.94 0.12
N HIS C 263 -16.08 7.18 -0.30
CA HIS C 263 -17.18 7.98 -0.86
C HIS C 263 -17.69 7.36 -2.15
N ASN C 264 -19.01 7.40 -2.36
CA ASN C 264 -19.62 6.86 -3.57
C ASN C 264 -19.43 7.81 -4.75
N PRO C 265 -18.59 7.41 -5.71
CA PRO C 265 -18.22 8.28 -6.82
C PRO C 265 -19.37 8.64 -7.77
N ASP C 266 -20.44 7.85 -7.75
CA ASP C 266 -21.61 8.16 -8.57
C ASP C 266 -22.35 9.43 -8.09
N LYS C 267 -22.19 9.75 -6.80
CA LYS C 267 -22.95 10.85 -6.22
C LYS C 267 -22.08 11.92 -5.55
N PHE C 268 -20.80 11.63 -5.39
CA PHE C 268 -19.90 12.58 -4.70
C PHE C 268 -18.59 12.68 -5.45
N GLU C 269 -18.01 13.88 -5.40
CA GLU C 269 -16.69 14.10 -5.95
C GLU C 269 -15.88 14.71 -4.83
N VAL C 270 -14.82 14.02 -4.41
CA VAL C 270 -14.11 14.39 -3.20
C VAL C 270 -12.83 15.14 -3.50
N PHE C 271 -12.70 16.32 -2.91
CA PHE C 271 -11.50 17.13 -3.00
C PHE C 271 -10.86 17.23 -1.62
N CYS C 272 -9.58 16.89 -1.51
CA CYS C 272 -8.87 17.07 -0.25
C CYS C 272 -7.90 18.22 -0.41
N TYR C 273 -8.07 19.22 0.44
CA TYR C 273 -7.21 20.40 0.43
C TYR C 273 -6.25 20.35 1.61
N ALA C 274 -5.00 20.00 1.34
CA ALA C 274 -3.98 19.87 2.38
C ALA C 274 -3.40 21.24 2.76
N LEU C 275 -3.35 21.53 4.05
CA LEU C 275 -2.75 22.77 4.53
C LEU C 275 -1.31 22.54 4.95
N SER C 276 -0.85 21.29 4.87
CA SER C 276 0.51 20.95 5.27
C SER C 276 1.23 20.31 4.09
N PRO C 277 2.56 20.50 4.05
CA PRO C 277 3.39 19.78 3.07
C PRO C 277 3.34 18.28 3.33
N ASP C 278 3.69 17.50 2.30
CA ASP C 278 3.70 16.04 2.37
C ASP C 278 4.78 15.57 3.34
N ASP C 279 4.41 14.84 4.38
CA ASP C 279 5.38 14.41 5.39
C ASP C 279 6.01 13.04 5.11
N GLY C 280 5.74 12.50 3.93
CA GLY C 280 6.34 11.25 3.51
C GLY C 280 5.72 9.99 4.10
N THR C 281 4.66 10.12 4.90
CA THR C 281 4.05 8.96 5.56
C THR C 281 2.95 8.30 4.71
N ASN C 282 2.65 7.03 5.02
CA ASN C 282 1.59 6.33 4.30
C ASN C 282 0.21 6.95 4.47
N PHE C 283 0.02 7.71 5.56
CA PHE C 283 -1.26 8.36 5.78
C PHE C 283 -1.50 9.38 4.68
N ARG C 284 -0.45 10.11 4.32
CA ARG C 284 -0.56 11.11 3.28
C ARG C 284 -0.68 10.44 1.91
N VAL C 285 0.11 9.39 1.69
CA VAL C 285 0.01 8.60 0.46
C VAL C 285 -1.43 8.12 0.23
N LYS C 286 -2.05 7.60 1.28
CA LYS C 286 -3.36 7.00 1.14
C LYS C 286 -4.39 8.04 0.70
N VAL C 287 -4.45 9.15 1.40
CA VAL C 287 -5.43 10.18 1.07
C VAL C 287 -5.18 10.78 -0.33
N MET C 288 -3.91 10.98 -0.69
CA MET C 288 -3.58 11.44 -2.03
C MET C 288 -4.00 10.43 -3.10
N ALA C 289 -3.89 9.14 -2.80
CA ALA C 289 -4.23 8.11 -3.78
C ALA C 289 -5.73 7.89 -3.95
N GLU C 290 -6.50 8.11 -2.90
CA GLU C 290 -7.92 7.74 -2.89
C GLU C 290 -8.92 8.89 -3.05
N ALA C 291 -8.50 10.12 -2.77
CA ALA C 291 -9.40 11.24 -3.03
C ALA C 291 -9.53 11.39 -4.54
N ASN C 292 -10.67 11.90 -5.01
CA ASN C 292 -10.79 12.16 -6.45
C ASN C 292 -9.81 13.24 -6.89
N HIS C 293 -9.57 14.20 -5.99
CA HIS C 293 -8.64 15.29 -6.25
C HIS C 293 -7.90 15.62 -4.96
N PHE C 294 -6.61 15.88 -5.07
CA PHE C 294 -5.85 16.28 -3.89
C PHE C 294 -5.08 17.56 -4.24
N ILE C 295 -5.29 18.61 -3.43
CA ILE C 295 -4.73 19.93 -3.71
C ILE C 295 -3.84 20.37 -2.55
N ASP C 296 -2.56 20.59 -2.82
CA ASP C 296 -1.63 21.01 -1.78
C ASP C 296 -1.66 22.51 -1.59
N LEU C 297 -2.48 22.98 -0.65
CA LEU C 297 -2.57 24.43 -0.42
C LEU C 297 -1.40 24.96 0.40
N SER C 298 -0.55 24.06 0.91
CA SER C 298 0.65 24.52 1.62
C SER C 298 1.52 25.32 0.64
N GLN C 299 1.34 25.06 -0.66
CA GLN C 299 2.11 25.72 -1.70
C GLN C 299 1.49 27.06 -2.13
N ILE C 300 0.34 27.36 -1.55
CA ILE C 300 -0.40 28.58 -1.89
C ILE C 300 -0.68 29.36 -0.61
N PRO C 301 0.30 30.15 -0.14
CA PRO C 301 0.21 30.86 1.14
C PRO C 301 -0.89 31.92 1.18
N CYS C 302 -1.16 32.57 0.06
CA CYS C 302 -2.19 33.60 0.03
C CYS C 302 -3.58 33.00 0.20
N ASN C 303 -4.28 33.39 1.27
CA ASN C 303 -5.62 32.88 1.51
C ASN C 303 -6.62 33.28 0.43
N GLY C 304 -6.37 34.42 -0.22
CA GLY C 304 -7.20 34.84 -1.33
C GLY C 304 -7.06 33.92 -2.53
N LYS C 305 -5.82 33.66 -2.92
CA LYS C 305 -5.56 32.76 -4.03
C LYS C 305 -6.01 31.34 -3.71
N ALA C 306 -5.81 30.91 -2.46
CA ALA C 306 -6.23 29.57 -2.07
C ALA C 306 -7.75 29.44 -2.09
N ALA C 307 -8.46 30.45 -1.59
CA ALA C 307 -9.93 30.44 -1.63
C ALA C 307 -10.44 30.47 -3.07
N ASP C 308 -9.74 31.20 -3.94
CA ASP C 308 -10.12 31.25 -5.35
C ASP C 308 -10.03 29.84 -5.93
N ARG C 309 -9.00 29.13 -5.53
CA ARG C 309 -8.79 27.77 -5.99
C ARG C 309 -9.92 26.84 -5.59
N ILE C 310 -10.33 26.92 -4.33
CA ILE C 310 -11.45 26.15 -3.82
C ILE C 310 -12.75 26.45 -4.57
N HIS C 311 -13.01 27.74 -4.78
CA HIS C 311 -14.23 28.16 -5.47
C HIS C 311 -14.19 27.74 -6.93
N GLN C 312 -13.01 27.81 -7.53
CA GLN C 312 -12.81 27.37 -8.91
C GLN C 312 -13.13 25.88 -9.07
N ASP C 313 -12.86 25.10 -8.03
CA ASP C 313 -13.16 23.66 -8.08
C ASP C 313 -14.65 23.36 -7.98
N GLY C 314 -15.44 24.37 -7.62
CA GLY C 314 -16.89 24.22 -7.58
C GLY C 314 -17.44 23.53 -6.34
N ILE C 315 -16.70 23.58 -5.24
CA ILE C 315 -17.10 22.93 -4.00
C ILE C 315 -18.50 23.32 -3.53
N HIS C 316 -19.34 22.32 -3.22
CA HIS C 316 -20.66 22.56 -2.62
C HIS C 316 -20.60 22.62 -1.10
N ILE C 317 -19.92 21.65 -0.49
CA ILE C 317 -19.78 21.62 0.96
C ILE C 317 -18.30 21.59 1.33
N LEU C 318 -17.84 22.62 2.02
CA LEU C 318 -16.44 22.70 2.42
C LEU C 318 -16.36 22.34 3.90
N VAL C 319 -15.46 21.44 4.23
CA VAL C 319 -15.42 20.85 5.57
C VAL C 319 -14.18 21.27 6.34
N ASN C 320 -14.40 21.94 7.47
CA ASN C 320 -13.32 22.45 8.31
C ASN C 320 -12.90 21.40 9.34
N MET C 321 -11.73 20.79 9.12
CA MET C 321 -11.25 19.75 10.01
C MET C 321 -10.25 20.25 11.06
N ASN C 322 -9.97 21.54 11.08
CA ASN C 322 -9.02 22.12 12.05
C ASN C 322 -9.64 22.91 13.18
N GLY C 323 -10.61 23.76 12.88
CA GLY C 323 -11.03 24.73 13.86
C GLY C 323 -9.81 25.49 14.35
N TYR C 324 -9.74 25.78 15.65
CA TYR C 324 -8.62 26.51 16.20
C TYR C 324 -7.50 25.59 16.68
N THR C 325 -6.94 24.81 15.74
CA THR C 325 -5.80 23.93 16.01
C THR C 325 -4.63 24.22 15.07
N LYS C 326 -3.45 23.72 15.44
CA LYS C 326 -2.22 24.02 14.73
C LYS C 326 -2.35 23.79 13.23
N GLY C 327 -1.94 24.78 12.44
CA GLY C 327 -1.92 24.63 10.99
C GLY C 327 -3.20 25.12 10.33
N ALA C 328 -4.17 25.53 11.13
CA ALA C 328 -5.44 26.03 10.58
C ALA C 328 -5.26 27.24 9.68
N ARG C 329 -6.14 27.33 8.69
CA ARG C 329 -6.29 28.53 7.86
C ARG C 329 -7.77 28.85 7.72
N ASN C 330 -8.36 29.26 8.83
CA ASN C 330 -9.79 29.51 8.87
C ASN C 330 -10.19 30.73 8.05
N GLU C 331 -9.20 31.53 7.67
CA GLU C 331 -9.40 32.62 6.72
C GLU C 331 -10.04 32.09 5.44
N LEU C 332 -9.68 30.86 5.06
CA LEU C 332 -10.24 30.24 3.86
C LEU C 332 -11.76 30.14 3.97
N PHE C 333 -12.23 29.76 5.16
CA PHE C 333 -13.68 29.66 5.40
C PHE C 333 -14.33 31.03 5.60
N ALA C 334 -13.59 31.97 6.19
CA ALA C 334 -14.09 33.34 6.33
C ALA C 334 -14.37 33.97 4.98
N LEU C 335 -13.64 33.56 3.95
CA LEU C 335 -13.88 34.02 2.58
C LEU C 335 -15.12 33.39 1.94
N ARG C 336 -15.65 32.34 2.57
CA ARG C 336 -16.87 31.68 2.10
C ARG C 336 -16.86 31.29 0.61
N PRO C 337 -15.87 30.49 0.17
CA PRO C 337 -15.81 30.02 -1.22
C PRO C 337 -16.88 28.97 -1.56
N ALA C 338 -17.58 28.46 -0.54
CA ALA C 338 -18.59 27.43 -0.76
C ALA C 338 -19.90 27.82 -0.07
N PRO C 339 -21.03 27.35 -0.62
CA PRO C 339 -22.34 27.75 -0.08
C PRO C 339 -22.68 27.10 1.26
N ILE C 340 -22.03 25.97 1.58
CA ILE C 340 -22.26 25.30 2.85
C ILE C 340 -20.91 24.92 3.46
N GLN C 341 -20.68 25.36 4.69
CA GLN C 341 -19.41 25.06 5.35
C GLN C 341 -19.68 24.44 6.73
N ALA C 342 -19.06 23.29 6.98
CA ALA C 342 -19.35 22.51 8.17
C ALA C 342 -18.09 22.18 8.95
N MET C 343 -18.18 22.25 10.29
CA MET C 343 -17.12 21.78 11.17
C MET C 343 -17.23 20.26 11.32
N TRP C 344 -16.10 19.56 11.22
CA TRP C 344 -16.12 18.11 11.34
C TRP C 344 -14.86 17.51 11.96
N LEU C 345 -15.05 16.86 13.10
CA LEU C 345 -14.14 15.84 13.63
C LEU C 345 -12.86 16.36 14.29
N GLY C 346 -12.15 17.27 13.65
CA GLY C 346 -10.86 17.70 14.17
C GLY C 346 -10.93 18.60 15.40
N TYR C 347 -12.00 19.39 15.51
CA TYR C 347 -12.09 20.40 16.56
C TYR C 347 -13.29 20.14 17.48
N PRO C 348 -13.03 19.88 18.77
CA PRO C 348 -14.08 19.49 19.71
C PRO C 348 -14.71 20.68 20.43
N GLY C 349 -15.27 21.60 19.67
CA GLY C 349 -15.97 22.75 20.23
C GLY C 349 -16.56 23.60 19.13
N THR C 350 -17.26 24.67 19.49
CA THR C 350 -17.83 25.54 18.48
C THR C 350 -16.76 26.46 17.89
N SER C 351 -16.90 26.77 16.61
CA SER C 351 -16.04 27.77 15.99
C SER C 351 -16.47 29.16 16.43
N GLY C 352 -17.71 29.27 16.90
CA GLY C 352 -18.25 30.56 17.31
C GLY C 352 -18.41 31.52 16.13
N ALA C 353 -18.15 31.02 14.92
CA ALA C 353 -17.98 31.89 13.76
C ALA C 353 -19.16 31.90 12.80
N LEU C 354 -19.54 33.08 12.33
CA LEU C 354 -20.66 33.23 11.41
C LEU C 354 -20.45 32.51 10.08
N PHE C 355 -19.19 32.40 9.64
CA PHE C 355 -18.92 31.76 8.35
C PHE C 355 -19.04 30.22 8.37
N MET C 356 -19.16 29.63 9.55
CA MET C 356 -19.42 28.19 9.63
C MET C 356 -20.91 27.92 9.80
N ASP C 357 -21.47 27.10 8.93
CA ASP C 357 -22.92 26.85 8.92
C ASP C 357 -23.36 25.75 9.88
N TYR C 358 -22.58 24.66 9.91
CA TYR C 358 -22.95 23.45 10.64
C TYR C 358 -21.80 22.91 11.45
N ILE C 359 -22.12 22.22 12.54
CA ILE C 359 -21.15 21.35 13.19
C ILE C 359 -21.68 19.91 13.09
N ILE C 360 -20.84 19.00 12.62
CA ILE C 360 -21.24 17.61 12.48
C ILE C 360 -21.00 16.92 13.83
N THR C 361 -22.09 16.46 14.43
CA THR C 361 -22.04 15.95 15.78
C THR C 361 -23.13 14.89 15.88
N ASP C 362 -23.65 14.64 17.09
CA ASP C 362 -24.73 13.67 17.24
C ASP C 362 -25.51 14.01 18.50
N GLN C 363 -26.63 13.32 18.70
CA GLN C 363 -27.55 13.65 19.78
C GLN C 363 -26.96 13.36 21.16
N GLU C 364 -26.05 12.40 21.26
CA GLU C 364 -25.40 12.11 22.55
C GLU C 364 -24.34 13.16 22.88
N THR C 365 -23.56 13.55 21.88
CA THR C 365 -22.50 14.52 22.08
C THR C 365 -23.09 15.91 22.31
N SER C 366 -24.10 16.23 21.52
CA SER C 366 -24.63 17.58 21.49
C SER C 366 -26.16 17.59 21.50
N PRO C 367 -26.76 17.26 22.64
CA PRO C 367 -28.23 17.23 22.72
C PRO C 367 -28.84 18.56 22.29
N ALA C 368 -30.02 18.50 21.69
CA ALA C 368 -30.67 19.70 21.16
C ALA C 368 -30.85 20.76 22.25
N GLU C 369 -30.95 20.32 23.50
CA GLU C 369 -31.11 21.22 24.63
C GLU C 369 -29.95 22.21 24.73
N VAL C 370 -28.77 21.78 24.33
CA VAL C 370 -27.58 22.62 24.45
C VAL C 370 -27.15 23.27 23.15
N ALA C 371 -28.07 23.38 22.19
CA ALA C 371 -27.73 24.03 20.92
C ALA C 371 -27.12 25.42 21.14
N GLU C 372 -27.47 26.04 22.27
CA GLU C 372 -26.99 27.37 22.63
C GLU C 372 -25.47 27.46 22.81
N GLN C 373 -24.82 26.34 23.07
CA GLN C 373 -23.37 26.33 23.25
C GLN C 373 -22.63 26.55 21.93
N TYR C 374 -23.34 26.39 20.82
CA TYR C 374 -22.72 26.43 19.48
C TYR C 374 -23.26 27.56 18.66
N SER C 375 -22.41 28.15 17.81
CA SER C 375 -22.87 29.15 16.88
C SER C 375 -23.46 28.47 15.66
N GLU C 376 -22.94 27.28 15.35
CA GLU C 376 -23.37 26.51 14.19
C GLU C 376 -24.72 25.83 14.46
N LYS C 377 -25.43 25.51 13.38
CA LYS C 377 -26.58 24.63 13.50
C LYS C 377 -26.04 23.23 13.68
N LEU C 378 -26.74 22.41 14.46
CA LEU C 378 -26.32 21.04 14.70
C LEU C 378 -26.72 20.16 13.52
N ALA C 379 -25.79 19.31 13.10
CA ALA C 379 -26.07 18.34 12.05
C ALA C 379 -25.70 16.96 12.59
N TYR C 380 -26.71 16.14 12.85
CA TYR C 380 -26.54 14.87 13.54
C TYR C 380 -26.18 13.70 12.63
N MET C 381 -25.08 13.02 12.96
CA MET C 381 -24.87 11.65 12.50
C MET C 381 -25.75 10.77 13.37
N PRO C 382 -26.16 9.61 12.84
CA PRO C 382 -27.20 8.84 13.55
C PRO C 382 -26.72 8.08 14.78
N HIS C 383 -25.43 7.81 14.87
CA HIS C 383 -24.88 7.13 16.05
C HIS C 383 -23.90 8.03 16.77
N THR C 384 -22.62 7.96 16.43
CA THR C 384 -21.70 9.00 16.92
C THR C 384 -21.05 9.71 15.72
N PHE C 385 -20.61 10.96 15.91
CA PHE C 385 -19.85 11.64 14.87
C PHE C 385 -18.42 11.14 14.90
N PHE C 386 -18.04 10.51 16.00
CA PHE C 386 -16.69 10.00 16.09
C PHE C 386 -16.47 8.79 15.19
N ILE C 387 -15.27 8.67 14.65
CA ILE C 387 -14.88 7.51 13.85
C ILE C 387 -13.39 7.25 14.10
N GLY C 388 -12.90 6.06 13.75
CA GLY C 388 -11.48 5.78 13.84
C GLY C 388 -11.09 4.76 12.79
N ASP C 389 -9.84 4.73 12.40
CA ASP C 389 -9.44 3.81 11.34
C ASP C 389 -8.86 2.50 11.85
N HIS C 390 -9.20 2.15 13.08
CA HIS C 390 -8.60 1.00 13.74
C HIS C 390 -8.75 -0.34 13.02
N ALA C 391 -9.89 -0.59 12.39
CA ALA C 391 -10.11 -1.86 11.70
C ALA C 391 -9.15 -2.02 10.51
N ASN C 392 -8.79 -0.91 9.89
CA ASN C 392 -7.81 -0.89 8.79
C ASN C 392 -6.36 -0.85 9.27
N MET C 393 -6.08 -0.01 10.27
CA MET C 393 -4.70 0.14 10.75
C MET C 393 -4.25 -1.01 11.63
N PHE C 394 -5.17 -1.54 12.44
CA PHE C 394 -4.80 -2.55 13.44
C PHE C 394 -5.64 -3.83 13.38
N PRO C 395 -5.69 -4.48 12.20
CA PRO C 395 -6.49 -5.70 12.07
C PRO C 395 -5.89 -6.89 12.83
N HIS C 396 -4.62 -6.80 13.19
CA HIS C 396 -4.00 -7.87 13.95
C HIS C 396 -4.56 -7.94 15.38
N LEU C 397 -5.27 -6.89 15.80
CA LEU C 397 -5.88 -6.83 17.13
C LEU C 397 -7.36 -7.24 17.14
N LYS C 398 -7.86 -7.70 15.99
CA LYS C 398 -9.24 -8.21 15.92
C LYS C 398 -9.37 -9.50 16.71
N LYS C 399 -8.31 -10.29 16.76
CA LYS C 399 -8.33 -11.52 17.52
C LYS C 399 -7.13 -11.55 18.43
N LYS C 400 -7.18 -12.41 19.44
CA LYS C 400 -6.04 -12.57 20.35
C LYS C 400 -5.98 -13.97 20.89
N ALA C 401 -4.80 -14.35 21.37
CA ALA C 401 -4.67 -15.59 22.14
C ALA C 401 -3.95 -15.21 23.41
N VAL C 402 -4.00 -16.08 24.42
CA VAL C 402 -3.29 -15.80 25.64
C VAL C 402 -2.49 -17.06 26.02
N ILE C 403 -1.49 -16.88 26.87
CA ILE C 403 -0.72 -18.00 27.37
C ILE C 403 -1.05 -18.13 28.83
N ASP C 404 -1.56 -19.28 29.24
CA ASP C 404 -1.90 -19.51 30.63
C ASP C 404 -0.64 -19.87 31.42
N PHE C 405 -0.15 -18.94 32.24
CA PHE C 405 1.13 -19.15 32.90
C PHE C 405 1.02 -19.46 34.38
N LYS C 406 0.07 -20.32 34.74
CA LYS C 406 -0.10 -20.77 36.12
C LYS C 406 -0.52 -22.23 36.14
N ILE C 411 -7.97 -18.64 34.28
CA ILE C 411 -7.55 -18.20 32.96
C ILE C 411 -7.75 -16.69 32.80
N TYR C 412 -6.64 -15.99 32.57
CA TYR C 412 -6.66 -14.54 32.43
C TYR C 412 -6.58 -14.19 30.95
N ASP C 413 -7.31 -13.16 30.53
CA ASP C 413 -7.29 -12.71 29.14
C ASP C 413 -6.34 -11.53 28.89
N ASN C 414 -5.62 -11.09 29.92
CA ASN C 414 -4.90 -9.83 29.76
C ASN C 414 -3.56 -9.80 30.51
N ARG C 415 -3.00 -10.98 30.73
CA ARG C 415 -1.70 -11.10 31.38
C ARG C 415 -0.58 -11.30 30.39
N ILE C 416 -0.74 -12.30 29.51
N ILE C 416 -0.74 -12.32 29.53
CA ILE C 416 0.19 -12.56 28.42
CA ILE C 416 0.17 -12.56 28.42
C ILE C 416 -0.61 -12.80 27.16
C ILE C 416 -0.68 -12.75 27.18
N VAL C 417 -0.47 -11.90 26.19
CA VAL C 417 -1.34 -11.85 25.03
C VAL C 417 -0.56 -11.98 23.75
N LEU C 418 -1.11 -12.72 22.79
CA LEU C 418 -0.54 -12.77 21.45
C LEU C 418 -1.56 -12.19 20.45
N ASN C 419 -1.06 -11.47 19.43
CA ASN C 419 -1.86 -11.01 18.30
C ASN C 419 -1.02 -11.20 17.01
N GLY C 420 -1.66 -11.57 15.93
CA GLY C 420 -0.98 -11.52 14.64
C GLY C 420 -1.87 -11.95 13.51
N ILE C 421 -1.60 -11.39 12.34
CA ILE C 421 -2.25 -11.84 11.11
C ILE C 421 -2.20 -13.35 10.97
N ASP C 422 -1.05 -13.94 11.29
CA ASP C 422 -0.88 -15.39 11.17
C ASP C 422 -1.01 -16.20 12.48
N LEU C 423 -1.67 -15.63 13.48
CA LEU C 423 -1.78 -16.27 14.77
C LEU C 423 -2.48 -17.63 14.73
N LYS C 424 -3.51 -17.75 13.90
CA LYS C 424 -4.23 -19.02 13.82
C LYS C 424 -3.33 -20.16 13.35
N ALA C 425 -2.55 -19.90 12.31
CA ALA C 425 -1.57 -20.84 11.77
C ALA C 425 -0.54 -21.27 12.83
N PHE C 426 -0.07 -20.31 13.61
CA PHE C 426 0.84 -20.59 14.70
C PHE C 426 0.20 -21.52 15.75
N LEU C 427 -0.96 -21.13 16.24
CA LEU C 427 -1.70 -21.97 17.17
C LEU C 427 -1.91 -23.38 16.60
N ASP C 428 -2.22 -23.47 15.31
CA ASP C 428 -2.41 -24.77 14.68
C ASP C 428 -1.16 -25.66 14.67
N SER C 429 0.01 -25.06 14.78
CA SER C 429 1.23 -25.85 14.81
C SER C 429 1.49 -26.33 16.24
N LEU C 430 0.65 -25.88 17.17
CA LEU C 430 0.81 -26.22 18.58
C LEU C 430 -0.11 -27.36 19.02
N PRO C 431 0.45 -28.31 19.78
CA PRO C 431 -0.26 -29.51 20.22
C PRO C 431 -1.40 -29.29 21.22
N ASP C 432 -1.19 -28.56 22.30
CA ASP C 432 -2.12 -28.59 23.43
C ASP C 432 -2.96 -27.33 23.66
N VAL C 433 -3.35 -26.67 22.57
CA VAL C 433 -4.12 -25.44 22.65
C VAL C 433 -5.59 -25.67 23.06
N LYS C 434 -6.03 -24.94 24.09
CA LYS C 434 -7.41 -25.00 24.52
C LYS C 434 -8.19 -23.76 24.08
N ILE C 435 -9.43 -23.96 23.67
CA ILE C 435 -10.26 -22.87 23.18
C ILE C 435 -11.35 -22.50 24.18
N VAL C 436 -11.20 -21.35 24.84
CA VAL C 436 -12.21 -20.88 25.77
C VAL C 436 -13.29 -20.10 25.03
N LYS C 437 -14.56 -20.49 25.23
CA LYS C 437 -15.68 -19.84 24.55
C LYS C 437 -16.01 -18.49 25.19
N MET C 438 -16.30 -17.50 24.34
CA MET C 438 -16.62 -16.15 24.80
C MET C 438 -18.12 -15.90 24.76
N LEU C 454 -15.99 -13.99 19.29
CA LEU C 454 -15.49 -15.26 18.78
C LEU C 454 -15.03 -16.19 19.91
N ASN C 455 -13.78 -16.62 19.84
CA ASN C 455 -13.19 -17.46 20.89
C ASN C 455 -11.78 -17.04 21.28
N MET C 456 -11.37 -17.41 22.49
CA MET C 456 -10.02 -17.09 22.93
C MET C 456 -9.20 -18.36 23.12
N PRO C 457 -8.27 -18.61 22.19
CA PRO C 457 -7.35 -19.74 22.34
C PRO C 457 -6.37 -19.51 23.49
N VAL C 458 -6.04 -20.57 24.21
CA VAL C 458 -5.17 -20.48 25.37
C VAL C 458 -4.02 -21.48 25.19
N ILE C 459 -2.79 -20.99 25.27
CA ILE C 459 -1.61 -21.86 25.16
C ILE C 459 -1.12 -22.23 26.56
N PRO C 460 -0.94 -23.53 26.82
CA PRO C 460 -0.53 -24.01 28.15
C PRO C 460 0.91 -23.61 28.53
N MET C 461 1.16 -23.52 29.83
CA MET C 461 2.47 -23.09 30.35
C MET C 461 3.54 -24.16 30.19
N ASN C 462 3.79 -24.55 28.94
CA ASN C 462 4.82 -25.53 28.66
C ASN C 462 6.05 -24.91 27.99
N THR C 463 6.78 -25.74 27.24
CA THR C 463 8.05 -25.36 26.63
C THR C 463 7.96 -24.09 25.78
N ILE C 464 7.04 -24.10 24.82
CA ILE C 464 6.81 -22.92 23.99
C ILE C 464 6.53 -21.68 24.83
N ALA C 465 5.76 -21.83 25.92
CA ALA C 465 5.42 -20.69 26.77
C ALA C 465 6.58 -20.19 27.61
N GLU C 466 7.52 -21.06 27.91
CA GLU C 466 8.69 -20.66 28.68
C GLU C 466 9.61 -19.83 27.80
N ALA C 467 9.78 -20.28 26.56
CA ALA C 467 10.63 -19.60 25.60
C ALA C 467 10.14 -18.18 25.37
N VAL C 468 8.82 -18.01 25.35
CA VAL C 468 8.24 -16.68 25.19
C VAL C 468 8.55 -15.77 26.38
N ILE C 469 8.39 -16.26 27.60
CA ILE C 469 8.65 -15.38 28.74
C ILE C 469 10.13 -15.12 28.94
N GLU C 470 10.95 -16.06 28.49
CA GLU C 470 12.40 -15.87 28.54
C GLU C 470 12.81 -14.71 27.63
N MET C 471 12.23 -14.68 26.44
CA MET C 471 12.46 -13.57 25.52
C MET C 471 12.18 -12.25 26.21
N ILE C 472 10.99 -12.14 26.80
CA ILE C 472 10.57 -10.94 27.50
C ILE C 472 11.55 -10.58 28.62
N ASN C 473 11.81 -11.53 29.51
CA ASN C 473 12.73 -11.28 30.63
C ASN C 473 14.12 -10.81 30.20
N ARG C 474 14.64 -11.40 29.13
CA ARG C 474 15.99 -11.08 28.67
C ARG C 474 16.05 -9.84 27.78
N GLY C 475 14.89 -9.25 27.50
CA GLY C 475 14.86 -8.08 26.63
C GLY C 475 15.18 -8.42 25.18
N GLN C 476 15.12 -9.70 24.83
CA GLN C 476 15.32 -10.13 23.44
C GLN C 476 14.26 -9.56 22.51
N ILE C 477 14.66 -9.27 21.28
CA ILE C 477 13.79 -8.59 20.30
C ILE C 477 12.75 -9.52 19.66
N GLN C 478 13.16 -10.75 19.38
CA GLN C 478 12.27 -11.69 18.71
C GLN C 478 12.84 -13.10 18.84
N ILE C 479 11.98 -14.10 18.65
CA ILE C 479 12.41 -15.48 18.57
C ILE C 479 11.66 -16.15 17.43
N THR C 480 11.94 -17.43 17.21
CA THR C 480 11.27 -18.19 16.18
C THR C 480 10.72 -19.46 16.81
N ILE C 481 9.45 -19.73 16.58
CA ILE C 481 8.85 -20.98 17.07
C ILE C 481 8.07 -21.67 15.96
N ASN C 482 8.49 -22.90 15.63
CA ASN C 482 7.88 -23.64 14.55
C ASN C 482 7.86 -22.83 13.26
N GLY C 483 8.90 -22.04 13.03
CA GLY C 483 9.05 -21.29 11.80
C GLY C 483 8.33 -19.95 11.82
N PHE C 484 7.54 -19.70 12.86
CA PHE C 484 6.84 -18.43 13.02
C PHE C 484 7.68 -17.38 13.75
N SER C 485 7.58 -16.13 13.28
CA SER C 485 8.25 -15.01 13.92
C SER C 485 7.45 -14.54 15.14
N ILE C 486 8.04 -14.63 16.32
CA ILE C 486 7.42 -14.15 17.56
C ILE C 486 8.19 -12.91 18.04
N SER C 487 7.54 -11.75 18.04
CA SER C 487 8.21 -10.49 18.35
C SER C 487 7.92 -9.99 19.76
N ASN C 488 8.94 -9.45 20.42
CA ASN C 488 8.76 -8.71 21.67
C ASN C 488 8.03 -7.40 21.38
N GLY C 489 6.86 -7.22 21.99
CA GLY C 489 6.04 -6.06 21.73
C GLY C 489 6.69 -4.73 22.13
N LEU C 490 7.76 -4.77 22.95
CA LEU C 490 8.46 -3.54 23.33
C LEU C 490 9.47 -3.13 22.28
N ALA C 491 9.65 -3.97 21.26
CA ALA C 491 10.74 -3.78 20.30
C ALA C 491 10.30 -3.51 18.86
N THR C 492 9.04 -3.11 18.67
CA THR C 492 8.51 -2.96 17.32
C THR C 492 9.29 -1.99 16.44
N THR C 493 9.85 -0.93 17.03
CA THR C 493 10.58 0.03 16.19
C THR C 493 11.85 -0.58 15.60
N GLN C 494 12.37 -1.61 16.27
CA GLN C 494 13.57 -2.28 15.81
C GLN C 494 13.26 -3.36 14.76
N ILE C 495 12.00 -3.78 14.69
CA ILE C 495 11.58 -4.84 13.77
C ILE C 495 11.01 -4.25 12.48
N ASN C 496 10.09 -3.30 12.63
CA ASN C 496 9.50 -2.63 11.48
C ASN C 496 8.92 -1.29 11.94
N ASN C 497 9.66 -0.22 11.71
CA ASN C 497 9.25 1.09 12.20
C ASN C 497 7.90 1.56 11.65
N LYS C 498 7.61 1.22 10.40
CA LYS C 498 6.31 1.55 9.82
C LYS C 498 5.15 0.82 10.51
N ALA C 499 5.40 -0.40 10.96
CA ALA C 499 4.38 -1.12 11.72
C ALA C 499 4.19 -0.45 13.09
N ALA C 500 5.28 0.00 13.68
CA ALA C 500 5.22 0.69 14.97
C ALA C 500 4.36 1.96 14.93
N THR C 501 4.45 2.73 13.86
CA THR C 501 3.70 4.00 13.78
C THR C 501 2.30 3.83 13.22
N GLY C 502 1.95 2.62 12.81
CA GLY C 502 0.62 2.36 12.26
C GLY C 502 0.52 2.60 10.75
N GLU C 503 1.65 2.91 10.12
CA GLU C 503 1.69 3.06 8.65
C GLU C 503 1.57 1.75 7.87
N GLU C 504 1.97 0.65 8.51
CA GLU C 504 1.86 -0.70 7.93
C GLU C 504 1.31 -1.65 8.99
N VAL C 505 0.64 -2.72 8.56
CA VAL C 505 0.17 -3.75 9.48
C VAL C 505 1.35 -4.67 9.81
N PRO C 506 1.58 -4.93 11.12
CA PRO C 506 2.70 -5.82 11.47
C PRO C 506 2.57 -7.16 10.73
N ARG C 507 3.71 -7.74 10.34
CA ARG C 507 3.69 -9.01 9.62
C ARG C 507 4.23 -10.17 10.48
N THR C 508 4.53 -9.89 11.74
CA THR C 508 4.92 -10.93 12.69
C THR C 508 3.87 -11.07 13.80
N ILE C 509 4.01 -12.11 14.60
CA ILE C 509 3.15 -12.32 15.76
C ILE C 509 3.80 -11.62 16.95
N ILE C 510 3.00 -10.86 17.69
CA ILE C 510 3.55 -9.97 18.70
C ILE C 510 3.06 -10.40 20.08
N VAL C 511 3.97 -10.35 21.05
N VAL C 511 3.95 -10.32 21.05
CA VAL C 511 3.65 -10.75 22.43
CA VAL C 511 3.62 -10.73 22.40
C VAL C 511 3.57 -9.51 23.30
C VAL C 511 3.57 -9.51 23.30
N THR C 512 2.50 -9.40 24.08
CA THR C 512 2.31 -8.25 24.97
C THR C 512 2.00 -8.79 26.35
N THR C 513 2.66 -8.24 27.38
CA THR C 513 2.51 -8.83 28.71
C THR C 513 2.57 -7.79 29.81
N ARG C 514 1.91 -8.08 30.93
CA ARG C 514 1.95 -7.17 32.05
C ARG C 514 3.39 -6.93 32.53
N SER C 515 4.22 -7.98 32.51
CA SER C 515 5.61 -7.83 32.98
C SER C 515 6.42 -6.82 32.15
N GLN C 516 6.05 -6.61 30.88
CA GLN C 516 6.73 -5.62 30.03
C GLN C 516 6.55 -4.22 30.59
N TYR C 517 5.50 -4.04 31.39
CA TYR C 517 5.18 -2.71 31.87
C TYR C 517 5.23 -2.57 33.39
N GLY C 518 5.61 -3.66 34.07
CA GLY C 518 5.66 -3.67 35.52
C GLY C 518 4.28 -3.68 36.18
N LEU C 519 3.29 -4.18 35.45
N LEU C 519 3.30 -4.18 35.44
CA LEU C 519 1.92 -4.26 35.96
CA LEU C 519 1.95 -4.31 35.96
C LEU C 519 1.68 -5.55 36.75
C LEU C 519 1.90 -5.49 36.93
N PRO C 520 0.96 -5.45 37.89
CA PRO C 520 0.81 -6.64 38.76
C PRO C 520 0.06 -7.77 38.06
N GLU C 521 0.60 -8.99 38.14
CA GLU C 521 -0.06 -10.17 37.58
C GLU C 521 -1.36 -10.56 38.27
N ASP C 522 -1.58 -10.08 39.49
CA ASP C 522 -2.76 -10.53 40.25
C ASP C 522 -3.68 -9.42 40.72
N ALA C 523 -3.74 -8.32 39.99
CA ALA C 523 -4.55 -7.19 40.43
C ALA C 523 -5.36 -6.64 39.27
N ILE C 524 -6.33 -5.80 39.60
CA ILE C 524 -7.14 -5.15 38.59
C ILE C 524 -6.33 -3.94 38.09
N VAL C 525 -6.30 -3.73 36.78
CA VAL C 525 -5.59 -2.60 36.20
C VAL C 525 -6.59 -1.61 35.61
N TYR C 526 -6.70 -0.42 36.20
CA TYR C 526 -7.47 0.66 35.64
C TYR C 526 -6.48 1.54 34.86
N CYS C 527 -6.78 1.86 33.60
CA CYS C 527 -5.84 2.65 32.80
C CYS C 527 -6.43 4.01 32.44
N ASN C 528 -5.56 4.95 32.05
CA ASN C 528 -5.99 6.13 31.33
C ASN C 528 -4.78 6.62 30.53
N PHE C 529 -4.85 6.59 29.20
CA PHE C 529 -3.67 6.84 28.37
C PHE C 529 -3.69 8.22 27.73
N ASN C 530 -4.48 9.12 28.30
CA ASN C 530 -4.53 10.48 27.76
C ASN C 530 -3.31 11.32 28.21
N GLN C 531 -3.08 12.43 27.51
CA GLN C 531 -2.17 13.44 28.04
C GLN C 531 -2.66 13.87 29.41
N LEU C 532 -1.73 14.11 30.32
CA LEU C 532 -2.10 14.39 31.71
C LEU C 532 -2.91 15.68 31.93
N TYR C 533 -2.87 16.60 30.96
CA TYR C 533 -3.58 17.87 31.15
C TYR C 533 -5.10 17.67 31.33
N LYS C 534 -5.60 16.53 30.91
CA LYS C 534 -7.04 16.22 31.01
C LYS C 534 -7.51 15.87 32.41
N ILE C 535 -6.55 15.59 33.30
CA ILE C 535 -6.85 15.28 34.70
CA ILE C 535 -6.95 15.29 34.66
C ILE C 535 -6.95 16.54 35.54
N ASP C 536 -7.86 16.57 36.50
CA ASP C 536 -7.96 17.69 37.44
C ASP C 536 -8.11 17.10 38.84
N PRO C 537 -8.09 17.95 39.89
CA PRO C 537 -8.12 17.43 41.26
C PRO C 537 -9.33 16.54 41.55
N SER C 538 -10.52 16.93 41.09
CA SER C 538 -11.72 16.13 41.33
C SER C 538 -11.60 14.75 40.71
N THR C 539 -10.99 14.70 39.53
CA THR C 539 -10.86 13.44 38.81
C THR C 539 -9.91 12.52 39.57
N LEU C 540 -8.75 13.04 39.97
CA LEU C 540 -7.81 12.17 40.69
C LEU C 540 -8.41 11.69 42.02
N GLN C 541 -9.19 12.55 42.67
CA GLN C 541 -9.85 12.15 43.92
C GLN C 541 -10.83 11.00 43.65
N MET C 542 -11.58 11.11 42.56
CA MET C 542 -12.49 10.02 42.16
C MET C 542 -11.73 8.71 41.99
N TRP C 543 -10.59 8.80 41.30
CA TRP C 543 -9.76 7.64 41.05
C TRP C 543 -9.20 7.09 42.35
N ALA C 544 -8.77 7.98 43.23
CA ALA C 544 -8.24 7.54 44.52
C ALA C 544 -9.30 6.78 45.31
N ASN C 545 -10.54 7.25 45.22
CA ASN C 545 -11.64 6.61 45.94
C ASN C 545 -11.88 5.20 45.43
N ILE C 546 -11.73 5.03 44.12
N ILE C 546 -11.73 5.03 44.12
CA ILE C 546 -11.92 3.74 43.47
CA ILE C 546 -11.88 3.73 43.48
C ILE C 546 -10.80 2.76 43.89
C ILE C 546 -10.80 2.78 43.95
N LEU C 547 -9.55 3.21 43.83
CA LEU C 547 -8.43 2.39 44.23
C LEU C 547 -8.53 1.94 45.69
N LYS C 548 -8.93 2.86 46.57
CA LYS C 548 -9.16 2.53 47.99
C LYS C 548 -10.23 1.46 48.20
N ARG C 549 -11.21 1.40 47.31
CA ARG C 549 -12.30 0.41 47.42
C ARG C 549 -11.96 -0.95 46.81
N VAL C 550 -10.90 -1.01 46.01
CA VAL C 550 -10.55 -2.24 45.29
C VAL C 550 -9.12 -2.61 45.60
N PRO C 551 -8.93 -3.35 46.71
CA PRO C 551 -7.63 -3.70 47.29
C PRO C 551 -6.59 -4.12 46.27
N ASN C 552 -6.94 -5.05 45.38
CA ASN C 552 -5.95 -5.53 44.44
C ASN C 552 -6.11 -4.74 43.17
N SER C 553 -5.64 -3.48 43.17
CA SER C 553 -5.76 -2.65 41.98
C SER C 553 -4.70 -1.54 41.83
N VAL C 554 -4.38 -1.24 40.59
CA VAL C 554 -3.43 -0.20 40.26
C VAL C 554 -4.04 0.73 39.21
N LEU C 555 -3.57 1.97 39.18
CA LEU C 555 -3.96 2.92 38.14
C LEU C 555 -2.77 3.01 37.20
N TRP C 556 -3.01 2.91 35.90
CA TRP C 556 -1.94 2.88 34.89
C TRP C 556 -2.03 4.17 34.07
N LEU C 557 -1.02 5.05 34.20
CA LEU C 557 -0.99 6.33 33.47
C LEU C 557 0.29 6.48 32.67
N LEU C 558 0.37 7.54 31.87
CA LEU C 558 1.53 7.75 30.98
C LEU C 558 2.31 9.01 31.37
N ARG C 559 3.61 8.98 31.10
CA ARG C 559 4.46 10.13 31.27
C ARG C 559 4.21 11.06 30.09
N PHE C 560 3.17 11.87 30.21
CA PHE C 560 2.62 12.57 29.03
C PHE C 560 2.21 13.97 29.46
N PRO C 561 3.18 14.79 29.93
CA PRO C 561 4.62 14.48 29.92
C PRO C 561 5.16 13.93 31.24
N ALA C 562 6.35 13.32 31.16
CA ALA C 562 7.08 12.84 32.33
C ALA C 562 7.09 13.82 33.52
N VAL C 563 7.20 15.12 33.26
CA VAL C 563 7.28 16.09 34.35
C VAL C 563 5.96 16.25 35.11
N GLY C 564 4.90 15.65 34.59
CA GLY C 564 3.65 15.54 35.33
C GLY C 564 3.63 14.42 36.37
N GLU C 565 4.49 13.41 36.19
CA GLU C 565 4.48 12.24 37.08
C GLU C 565 4.65 12.58 38.55
N PRO C 566 5.67 13.39 38.89
CA PRO C 566 5.86 13.64 40.31
C PRO C 566 4.74 14.48 40.93
N ASN C 567 4.03 15.26 40.13
CA ASN C 567 2.91 16.04 40.66
C ASN C 567 1.71 15.14 40.97
N ILE C 568 1.38 14.26 40.03
CA ILE C 568 0.33 13.27 40.25
C ILE C 568 0.65 12.40 41.47
N GLN C 569 1.91 11.99 41.59
CA GLN C 569 2.28 11.10 42.69
C GLN C 569 2.13 11.79 44.05
N GLN C 570 2.56 13.05 44.14
CA GLN C 570 2.42 13.80 45.38
C GLN C 570 0.96 13.94 45.80
N TYR C 571 0.09 14.29 44.86
CA TYR C 571 -1.32 14.45 45.15
C TYR C 571 -1.94 13.10 45.54
N ALA C 572 -1.54 12.04 44.86
CA ALA C 572 -2.00 10.70 45.19
C ALA C 572 -1.58 10.30 46.60
N GLN C 573 -0.32 10.58 46.93
CA GLN C 573 0.21 10.29 48.27
C GLN C 573 -0.56 11.07 49.33
N ASN C 574 -0.85 12.33 49.04
CA ASN C 574 -1.66 13.15 49.94
C ASN C 574 -3.07 12.59 50.12
N MET C 575 -3.54 11.85 49.12
CA MET C 575 -4.87 11.23 49.20
C MET C 575 -4.81 9.89 49.90
N GLY C 576 -3.63 9.51 50.36
CA GLY C 576 -3.46 8.27 51.10
C GLY C 576 -3.20 7.06 50.21
N LEU C 577 -2.77 7.30 48.97
CA LEU C 577 -2.38 6.20 48.10
C LEU C 577 -0.86 6.04 48.08
N PRO C 578 -0.38 4.85 48.45
CA PRO C 578 1.04 4.52 48.34
C PRO C 578 1.54 4.57 46.90
N GLN C 579 2.82 4.88 46.74
CA GLN C 579 3.45 5.00 45.43
C GLN C 579 3.10 3.85 44.49
N ASN C 580 2.95 2.66 45.06
CA ASN C 580 2.74 1.46 44.24
C ASN C 580 1.31 1.23 43.77
N ARG C 581 0.42 2.19 43.99
CA ARG C 581 -0.94 2.07 43.49
C ARG C 581 -1.00 2.67 42.08
N ILE C 582 0.03 3.44 41.73
CA ILE C 582 0.02 4.08 40.42
C ILE C 582 1.26 3.67 39.64
N ILE C 583 1.05 3.14 38.44
CA ILE C 583 2.16 2.73 37.59
C ILE C 583 2.25 3.60 36.34
N PHE C 584 3.42 4.17 36.08
CA PHE C 584 3.62 5.02 34.91
C PHE C 584 4.38 4.31 33.82
N SER C 585 3.94 4.48 32.57
CA SER C 585 4.70 4.00 31.42
C SER C 585 5.06 5.19 30.53
N PRO C 586 6.15 5.06 29.77
CA PRO C 586 6.47 6.04 28.71
C PRO C 586 5.40 5.99 27.63
N VAL C 587 5.18 7.13 26.97
CA VAL C 587 4.38 7.19 25.76
C VAL C 587 5.02 6.24 24.76
N ALA C 588 4.21 5.52 24.00
CA ALA C 588 4.73 4.51 23.09
C ALA C 588 4.36 4.80 21.64
N PRO C 589 5.07 4.16 20.70
CA PRO C 589 4.65 4.24 19.29
C PRO C 589 3.18 3.84 19.15
N LYS C 590 2.53 4.34 18.11
CA LYS C 590 1.09 4.25 17.95
C LYS C 590 0.57 2.81 18.09
N GLU C 591 1.15 1.87 17.37
CA GLU C 591 0.69 0.47 17.42
C GLU C 591 0.80 -0.18 18.80
N GLU C 592 1.94 0.01 19.45
CA GLU C 592 2.17 -0.49 20.80
C GLU C 592 1.20 0.09 21.83
N HIS C 593 0.91 1.38 21.69
CA HIS C 593 -0.05 2.10 22.55
C HIS C 593 -1.43 1.43 22.46
N VAL C 594 -1.88 1.16 21.24
CA VAL C 594 -3.21 0.57 21.06
C VAL C 594 -3.18 -0.87 21.55
N ARG C 595 -2.12 -1.58 21.19
CA ARG C 595 -2.00 -3.01 21.55
C ARG C 595 -1.91 -3.26 23.05
N ARG C 596 -1.18 -2.42 23.78
CA ARG C 596 -1.02 -2.65 25.21
C ARG C 596 -2.29 -2.30 26.03
N GLY C 597 -3.27 -1.64 25.42
CA GLY C 597 -4.57 -1.48 26.06
C GLY C 597 -5.22 -2.81 26.42
N GLN C 598 -4.89 -3.84 25.66
CA GLN C 598 -5.34 -5.20 26.00
C GLN C 598 -4.91 -5.68 27.40
N LEU C 599 -3.92 -5.03 28.00
CA LEU C 599 -3.41 -5.49 29.30
C LEU C 599 -4.26 -4.99 30.46
N ALA C 600 -5.04 -3.95 30.21
CA ALA C 600 -5.82 -3.33 31.28
C ALA C 600 -7.10 -4.11 31.49
N ASP C 601 -7.72 -3.92 32.65
CA ASP C 601 -9.04 -4.49 32.91
C ASP C 601 -10.13 -3.50 32.52
N VAL C 602 -9.93 -2.24 32.88
CA VAL C 602 -10.92 -1.18 32.72
C VAL C 602 -10.19 0.16 32.48
N CYS C 603 -10.74 1.01 31.59
CA CYS C 603 -10.23 2.38 31.40
C CYS C 603 -11.09 3.36 32.18
N LEU C 604 -10.45 4.21 32.98
CA LEU C 604 -11.19 5.26 33.67
C LEU C 604 -11.08 6.59 32.89
N ASP C 605 -12.13 6.96 32.19
CA ASP C 605 -12.09 8.14 31.34
C ASP C 605 -12.09 9.44 32.15
N THR C 606 -11.38 10.44 31.63
CA THR C 606 -11.30 11.76 32.25
C THR C 606 -12.56 12.60 31.97
N PRO C 607 -13.28 13.02 33.03
CA PRO C 607 -14.54 13.76 32.83
C PRO C 607 -14.35 15.19 32.31
N LEU C 608 -13.25 15.83 32.68
CA LEU C 608 -13.01 17.22 32.26
C LEU C 608 -12.98 17.32 30.74
N CYS C 609 -12.17 16.46 30.13
CA CYS C 609 -12.04 16.38 28.68
C CYS C 609 -11.77 14.90 28.42
N ASN C 610 -12.68 14.23 27.72
CA ASN C 610 -12.58 12.78 27.55
C ASN C 610 -11.43 12.39 26.65
N GLY C 611 -11.11 11.09 26.64
CA GLY C 611 -10.35 10.50 25.55
C GLY C 611 -11.19 10.62 24.29
N HIS C 612 -10.59 11.04 23.17
CA HIS C 612 -11.37 11.10 21.94
C HIS C 612 -10.76 10.05 21.04
N THR C 613 -9.67 10.41 20.37
CA THR C 613 -8.89 9.40 19.68
C THR C 613 -8.55 8.28 20.68
N THR C 614 -8.17 8.70 21.88
CA THR C 614 -7.69 7.82 22.93
C THR C 614 -8.76 6.84 23.43
N GLY C 615 -10.00 7.31 23.44
CA GLY C 615 -11.14 6.48 23.72
C GLY C 615 -11.33 5.42 22.65
N MET C 616 -11.27 5.82 21.37
CA MET C 616 -11.34 4.83 20.30
C MET C 616 -10.21 3.80 20.43
N ASP C 617 -9.01 4.28 20.80
CA ASP C 617 -7.86 3.39 20.94
C ASP C 617 -8.14 2.27 21.96
N VAL C 618 -8.67 2.68 23.11
CA VAL C 618 -8.81 1.77 24.23
C VAL C 618 -9.93 0.76 23.95
N LEU C 619 -10.99 1.24 23.32
CA LEU C 619 -12.10 0.36 22.93
C LEU C 619 -11.73 -0.67 21.87
N TRP C 620 -10.81 -0.31 20.96
CA TRP C 620 -10.40 -1.26 19.95
C TRP C 620 -9.71 -2.47 20.59
N ALA C 621 -9.14 -2.25 21.77
CA ALA C 621 -8.45 -3.31 22.51
C ALA C 621 -9.45 -4.17 23.27
N GLY C 622 -10.71 -3.74 23.29
CA GLY C 622 -11.76 -4.48 23.99
C GLY C 622 -11.87 -4.10 25.45
N THR C 623 -11.35 -2.94 25.80
CA THR C 623 -11.28 -2.51 27.19
C THR C 623 -12.45 -1.57 27.49
N PRO C 624 -13.34 -2.00 28.39
CA PRO C 624 -14.44 -1.16 28.88
C PRO C 624 -13.88 0.16 29.39
N MET C 625 -14.56 1.24 29.05
CA MET C 625 -14.19 2.56 29.51
C MET C 625 -15.34 3.09 30.34
N VAL C 626 -15.06 3.55 31.56
CA VAL C 626 -16.08 4.21 32.38
C VAL C 626 -16.03 5.72 32.15
N THR C 627 -17.18 6.34 31.92
CA THR C 627 -17.19 7.77 31.65
C THR C 627 -18.31 8.49 32.39
N MET C 628 -18.10 9.78 32.65
CA MET C 628 -19.12 10.65 33.22
C MET C 628 -19.28 11.85 32.30
N PRO C 629 -20.25 11.81 31.37
CA PRO C 629 -20.38 12.93 30.43
C PRO C 629 -20.74 14.25 31.12
N GLY C 630 -20.14 15.34 30.65
CA GLY C 630 -20.38 16.65 31.23
C GLY C 630 -21.33 17.44 30.35
N GLU C 631 -21.08 18.74 30.22
CA GLU C 631 -21.90 19.56 29.33
C GLU C 631 -21.20 19.98 28.03
N THR C 632 -19.89 20.21 28.09
CA THR C 632 -19.17 20.62 26.86
C THR C 632 -19.07 19.45 25.89
N LEU C 633 -18.94 19.76 24.60
CA LEU C 633 -18.70 18.73 23.61
C LEU C 633 -17.55 17.80 24.03
N ALA C 634 -16.43 18.37 24.46
CA ALA C 634 -15.23 17.57 24.75
C ALA C 634 -15.41 16.60 25.93
N SER C 635 -16.35 16.92 26.80
CA SER C 635 -16.62 16.10 27.99
C SER C 635 -17.68 15.02 27.75
N ARG C 636 -18.22 14.96 26.53
CA ARG C 636 -19.32 14.03 26.23
C ARG C 636 -19.00 13.02 25.11
N VAL C 637 -17.83 13.14 24.51
CA VAL C 637 -17.47 12.29 23.37
C VAL C 637 -17.40 10.80 23.72
N ALA C 638 -16.80 10.49 24.87
CA ALA C 638 -16.67 9.10 25.29
C ALA C 638 -18.06 8.43 25.50
N ALA C 639 -18.98 9.11 26.16
CA ALA C 639 -20.34 8.57 26.31
C ALA C 639 -21.00 8.33 24.96
N SER C 640 -20.69 9.18 23.97
CA SER C 640 -21.26 9.01 22.63
C SER C 640 -20.68 7.73 21.99
N GLN C 641 -19.38 7.52 22.17
CA GLN C 641 -18.72 6.34 21.62
C GLN C 641 -19.33 5.10 22.27
N LEU C 642 -19.55 5.17 23.58
CA LEU C 642 -20.07 4.03 24.34
C LEU C 642 -21.49 3.70 23.97
N THR C 643 -22.25 4.75 23.69
CA THR C 643 -23.65 4.62 23.32
C THR C 643 -23.75 3.94 21.96
N CYS C 644 -22.87 4.33 21.04
CA CYS C 644 -22.85 3.72 19.72
C CYS C 644 -22.45 2.27 19.88
N LEU C 645 -21.48 2.06 20.77
CA LEU C 645 -20.94 0.73 21.01
C LEU C 645 -22.04 -0.17 21.54
N GLY C 646 -22.91 0.42 22.35
CA GLY C 646 -24.03 -0.29 22.94
C GLY C 646 -23.72 -0.71 24.36
N CYS C 647 -23.02 0.15 25.11
CA CYS C 647 -22.66 -0.11 26.49
C CYS C 647 -23.12 1.02 27.39
N LEU C 648 -24.44 1.15 27.53
CA LEU C 648 -25.01 2.22 28.33
C LEU C 648 -24.63 2.12 29.81
N GLU C 649 -24.36 0.90 30.26
CA GLU C 649 -24.02 0.66 31.67
C GLU C 649 -22.68 1.29 32.11
N LEU C 650 -21.91 1.82 31.18
CA LEU C 650 -20.57 2.34 31.48
C LEU C 650 -20.56 3.85 31.56
N ILE C 651 -21.74 4.43 31.38
CA ILE C 651 -21.94 5.86 31.42
C ILE C 651 -22.54 6.30 32.76
N ALA C 652 -21.78 7.10 33.51
CA ALA C 652 -22.17 7.53 34.84
C ALA C 652 -22.85 8.90 34.82
N LYS C 653 -23.92 9.04 35.61
CA LYS C 653 -24.64 10.31 35.73
C LYS C 653 -24.07 11.28 36.73
N ASN C 654 -23.22 10.78 37.63
CA ASN C 654 -22.57 11.62 38.64
C ASN C 654 -21.37 10.87 39.21
N ARG C 655 -20.58 11.53 40.05
CA ARG C 655 -19.34 10.94 40.57
C ARG C 655 -19.53 9.64 41.34
N GLN C 656 -20.57 9.57 42.13
CA GLN C 656 -20.83 8.36 42.89
C GLN C 656 -21.09 7.18 41.97
N GLU C 657 -21.86 7.39 40.90
CA GLU C 657 -22.13 6.30 39.97
C GLU C 657 -20.86 5.92 39.21
N TYR C 658 -20.00 6.90 38.94
CA TYR C 658 -18.75 6.63 38.23
C TYR C 658 -17.92 5.73 39.10
N GLU C 659 -17.78 6.10 40.37
CA GLU C 659 -17.05 5.24 41.31
C GLU C 659 -17.68 3.85 41.44
N ASP C 660 -19.00 3.80 41.57
CA ASP C 660 -19.68 2.55 41.82
C ASP C 660 -19.52 1.61 40.63
N ILE C 661 -19.64 2.18 39.44
CA ILE C 661 -19.45 1.44 38.20
C ILE C 661 -18.03 0.90 38.13
N ALA C 662 -17.05 1.77 38.36
CA ALA C 662 -15.65 1.37 38.38
C ALA C 662 -15.34 0.27 39.41
N VAL C 663 -15.95 0.35 40.58
CA VAL C 663 -15.66 -0.62 41.65
C VAL C 663 -16.34 -1.95 41.37
N LYS C 664 -17.55 -1.91 40.83
CA LYS C 664 -18.24 -3.13 40.44
C LYS C 664 -17.44 -3.90 39.37
N LEU C 665 -16.92 -3.18 38.38
CA LEU C 665 -16.08 -3.81 37.36
C LEU C 665 -14.81 -4.42 37.95
N GLY C 666 -14.29 -3.79 39.00
CA GLY C 666 -13.05 -4.27 39.58
C GLY C 666 -13.23 -5.37 40.62
N THR C 667 -14.47 -5.63 41.01
CA THR C 667 -14.70 -6.59 42.11
C THR C 667 -15.66 -7.69 41.79
N ASP C 668 -16.61 -7.44 40.89
CA ASP C 668 -17.54 -8.49 40.47
C ASP C 668 -16.93 -9.11 39.23
N LEU C 669 -16.10 -10.14 39.40
CA LEU C 669 -15.27 -10.60 38.25
C LEU C 669 -16.12 -11.21 37.11
N GLU C 670 -17.28 -11.76 37.45
CA GLU C 670 -18.16 -12.34 36.44
C GLU C 670 -18.80 -11.24 35.64
N TYR C 671 -19.16 -10.14 36.30
CA TYR C 671 -19.63 -8.96 35.61
C TYR C 671 -18.55 -8.37 34.71
N LEU C 672 -17.33 -8.24 35.24
CA LEU C 672 -16.20 -7.76 34.43
C LEU C 672 -16.07 -8.58 33.15
N LYS C 673 -16.18 -9.90 33.28
CA LYS C 673 -16.00 -10.76 32.11
C LYS C 673 -17.08 -10.51 31.05
N LYS C 674 -18.32 -10.33 31.51
CA LYS C 674 -19.45 -10.07 30.65
C LYS C 674 -19.27 -8.73 29.93
N VAL C 675 -18.92 -7.68 30.67
CA VAL C 675 -18.70 -6.37 30.04
C VAL C 675 -17.51 -6.38 29.04
N ARG C 676 -16.38 -6.93 29.43
CA ARG C 676 -15.25 -7.02 28.48
C ARG C 676 -15.63 -7.79 27.23
N GLY C 677 -16.41 -8.85 27.42
CA GLY C 677 -16.91 -9.64 26.31
C GLY C 677 -17.81 -8.81 25.40
N LYS C 678 -18.71 -8.04 25.98
CA LYS C 678 -19.56 -7.13 25.20
C LYS C 678 -18.75 -6.13 24.36
N VAL C 679 -17.78 -5.48 25.01
CA VAL C 679 -16.88 -4.54 24.31
C VAL C 679 -16.16 -5.25 23.18
N TRP C 680 -15.58 -6.40 23.48
CA TRP C 680 -14.79 -7.17 22.51
C TRP C 680 -15.58 -7.51 21.24
N LYS C 681 -16.82 -7.94 21.43
CA LYS C 681 -17.68 -8.31 20.31
C LYS C 681 -18.19 -7.08 19.58
N GLN C 682 -18.67 -6.11 20.33
CA GLN C 682 -19.36 -4.94 19.75
C GLN C 682 -18.46 -3.94 19.03
N ARG C 683 -17.16 -3.99 19.26
CA ARG C 683 -16.29 -3.08 18.51
C ARG C 683 -16.34 -3.48 17.04
N ILE C 684 -16.78 -4.71 16.77
CA ILE C 684 -16.96 -5.20 15.39
C ILE C 684 -18.41 -5.15 14.90
N SER C 685 -19.34 -5.57 15.75
CA SER C 685 -20.73 -5.69 15.34
C SER C 685 -21.52 -4.38 15.44
N SER C 686 -21.01 -3.42 16.20
CA SER C 686 -21.69 -2.13 16.29
C SER C 686 -21.17 -1.23 15.16
N PRO C 687 -21.75 -0.04 14.99
CA PRO C 687 -21.20 0.84 13.95
C PRO C 687 -19.91 1.57 14.33
N LEU C 688 -19.42 1.42 15.55
CA LEU C 688 -18.38 2.32 16.07
C LEU C 688 -17.14 2.43 15.16
N PHE C 689 -16.62 1.30 14.70
CA PHE C 689 -15.42 1.31 13.86
C PHE C 689 -15.70 0.98 12.40
N ASN C 690 -16.96 1.05 11.99
CA ASN C 690 -17.36 0.70 10.61
C ASN C 690 -17.27 1.91 9.72
N THR C 691 -16.13 2.08 9.05
CA THR C 691 -15.87 3.29 8.28
C THR C 691 -16.73 3.39 7.03
N LYS C 692 -17.13 2.25 6.46
CA LYS C 692 -18.00 2.29 5.29
C LYS C 692 -19.37 2.81 5.68
N GLN C 693 -19.95 2.24 6.74
CA GLN C 693 -21.22 2.70 7.27
C GLN C 693 -21.16 4.18 7.66
N TYR C 694 -20.09 4.57 8.34
CA TYR C 694 -19.91 5.98 8.69
C TYR C 694 -19.93 6.88 7.45
N THR C 695 -19.14 6.52 6.44
CA THR C 695 -19.09 7.31 5.21
C THR C 695 -20.46 7.42 4.56
N MET C 696 -21.21 6.33 4.54
CA MET C 696 -22.54 6.36 3.95
C MET C 696 -23.52 7.26 4.72
N GLU C 697 -23.35 7.33 6.04
CA GLU C 697 -24.25 8.14 6.85
C GLU C 697 -23.86 9.60 6.71
N LEU C 698 -22.57 9.84 6.59
CA LEU C 698 -22.05 11.17 6.30
C LEU C 698 -22.61 11.65 4.96
N GLU C 699 -22.62 10.76 3.97
CA GLU C 699 -23.19 11.11 2.67
C GLU C 699 -24.67 11.47 2.74
N ARG C 700 -25.46 10.71 3.49
CA ARG C 700 -26.87 11.04 3.71
C ARG C 700 -26.99 12.44 4.30
N LEU C 701 -26.17 12.73 5.30
CA LEU C 701 -26.21 14.04 5.95
C LEU C 701 -25.87 15.17 4.97
N TYR C 702 -24.82 14.97 4.17
CA TYR C 702 -24.42 15.94 3.15
C TYR C 702 -25.56 16.26 2.19
N LEU C 703 -26.26 15.22 1.76
CA LEU C 703 -27.38 15.41 0.84
C LEU C 703 -28.53 16.17 1.48
N GLN C 704 -28.78 15.93 2.77
CA GLN C 704 -29.78 16.71 3.50
C GLN C 704 -29.43 18.19 3.51
N MET C 705 -28.17 18.49 3.87
CA MET C 705 -27.66 19.85 3.85
C MET C 705 -27.88 20.47 2.48
N TRP C 706 -27.48 19.75 1.45
CA TRP C 706 -27.58 20.28 0.10
C TRP C 706 -29.01 20.55 -0.34
N GLU C 707 -29.91 19.58 -0.13
CA GLU C 707 -31.28 19.75 -0.56
C GLU C 707 -31.94 20.93 0.16
N HIS C 708 -31.56 21.11 1.42
CA HIS C 708 -32.05 22.24 2.22
C HIS C 708 -31.63 23.56 1.59
N TYR C 709 -30.35 23.67 1.26
CA TYR C 709 -29.82 24.88 0.62
C TYR C 709 -30.37 25.08 -0.79
N ALA C 710 -30.45 23.99 -1.55
CA ALA C 710 -30.93 24.05 -2.93
C ALA C 710 -32.37 24.57 -3.01
N ALA C 711 -33.16 24.26 -1.99
CA ALA C 711 -34.55 24.70 -1.93
C ALA C 711 -34.64 26.15 -1.47
N GLY C 712 -33.49 26.79 -1.24
CA GLY C 712 -33.44 28.20 -0.93
C GLY C 712 -33.49 28.56 0.54
N ASN C 713 -33.23 27.58 1.40
CA ASN C 713 -33.25 27.82 2.85
C ASN C 713 -31.87 28.10 3.42
N LYS C 714 -31.84 28.93 4.46
CA LYS C 714 -30.61 29.11 5.24
C LYS C 714 -30.47 27.90 6.17
N PRO C 715 -29.25 27.67 6.68
CA PRO C 715 -29.05 26.46 7.49
C PRO C 715 -29.98 26.40 8.70
N ASP C 716 -30.48 25.19 8.98
CA ASP C 716 -31.26 24.92 10.17
C ASP C 716 -30.76 23.60 10.73
N HIS C 717 -31.11 23.29 11.98
CA HIS C 717 -30.67 22.05 12.61
C HIS C 717 -31.11 20.83 11.79
N MET C 718 -30.19 19.90 11.59
CA MET C 718 -30.51 18.62 10.94
C MET C 718 -30.43 17.53 11.99
N ILE C 719 -31.52 17.36 12.74
CA ILE C 719 -31.52 16.46 13.89
C ILE C 719 -32.45 15.28 13.69
N LYS C 720 -32.71 14.96 12.42
CA LYS C 720 -33.64 13.89 12.02
C LYS C 720 -34.62 13.49 13.12
N TYR D 1 6.75 9.68 21.35
CA TYR D 1 7.39 8.71 22.25
C TYR D 1 8.89 8.95 22.31
N PRO D 2 9.52 8.61 23.43
CA PRO D 2 10.96 8.89 23.54
C PRO D 2 11.74 8.18 22.43
N GLY D 3 12.51 8.95 21.68
CA GLY D 3 13.24 8.42 20.54
C GLY D 3 12.51 8.58 19.22
N GLY D 4 11.28 9.10 19.28
CA GLY D 4 10.50 9.29 18.07
C GLY D 4 9.60 10.49 18.29
N SER D 5 8.40 10.43 17.74
CA SER D 5 7.45 11.50 17.94
C SER D 5 6.02 10.96 18.01
N THR D 6 5.22 11.57 18.87
CA THR D 6 3.79 11.24 18.97
C THR D 6 3.00 12.51 18.73
N PRO D 7 2.45 12.66 17.52
CA PRO D 7 1.70 13.88 17.21
C PRO D 7 0.39 13.89 17.97
N VAL D 8 -0.04 15.09 18.39
CA VAL D 8 -1.27 15.22 19.14
C VAL D 8 -2.01 16.41 18.60
N SER D 9 -3.28 16.53 18.97
CA SER D 9 -4.07 17.72 18.62
C SER D 9 -3.56 18.87 19.47
N SER D 10 -3.38 20.05 18.89
CA SER D 10 -2.96 21.15 19.74
C SER D 10 -3.45 22.50 19.19
N ALA D 11 -3.36 23.52 20.04
CA ALA D 11 -3.95 24.81 19.71
C ALA D 11 -3.08 25.53 18.68
N ASN D 12 -3.70 26.35 17.83
CA ASN D 12 -2.90 27.19 16.92
C ASN D 12 -2.37 28.42 17.67
N MET D 13 -1.31 29.02 17.15
CA MET D 13 -0.72 30.15 17.85
C MET D 13 -1.65 31.36 17.77
N MET D 14 -1.56 32.23 18.76
CA MET D 14 -2.35 33.46 18.77
C MET D 14 -1.58 34.60 19.43
#